data_3HHW
#
_entry.id   3HHW
#
_cell.length_a   170.602
_cell.length_b   234.520
_cell.length_c   95.050
_cell.angle_alpha   90.00
_cell.angle_beta   90.00
_cell.angle_gamma   90.00
#
_symmetry.space_group_name_H-M   'P 21 21 2'
#
loop_
_entity.id
_entity.type
_entity.pdbx_description
1 polymer Phosphoprotein
2 polymer Nucleoprotein
3 non-polymer 'D(-)-TARTARIC ACID'
#
loop_
_entity_poly.entity_id
_entity_poly.type
_entity_poly.pdbx_seq_one_letter_code
_entity_poly.pdbx_strand_id
1 'polypeptide(L)'
;GSHMVMNTHPYQSEAVSDVWSLSKTS(MSE)TFQPKKASLQPLTISLDELFSSRGEFISVGGNGR(MSE)SHKEAILLGL
RYKKLYNQARVKYSL
;
A,B,C,D,E
2 'polypeptide(L)'
;SVTVKRIIDNTVIVPKLPANEDPVEYPADYFRKSKEIPLYINTTKSLSDLRGYVYQGLKSGNVSIIHVNSYLYGALKDIR
GKLDKDWSSFGINIGKAGDTIGIFDLVSLKALDGVLPDGVSDASRTSADDKWLPLYLLGLYRVGRTQMPEYRKKLMDGLT
NQCKMINEQFEPLVPEGRDIFDVWGNDSNYTKIVAAVDMFFHMFKKHECASFRYGTIVSRFKDCAALATFGHLCKITGMS
TEDVTTWILNREVADEMVQMMLPGQEIDKADSYMPYLIDFGLSSKSPYWSVKNPAFHFWGQLTALLLRSTRARNARQPDD
IEYTSLTTAGLLYAYAVGSSADLAQQFCVGDNKYTPDDSTGGLTTNAPPQGRDVVEWLGWFEDQNRKPTPDMMQYAKRAV
MSLQGLREKTIGKYAKSEFDK
;
K,L,M,N,O
#
# COMPACT_ATOMS: atom_id res chain seq x y z
N ALA A 15 -36.17 31.39 -36.60
CA ALA A 15 -36.31 30.95 -35.18
C ALA A 15 -35.35 31.71 -34.27
N VAL A 16 -35.74 31.88 -33.01
CA VAL A 16 -34.90 32.53 -31.98
C VAL A 16 -33.84 31.56 -31.42
N SER A 17 -32.60 32.02 -31.20
CA SER A 17 -32.16 33.41 -31.38
C SER A 17 -31.77 33.74 -32.83
N ASP A 18 -31.20 34.93 -33.05
CA ASP A 18 -30.93 35.46 -34.39
C ASP A 18 -30.31 34.47 -35.38
N VAL A 19 -29.31 33.71 -34.94
CA VAL A 19 -28.63 32.75 -35.81
C VAL A 19 -29.42 31.45 -36.00
N TRP A 20 -30.32 31.16 -35.06
CA TRP A 20 -31.16 29.95 -35.11
C TRP A 20 -32.01 29.84 -36.37
N SER A 21 -32.17 30.95 -37.08
CA SER A 21 -32.90 30.98 -38.35
C SER A 21 -32.33 29.99 -39.35
N LEU A 22 -31.01 29.80 -39.31
CA LEU A 22 -30.30 28.89 -40.20
C LEU A 22 -30.20 27.48 -39.59
N SER A 23 -31.30 27.02 -39.00
CA SER A 23 -31.37 25.71 -38.35
C SER A 23 -31.35 24.55 -39.34
N LYS A 24 -32.12 24.68 -40.42
CA LYS A 24 -32.31 23.61 -41.39
C LYS A 24 -31.24 23.59 -42.48
N THR A 25 -30.62 24.75 -42.72
CA THR A 25 -29.65 24.91 -43.80
C THR A 25 -28.31 24.24 -43.52
N SER A 26 -27.78 23.56 -44.54
CA SER A 26 -26.58 22.73 -44.40
C SER A 26 -25.32 23.36 -44.98
N THR A 28 -21.36 22.34 -46.26
CA THR A 28 -20.61 21.21 -46.77
C THR A 28 -19.12 21.48 -46.66
N PHE A 29 -18.39 20.53 -46.09
CA PHE A 29 -16.94 20.65 -45.91
C PHE A 29 -16.18 19.69 -46.83
N GLN A 30 -15.20 20.25 -47.55
CA GLN A 30 -14.40 19.49 -48.51
C GLN A 30 -13.54 18.45 -47.79
N PRO A 31 -13.53 17.20 -48.28
CA PRO A 31 -12.70 16.15 -47.69
C PRO A 31 -11.22 16.46 -47.85
N LYS A 32 -10.44 16.23 -46.79
CA LYS A 32 -9.02 16.52 -46.81
C LYS A 32 -8.27 15.39 -47.53
N LYS A 33 -8.87 14.20 -47.53
CA LYS A 33 -8.33 13.05 -48.23
C LYS A 33 -8.74 13.10 -49.70
N ALA A 34 -8.08 12.29 -50.54
CA ALA A 34 -8.35 12.25 -51.98
C ALA A 34 -9.76 11.74 -52.30
N SER A 35 -9.99 10.45 -52.12
CA SER A 35 -11.29 9.83 -52.37
C SER A 35 -12.06 9.61 -51.08
N LEU A 36 -12.88 10.59 -50.73
CA LEU A 36 -13.69 10.56 -49.51
C LEU A 36 -14.96 11.38 -49.71
N GLN A 37 -16.04 10.98 -49.05
CA GLN A 37 -17.33 11.66 -49.18
C GLN A 37 -17.39 12.91 -48.31
N PRO A 38 -17.84 14.05 -48.88
CA PRO A 38 -17.91 15.34 -48.18
C PRO A 38 -18.74 15.30 -46.89
N LEU A 39 -18.46 16.23 -45.98
CA LEU A 39 -19.22 16.36 -44.74
C LEU A 39 -20.32 17.40 -44.88
N THR A 40 -21.56 16.96 -44.89
CA THR A 40 -22.72 17.86 -44.99
C THR A 40 -23.46 17.92 -43.66
N ILE A 41 -23.29 19.02 -42.95
CA ILE A 41 -23.82 19.17 -41.59
C ILE A 41 -24.70 20.41 -41.41
N SER A 42 -25.69 20.30 -40.54
CA SER A 42 -26.60 21.41 -40.19
C SER A 42 -26.73 21.55 -38.67
N LEU A 43 -27.28 22.68 -38.23
CA LEU A 43 -27.46 22.95 -36.80
C LEU A 43 -28.48 22.01 -36.15
N ASP A 44 -29.48 21.59 -36.92
CA ASP A 44 -30.50 20.65 -36.45
C ASP A 44 -29.93 19.27 -36.17
N GLU A 45 -28.87 18.91 -36.88
CA GLU A 45 -28.17 17.64 -36.68
C GLU A 45 -27.31 17.69 -35.43
N LEU A 46 -26.89 18.90 -35.06
CA LEU A 46 -25.95 19.11 -33.95
C LEU A 46 -26.62 19.58 -32.66
N PHE A 47 -27.91 19.94 -32.74
CA PHE A 47 -28.66 20.38 -31.56
C PHE A 47 -30.09 19.87 -31.56
N SER A 48 -30.63 19.68 -30.36
CA SER A 48 -31.95 19.07 -30.18
C SER A 48 -33.12 19.97 -30.57
N SER A 49 -33.16 21.18 -30.02
CA SER A 49 -34.29 22.09 -30.25
C SER A 49 -33.87 23.56 -30.21
N ARG A 50 -33.40 24.01 -29.04
CA ARG A 50 -33.08 25.41 -28.81
C ARG A 50 -32.19 25.57 -27.57
N GLY A 51 -32.56 24.86 -26.51
CA GLY A 51 -31.92 24.98 -25.20
C GLY A 51 -30.47 24.54 -25.16
N GLU A 52 -30.18 23.36 -25.69
CA GLU A 52 -28.83 22.84 -25.76
C GLU A 52 -27.89 23.82 -26.46
N PHE A 53 -28.41 24.48 -27.51
CA PHE A 53 -27.68 25.51 -28.25
C PHE A 53 -27.26 26.67 -27.36
N ILE A 54 -28.17 27.10 -26.48
CA ILE A 54 -27.91 28.21 -25.58
C ILE A 54 -27.11 27.76 -24.35
N SER A 55 -27.34 26.52 -23.90
CA SER A 55 -26.65 25.94 -22.75
C SER A 55 -25.13 25.89 -22.95
N VAL A 56 -24.70 25.44 -24.13
CA VAL A 56 -23.27 25.32 -24.45
C VAL A 56 -22.60 26.67 -24.70
N GLY A 57 -23.38 27.66 -25.14
CA GLY A 57 -22.86 29.02 -25.33
C GLY A 57 -23.05 29.60 -26.72
N GLY A 58 -24.10 29.16 -27.41
CA GLY A 58 -24.39 29.63 -28.76
C GLY A 58 -25.10 30.98 -28.76
N ASN A 59 -24.38 32.02 -29.17
CA ASN A 59 -24.93 33.36 -29.28
C ASN A 59 -25.70 33.55 -30.58
N GLY A 60 -26.67 34.45 -30.58
CA GLY A 60 -27.44 34.78 -31.78
C GLY A 60 -26.64 35.63 -32.75
N ARG A 61 -25.69 36.39 -32.21
CA ARG A 61 -24.82 37.26 -33.00
C ARG A 61 -23.76 36.46 -33.77
N SER A 63 -21.63 33.75 -36.06
CA SER A 63 -21.71 33.36 -37.48
C SER A 63 -22.35 31.99 -37.63
N HIS A 64 -22.80 31.67 -38.84
CA HIS A 64 -23.36 30.35 -39.14
C HIS A 64 -22.28 29.27 -39.04
N LYS A 65 -21.08 29.57 -39.55
CA LYS A 65 -19.93 28.68 -39.42
C LYS A 65 -19.44 28.60 -37.96
N GLU A 66 -19.51 29.74 -37.26
CA GLU A 66 -19.10 29.84 -35.87
C GLU A 66 -19.97 28.99 -34.96
N ALA A 67 -21.24 28.83 -35.33
CA ALA A 67 -22.19 27.99 -34.60
C ALA A 67 -22.11 26.53 -35.02
N ILE A 68 -21.63 26.28 -36.25
CA ILE A 68 -21.36 24.92 -36.72
C ILE A 68 -20.08 24.39 -36.07
N LEU A 69 -19.05 25.23 -36.02
CA LEU A 69 -17.81 24.91 -35.31
C LEU A 69 -18.02 24.67 -33.81
N LEU A 70 -18.88 25.46 -33.19
CA LEU A 70 -19.24 25.25 -31.79
C LEU A 70 -20.22 24.08 -31.65
N GLY A 71 -21.01 23.87 -32.69
CA GLY A 71 -21.96 22.74 -32.74
C GLY A 71 -21.26 21.40 -32.72
N LEU A 72 -20.03 21.39 -33.20
CA LEU A 72 -19.16 20.23 -33.12
C LEU A 72 -18.67 20.02 -31.68
N ARG A 73 -19.62 20.12 -30.74
CA ARG A 73 -19.38 19.76 -29.34
C ARG A 73 -20.41 18.73 -28.91
N TYR A 74 -21.69 18.97 -29.25
CA TYR A 74 -22.78 18.06 -28.90
C TYR A 74 -22.56 16.66 -29.45
N LYS A 75 -21.94 16.60 -30.63
CA LYS A 75 -21.61 15.32 -31.26
C LYS A 75 -20.16 14.90 -30.98
N LYS A 76 -19.40 15.80 -30.33
CA LYS A 76 -18.03 15.54 -29.86
C LYS A 76 -17.09 15.12 -30.99
N LEU A 77 -17.03 15.94 -32.04
CA LEU A 77 -16.27 15.60 -33.23
C LEU A 77 -15.65 16.79 -33.97
N TYR A 78 -15.04 17.71 -33.22
CA TYR A 78 -14.39 18.87 -33.80
C TYR A 78 -12.99 18.54 -34.30
N ASN A 79 -12.16 17.99 -33.41
CA ASN A 79 -10.77 17.64 -33.73
C ASN A 79 -10.66 16.51 -34.76
N GLN A 80 -11.64 15.61 -34.74
CA GLN A 80 -11.73 14.51 -35.70
C GLN A 80 -12.14 15.03 -37.09
N ALA A 81 -12.99 16.06 -37.12
CA ALA A 81 -13.37 16.71 -38.37
C ALA A 81 -12.28 17.64 -38.86
N ARG A 82 -11.55 18.24 -37.92
CA ARG A 82 -10.41 19.12 -38.20
C ARG A 82 -9.30 18.39 -38.96
N VAL A 83 -9.19 17.08 -38.75
CA VAL A 83 -8.15 16.28 -39.37
C VAL A 83 -8.65 15.51 -40.61
N LYS A 84 -9.95 15.21 -40.64
CA LYS A 84 -10.55 14.47 -41.76
C LYS A 84 -11.08 15.38 -42.88
N TYR A 85 -11.54 16.57 -42.51
CA TYR A 85 -12.08 17.53 -43.47
C TYR A 85 -11.36 18.88 -43.40
N SER A 86 -11.55 19.71 -44.42
CA SER A 86 -10.92 21.04 -44.48
C SER A 86 -11.29 21.88 -43.27
N LEU A 87 -12.53 22.38 -43.25
CA LEU A 87 -13.10 23.09 -42.10
C LEU A 87 -12.55 24.51 -41.92
N ALA B 15 -37.63 41.09 -19.67
CA ALA B 15 -37.58 40.06 -18.58
C ALA B 15 -37.31 40.70 -17.22
N VAL B 16 -37.94 40.14 -16.19
CA VAL B 16 -37.74 40.60 -14.80
C VAL B 16 -36.65 39.76 -14.11
N SER B 17 -35.76 40.39 -13.33
CA SER B 17 -35.80 41.82 -13.02
C SER B 17 -34.92 42.68 -13.96
N ASP B 18 -34.42 43.80 -13.43
CA ASP B 18 -33.70 44.80 -14.22
C ASP B 18 -32.39 44.32 -14.85
N VAL B 19 -31.78 43.30 -14.26
CA VAL B 19 -30.53 42.73 -14.78
C VAL B 19 -30.79 41.53 -15.71
N TRP B 20 -32.00 40.98 -15.65
CA TRP B 20 -32.39 39.83 -16.48
C TRP B 20 -32.56 40.16 -17.96
N SER B 21 -32.79 41.43 -18.27
CA SER B 21 -32.93 41.90 -19.65
C SER B 21 -31.59 41.89 -20.40
N LEU B 22 -30.53 41.55 -19.69
CA LEU B 22 -29.19 41.43 -20.26
C LEU B 22 -28.71 39.98 -20.20
N SER B 23 -29.57 39.06 -20.61
CA SER B 23 -29.30 37.63 -20.56
C SER B 23 -28.71 37.07 -21.85
N LYS B 24 -29.07 37.70 -22.97
CA LYS B 24 -28.61 37.25 -24.30
C LYS B 24 -27.34 37.97 -24.75
N THR B 25 -27.08 39.14 -24.17
CA THR B 25 -25.86 39.89 -24.45
C THR B 25 -24.67 39.29 -23.71
N SER B 26 -23.60 39.01 -24.45
CA SER B 26 -22.43 38.30 -23.92
C SER B 26 -21.14 39.13 -24.00
N THR B 28 -17.00 39.40 -24.23
CA THR B 28 -15.85 38.70 -24.78
C THR B 28 -14.60 39.00 -23.94
N PHE B 29 -14.25 38.07 -23.05
CA PHE B 29 -13.09 38.23 -22.17
C PHE B 29 -11.79 37.80 -22.84
N GLN B 30 -10.86 38.76 -22.95
CA GLN B 30 -9.55 38.53 -23.57
C GLN B 30 -8.65 37.74 -22.61
N PRO B 31 -8.04 36.64 -23.12
CA PRO B 31 -7.23 35.75 -22.27
C PRO B 31 -5.90 36.36 -21.85
N LYS B 32 -5.27 35.78 -20.82
CA LYS B 32 -3.97 36.21 -20.35
C LYS B 32 -2.84 35.38 -20.96
N LYS B 33 -3.19 34.16 -21.39
CA LYS B 33 -2.25 33.25 -22.04
C LYS B 33 -2.06 33.64 -23.51
N ALA B 34 -0.84 33.43 -24.02
CA ALA B 34 -0.46 33.88 -25.36
C ALA B 34 -1.27 33.24 -26.49
N SER B 35 -1.27 31.91 -26.56
CA SER B 35 -1.99 31.19 -27.60
C SER B 35 -3.26 30.53 -27.04
N LEU B 36 -4.35 31.29 -27.01
CA LEU B 36 -5.63 30.83 -26.49
C LEU B 36 -6.76 31.75 -26.97
N GLN B 37 -7.91 31.16 -27.31
CA GLN B 37 -9.06 31.91 -27.81
C GLN B 37 -9.90 32.49 -26.67
N PRO B 38 -10.40 33.74 -26.85
CA PRO B 38 -11.24 34.42 -25.85
C PRO B 38 -12.51 33.64 -25.48
N LEU B 39 -12.85 33.66 -24.20
CA LEU B 39 -14.07 33.00 -23.71
C LEU B 39 -15.20 34.02 -23.59
N THR B 40 -16.24 33.83 -24.41
CA THR B 40 -17.40 34.71 -24.42
C THR B 40 -18.46 34.17 -23.46
N ILE B 41 -18.81 34.97 -22.46
CA ILE B 41 -19.72 34.54 -21.39
C ILE B 41 -20.92 35.48 -21.21
N SER B 42 -22.07 34.89 -20.87
CA SER B 42 -23.29 35.66 -20.58
C SER B 42 -24.01 35.08 -19.36
N LEU B 43 -25.07 35.77 -18.93
CA LEU B 43 -25.80 35.41 -17.71
C LEU B 43 -26.68 34.16 -17.83
N ASP B 44 -27.42 34.04 -18.93
CA ASP B 44 -28.36 32.93 -19.12
C ASP B 44 -27.65 31.62 -19.48
N GLU B 45 -26.37 31.72 -19.84
CA GLU B 45 -25.55 30.55 -20.18
C GLU B 45 -25.09 29.82 -18.90
N LEU B 46 -25.21 30.50 -17.77
CA LEU B 46 -24.78 29.98 -16.47
C LEU B 46 -25.96 29.64 -15.55
N PHE B 47 -27.08 30.33 -15.74
CA PHE B 47 -28.27 30.16 -14.90
C PHE B 47 -29.43 29.53 -15.65
N SER B 48 -30.29 28.81 -14.92
CA SER B 48 -31.41 28.10 -15.51
C SER B 48 -32.68 28.95 -15.58
N SER B 49 -33.26 29.27 -14.42
CA SER B 49 -34.51 30.02 -14.35
C SER B 49 -34.56 30.99 -13.16
N ARG B 50 -34.94 30.49 -11.98
CA ARG B 50 -35.10 31.32 -10.78
C ARG B 50 -34.68 30.61 -9.49
N GLY B 51 -34.67 29.28 -9.51
CA GLY B 51 -34.32 28.47 -8.34
C GLY B 51 -32.86 28.50 -7.95
N GLU B 52 -32.00 28.92 -8.88
CA GLU B 52 -30.56 29.00 -8.66
C GLU B 52 -30.03 30.44 -8.80
N PHE B 53 -30.82 31.30 -9.46
CA PHE B 53 -30.42 32.69 -9.71
C PHE B 53 -30.50 33.56 -8.47
N ILE B 54 -31.64 33.51 -7.78
CA ILE B 54 -31.90 34.38 -6.63
C ILE B 54 -31.12 33.95 -5.39
N SER B 55 -30.97 32.63 -5.21
CA SER B 55 -30.31 32.07 -4.02
C SER B 55 -28.78 32.25 -3.99
N VAL B 56 -28.21 32.83 -5.05
CA VAL B 56 -26.77 33.07 -5.11
C VAL B 56 -26.42 34.56 -5.22
N GLY B 57 -27.43 35.39 -5.48
CA GLY B 57 -27.23 36.83 -5.63
C GLY B 57 -28.00 37.42 -6.79
N GLY B 58 -29.30 37.16 -6.81
CA GLY B 58 -30.18 37.65 -7.87
C GLY B 58 -31.10 38.76 -7.38
N ASN B 59 -30.57 39.97 -7.27
CA ASN B 59 -31.33 41.12 -6.81
C ASN B 59 -32.06 41.83 -7.94
N GLY B 60 -31.30 42.32 -8.92
CA GLY B 60 -31.86 43.03 -10.07
C GLY B 60 -31.12 44.33 -10.37
N ARG B 61 -31.04 45.21 -9.37
CA ARG B 61 -30.35 46.49 -9.52
C ARG B 61 -28.83 46.29 -9.51
N SER B 63 -25.06 46.10 -12.21
CA SER B 63 -24.35 46.34 -13.47
C SER B 63 -24.10 45.01 -14.18
N HIS B 64 -23.60 45.08 -15.43
CA HIS B 64 -23.37 43.88 -16.23
C HIS B 64 -22.21 43.03 -15.72
N LYS B 65 -21.12 43.67 -15.31
CA LYS B 65 -19.94 42.96 -14.81
C LYS B 65 -20.14 42.35 -13.42
N GLU B 66 -20.85 43.07 -12.55
CA GLU B 66 -21.10 42.63 -11.18
C GLU B 66 -21.95 41.36 -11.13
N ALA B 67 -22.87 41.25 -12.09
CA ALA B 67 -23.73 40.07 -12.20
C ALA B 67 -23.00 38.89 -12.85
N ILE B 68 -22.07 39.18 -13.76
CA ILE B 68 -21.25 38.16 -14.41
C ILE B 68 -20.22 37.58 -13.44
N LEU B 69 -19.51 38.45 -12.73
CA LEU B 69 -18.47 38.05 -11.78
C LEU B 69 -19.02 37.26 -10.59
N LEU B 70 -20.24 37.58 -10.17
CA LEU B 70 -20.92 36.83 -9.12
C LEU B 70 -21.70 35.65 -9.71
N GLY B 71 -21.77 35.62 -11.05
CA GLY B 71 -22.50 34.59 -11.77
C GLY B 71 -21.79 33.25 -11.89
N LEU B 72 -20.45 33.26 -11.79
CA LEU B 72 -19.67 32.03 -11.89
C LEU B 72 -19.79 31.18 -10.63
N ARG B 73 -20.72 30.22 -10.65
CA ARG B 73 -20.91 29.30 -9.54
C ARG B 73 -21.40 27.92 -10.01
N TYR B 74 -22.43 27.93 -10.84
CA TYR B 74 -23.07 26.70 -11.34
C TYR B 74 -22.10 25.82 -12.15
N LYS B 75 -21.32 26.46 -13.01
CA LYS B 75 -20.35 25.75 -13.85
C LYS B 75 -19.05 25.47 -13.09
N LYS B 76 -18.89 26.13 -11.94
CA LYS B 76 -17.73 25.96 -11.05
C LYS B 76 -16.41 26.34 -11.74
N LEU B 77 -16.31 27.60 -12.16
CA LEU B 77 -15.15 28.07 -12.93
C LEU B 77 -14.74 29.53 -12.64
N TYR B 78 -14.85 29.96 -11.39
CA TYR B 78 -14.54 31.34 -11.03
C TYR B 78 -13.04 31.62 -10.92
N ASN B 79 -12.36 30.93 -10.02
CA ASN B 79 -10.94 31.21 -9.71
C ASN B 79 -9.95 30.79 -10.80
N GLN B 80 -10.35 29.86 -11.68
CA GLN B 80 -9.49 29.44 -12.78
C GLN B 80 -9.56 30.41 -13.97
N ALA B 81 -10.74 30.96 -14.22
CA ALA B 81 -10.91 32.02 -15.23
C ALA B 81 -10.30 33.33 -14.74
N ARG B 82 -10.03 33.40 -13.44
CA ARG B 82 -9.36 34.54 -12.81
C ARG B 82 -7.88 34.60 -13.20
N VAL B 83 -7.28 33.43 -13.41
CA VAL B 83 -5.86 33.33 -13.78
C VAL B 83 -5.65 33.09 -15.28
N LYS B 84 -6.61 32.43 -15.92
CA LYS B 84 -6.55 32.16 -17.36
C LYS B 84 -6.97 33.38 -18.18
N TYR B 85 -8.07 34.01 -17.79
CA TYR B 85 -8.63 35.15 -18.51
C TYR B 85 -8.57 36.43 -17.67
N SER B 86 -8.92 37.56 -18.29
CA SER B 86 -8.88 38.87 -17.63
C SER B 86 -10.08 39.10 -16.69
N LEU B 87 -10.92 38.08 -16.52
CA LEU B 87 -12.09 38.14 -15.65
C LEU B 87 -11.68 38.26 -14.18
N ALA C 15 -44.56 42.26 -2.17
CA ALA C 15 -45.64 41.30 -1.79
C ALA C 15 -46.02 41.44 -0.31
N VAL C 16 -47.00 40.65 0.14
CA VAL C 16 -47.44 40.62 1.53
C VAL C 16 -46.49 39.78 2.41
N SER C 17 -46.23 40.21 3.66
CA SER C 17 -46.87 41.38 4.29
C SER C 17 -46.10 42.68 4.03
N ASP C 18 -46.33 43.68 4.89
CA ASP C 18 -45.79 45.03 4.72
C ASP C 18 -44.29 45.10 4.44
N VAL C 19 -43.51 44.21 5.07
CA VAL C 19 -42.05 44.21 4.92
C VAL C 19 -41.56 43.38 3.72
N TRP C 20 -42.44 42.55 3.16
CA TRP C 20 -42.07 41.65 2.06
C TRP C 20 -41.80 42.34 0.72
N SER C 21 -42.12 43.63 0.63
CA SER C 21 -41.83 44.42 -0.57
C SER C 21 -40.33 44.60 -0.73
N LEU C 22 -39.64 44.77 0.40
CA LEU C 22 -38.21 45.05 0.43
C LEU C 22 -37.36 43.79 0.14
N SER C 23 -38.02 42.66 -0.05
CA SER C 23 -37.35 41.37 -0.22
C SER C 23 -36.38 41.29 -1.40
N LYS C 24 -36.59 42.13 -2.40
CA LYS C 24 -35.75 42.14 -3.59
C LYS C 24 -34.58 43.11 -3.45
N THR C 25 -34.75 44.14 -2.62
CA THR C 25 -33.69 45.11 -2.35
C THR C 25 -32.68 44.54 -1.36
N SER C 26 -31.39 44.72 -1.65
CA SER C 26 -30.33 44.15 -0.86
C SER C 26 -29.79 45.07 0.25
N THR C 28 -26.10 45.68 2.74
CA THR C 28 -24.66 45.43 2.80
C THR C 28 -24.14 45.65 4.22
N PHE C 29 -23.23 44.76 4.64
CA PHE C 29 -22.62 44.85 5.96
C PHE C 29 -21.10 44.93 5.85
N GLN C 30 -20.51 45.88 6.57
CA GLN C 30 -19.08 46.16 6.47
C GLN C 30 -18.26 45.07 7.17
N PRO C 31 -17.22 44.54 6.48
CA PRO C 31 -16.35 43.52 7.07
C PRO C 31 -15.66 44.04 8.31
N LYS C 32 -15.55 43.18 9.32
CA LYS C 32 -14.93 43.56 10.58
C LYS C 32 -13.41 43.48 10.47
N LYS C 33 -12.93 42.50 9.69
CA LYS C 33 -11.51 42.36 9.40
C LYS C 33 -11.11 43.33 8.30
N ALA C 34 -9.87 43.82 8.35
CA ALA C 34 -9.37 44.83 7.42
C ALA C 34 -9.68 44.55 5.95
N SER C 35 -9.12 43.46 5.43
CA SER C 35 -9.31 43.09 4.03
C SER C 35 -10.24 41.88 3.86
N LEU C 36 -11.52 42.16 3.70
CA LEU C 36 -12.54 41.15 3.42
C LEU C 36 -13.63 41.81 2.56
N GLN C 37 -14.40 41.00 1.85
CA GLN C 37 -15.48 41.51 0.99
C GLN C 37 -16.77 41.73 1.79
N PRO C 38 -17.42 42.91 1.61
CA PRO C 38 -18.69 43.20 2.27
C PRO C 38 -19.81 42.29 1.80
N LEU C 39 -20.52 41.68 2.75
CA LEU C 39 -21.58 40.74 2.43
C LEU C 39 -22.86 41.44 1.98
N THR C 40 -23.20 41.22 0.71
CA THR C 40 -24.43 41.75 0.13
C THR C 40 -25.52 40.69 0.23
N ILE C 41 -26.57 40.99 0.99
CA ILE C 41 -27.62 40.00 1.27
C ILE C 41 -29.03 40.60 1.12
N SER C 42 -29.98 39.75 0.77
CA SER C 42 -31.39 40.14 0.63
C SER C 42 -32.33 39.09 1.21
N LEU C 43 -33.56 39.51 1.50
CA LEU C 43 -34.58 38.63 2.11
C LEU C 43 -35.02 37.49 1.19
N ASP C 44 -35.20 37.81 -0.10
CA ASP C 44 -35.62 36.81 -1.10
C ASP C 44 -34.51 35.78 -1.34
N GLU C 45 -33.38 35.97 -0.69
CA GLU C 45 -32.24 35.07 -0.79
C GLU C 45 -32.14 34.17 0.44
N LEU C 46 -32.64 34.67 1.57
CA LEU C 46 -32.67 33.94 2.83
C LEU C 46 -33.98 33.17 3.02
N PHE C 47 -34.99 33.52 2.22
CA PHE C 47 -36.29 32.86 2.29
C PHE C 47 -36.73 32.39 0.91
N SER C 48 -37.54 31.33 0.90
CA SER C 48 -37.96 30.69 -0.34
C SER C 48 -39.22 31.32 -0.94
N SER C 49 -40.20 31.62 -0.09
CA SER C 49 -41.48 32.14 -0.55
C SER C 49 -42.05 33.23 0.37
N ARG C 50 -42.79 32.81 1.39
CA ARG C 50 -43.51 33.73 2.28
C ARG C 50 -43.79 33.07 3.63
N GLY C 51 -44.24 31.81 3.57
CA GLY C 51 -44.59 31.04 4.75
C GLY C 51 -43.43 30.78 5.69
N GLU C 52 -42.26 30.46 5.13
CA GLU C 52 -41.03 30.25 5.89
C GLU C 52 -40.75 31.44 6.81
N PHE C 53 -40.89 32.64 6.28
CA PHE C 53 -40.67 33.89 7.02
C PHE C 53 -41.61 34.04 8.22
N ILE C 54 -42.87 33.68 8.02
CA ILE C 54 -43.88 33.76 9.06
C ILE C 54 -43.76 32.57 10.03
N SER C 55 -43.22 31.46 9.53
CA SER C 55 -43.01 30.26 10.34
C SER C 55 -41.91 30.44 11.38
N VAL C 56 -40.78 31.01 10.95
CA VAL C 56 -39.62 31.22 11.83
C VAL C 56 -39.88 32.28 12.92
N GLY C 57 -40.87 33.14 12.68
CA GLY C 57 -41.22 34.19 13.64
C GLY C 57 -41.18 35.58 13.03
N GLY C 58 -41.80 35.73 11.86
CA GLY C 58 -41.79 37.00 11.14
C GLY C 58 -43.10 37.76 11.18
N ASN C 59 -42.99 39.08 11.12
CA ASN C 59 -44.14 39.98 11.06
C ASN C 59 -43.97 40.99 9.93
N GLY C 60 -45.06 41.64 9.55
CA GLY C 60 -45.04 42.69 8.54
C GLY C 60 -44.55 44.01 9.12
N ARG C 61 -44.80 44.19 10.41
CA ARG C 61 -44.43 45.41 11.14
C ARG C 61 -42.92 45.55 11.33
N SER C 63 -38.86 45.96 10.57
CA SER C 63 -37.97 46.75 9.74
C SER C 63 -37.14 45.84 8.84
N HIS C 64 -36.50 46.43 7.83
CA HIS C 64 -35.74 45.65 6.84
C HIS C 64 -34.56 44.92 7.47
N LYS C 65 -33.84 45.60 8.37
CA LYS C 65 -32.75 44.99 9.14
C LYS C 65 -33.22 43.84 10.02
N GLU C 66 -34.27 44.11 10.81
CA GLU C 66 -34.81 43.15 11.76
C GLU C 66 -35.32 41.89 11.06
N ALA C 67 -35.78 42.07 9.82
CA ALA C 67 -36.19 40.95 8.97
C ALA C 67 -34.98 40.17 8.46
N ILE C 68 -33.93 40.90 8.08
CA ILE C 68 -32.66 40.31 7.61
C ILE C 68 -31.93 39.54 8.73
N LEU C 69 -31.88 40.14 9.92
CA LEU C 69 -31.25 39.53 11.08
C LEU C 69 -31.96 38.24 11.50
N LEU C 70 -33.28 38.23 11.39
CA LEU C 70 -34.08 37.03 11.58
C LEU C 70 -33.82 36.07 10.42
N GLY C 71 -33.60 36.62 9.23
CA GLY C 71 -33.32 35.86 8.03
C GLY C 71 -32.00 35.11 8.04
N LEU C 72 -31.03 35.63 8.80
CA LEU C 72 -29.79 34.89 9.05
C LEU C 72 -30.09 33.71 9.97
N ARG C 73 -30.72 32.70 9.39
CA ARG C 73 -31.11 31.46 10.07
C ARG C 73 -31.47 30.41 9.04
N TYR C 74 -31.40 30.77 7.76
CA TYR C 74 -31.66 29.84 6.65
C TYR C 74 -30.52 28.85 6.49
N LYS C 75 -29.31 29.37 6.32
CA LYS C 75 -28.11 28.54 6.21
C LYS C 75 -27.49 28.34 7.60
N LYS C 76 -28.20 28.83 8.62
CA LYS C 76 -27.72 28.85 10.01
C LYS C 76 -26.38 29.57 10.08
N LEU C 77 -26.42 30.90 9.95
CA LEU C 77 -25.19 31.70 9.92
C LEU C 77 -25.31 33.12 10.48
N TYR C 78 -25.91 33.26 11.65
CA TYR C 78 -26.02 34.56 12.31
C TYR C 78 -24.80 34.91 13.14
N ASN C 79 -24.51 34.09 14.16
CA ASN C 79 -23.38 34.34 15.06
C ASN C 79 -22.02 34.39 14.36
N GLN C 80 -21.90 33.64 13.27
CA GLN C 80 -20.71 33.63 12.44
C GLN C 80 -20.56 34.97 11.70
N ALA C 81 -21.69 35.51 11.24
CA ALA C 81 -21.72 36.84 10.61
C ALA C 81 -21.54 37.95 11.64
N ARG C 82 -22.12 37.73 12.83
CA ARG C 82 -22.05 38.66 13.96
C ARG C 82 -20.61 39.08 14.30
N VAL C 83 -19.70 38.11 14.29
CA VAL C 83 -18.31 38.35 14.66
C VAL C 83 -17.43 38.72 13.45
N LYS C 84 -17.96 38.50 12.24
CA LYS C 84 -17.23 38.76 11.01
C LYS C 84 -17.65 40.04 10.28
N TYR C 85 -18.80 40.61 10.65
CA TYR C 85 -19.33 41.80 9.98
C TYR C 85 -19.83 42.87 10.96
N SER C 86 -19.92 44.10 10.45
CA SER C 86 -20.31 45.31 11.21
C SER C 86 -21.56 45.14 12.08
N LEU C 87 -22.40 44.17 11.74
CA LEU C 87 -23.59 43.80 12.50
C LEU C 87 -23.40 43.98 14.01
N ALA D 15 -60.63 36.52 8.74
CA ALA D 15 -60.63 35.04 8.56
C ALA D 15 -61.62 34.36 9.50
N VAL D 16 -62.03 33.14 9.14
CA VAL D 16 -62.91 32.31 9.97
C VAL D 16 -62.13 31.22 10.71
N SER D 17 -62.42 30.99 11.99
CA SER D 17 -63.49 31.66 12.74
C SER D 17 -63.06 33.01 13.33
N ASP D 18 -63.89 33.55 14.23
CA ASP D 18 -63.70 34.90 14.80
C ASP D 18 -62.30 35.18 15.36
N VAL D 19 -61.66 34.17 15.95
CA VAL D 19 -60.33 34.34 16.54
C VAL D 19 -59.19 34.19 15.52
N TRP D 20 -59.49 33.59 14.36
CA TRP D 20 -58.50 33.40 13.30
C TRP D 20 -58.03 34.69 12.64
N SER D 21 -58.81 35.77 12.79
CA SER D 21 -58.45 37.08 12.25
C SER D 21 -57.28 37.72 13.00
N LEU D 22 -56.87 37.09 14.09
CA LEU D 22 -55.77 37.57 14.93
C LEU D 22 -54.45 36.86 14.61
N SER D 23 -54.43 36.11 13.52
CA SER D 23 -53.28 35.29 13.13
C SER D 23 -52.03 36.10 12.77
N LYS D 24 -52.22 37.28 12.17
CA LYS D 24 -51.11 38.11 11.71
C LYS D 24 -50.46 38.90 12.85
N THR D 25 -51.28 39.39 13.77
CA THR D 25 -50.80 40.19 14.91
C THR D 25 -50.20 39.32 16.02
N SER D 26 -49.13 39.82 16.64
CA SER D 26 -48.35 39.04 17.61
C SER D 26 -48.33 39.63 19.02
N THR D 28 -46.18 40.00 22.67
CA THR D 28 -44.81 40.04 23.17
C THR D 28 -44.79 39.72 24.66
N PHE D 29 -44.02 38.70 25.02
CA PHE D 29 -43.91 38.25 26.41
C PHE D 29 -42.58 38.66 27.04
N GLN D 30 -42.66 39.34 28.18
CA GLN D 30 -41.49 39.84 28.90
C GLN D 30 -40.70 38.69 29.52
N PRO D 31 -39.36 38.70 29.35
CA PRO D 31 -38.51 37.67 29.94
C PRO D 31 -38.41 37.78 31.45
N LYS D 32 -38.40 36.63 32.13
CA LYS D 32 -38.30 36.59 33.59
C LYS D 32 -36.86 36.80 34.04
N LYS D 33 -35.92 36.48 33.16
CA LYS D 33 -34.49 36.67 33.41
C LYS D 33 -34.03 38.00 32.83
N ALA D 34 -33.13 38.67 33.54
CA ALA D 34 -32.69 40.03 33.21
C ALA D 34 -32.18 40.21 31.78
N SER D 35 -31.02 39.62 31.47
CA SER D 35 -30.44 39.70 30.13
C SER D 35 -30.95 38.56 29.24
N LEU D 36 -32.16 38.75 28.70
CA LEU D 36 -32.79 37.79 27.81
C LEU D 36 -33.75 38.53 26.88
N GLN D 37 -33.83 38.09 25.63
CA GLN D 37 -34.67 38.76 24.63
C GLN D 37 -36.13 38.28 24.72
N PRO D 38 -37.09 39.25 24.78
CA PRO D 38 -38.52 38.94 24.90
C PRO D 38 -39.05 38.03 23.79
N LEU D 39 -39.99 37.15 24.15
CA LEU D 39 -40.60 36.23 23.20
C LEU D 39 -41.78 36.87 22.50
N THR D 40 -41.67 37.02 21.18
CA THR D 40 -42.76 37.57 20.37
C THR D 40 -43.40 36.45 19.53
N ILE D 41 -44.63 36.08 19.91
CA ILE D 41 -45.33 34.97 19.29
C ILE D 41 -46.70 35.37 18.73
N SER D 42 -47.06 34.77 17.60
CA SER D 42 -48.35 35.01 16.95
C SER D 42 -49.13 33.71 16.77
N LEU D 43 -50.38 33.82 16.36
CA LEU D 43 -51.24 32.64 16.15
C LEU D 43 -50.91 31.88 14.86
N ASP D 44 -50.34 32.57 13.88
CA ASP D 44 -50.00 31.97 12.60
C ASP D 44 -48.78 31.05 12.70
N GLU D 45 -47.86 31.39 13.62
CA GLU D 45 -46.64 30.60 13.85
C GLU D 45 -46.97 29.28 14.54
N LEU D 46 -47.95 29.33 15.45
CA LEU D 46 -48.29 28.18 16.30
C LEU D 46 -49.25 27.18 15.65
N PHE D 47 -49.88 27.58 14.55
CA PHE D 47 -50.87 26.74 13.88
C PHE D 47 -50.64 26.55 12.39
N SER D 48 -51.10 25.42 11.87
CA SER D 48 -50.89 25.03 10.48
C SER D 48 -51.80 25.79 9.51
N SER D 49 -53.06 25.37 9.41
CA SER D 49 -54.00 25.97 8.47
C SER D 49 -55.43 26.05 9.02
N ARG D 50 -56.08 24.89 9.14
CA ARG D 50 -57.46 24.81 9.64
C ARG D 50 -57.74 23.51 10.38
N GLY D 51 -57.20 22.40 9.88
CA GLY D 51 -57.39 21.08 10.47
C GLY D 51 -56.68 20.93 11.81
N GLU D 52 -55.54 21.61 11.94
CA GLU D 52 -54.76 21.63 13.18
C GLU D 52 -55.43 22.49 14.25
N PHE D 53 -56.04 23.60 13.81
CA PHE D 53 -56.73 24.52 14.71
C PHE D 53 -58.05 23.96 15.22
N ILE D 54 -58.80 23.34 14.33
CA ILE D 54 -60.11 22.75 14.67
C ILE D 54 -59.94 21.26 14.99
N SER D 55 -59.16 20.99 16.04
CA SER D 55 -58.91 19.63 16.55
C SER D 55 -58.32 19.70 17.96
N VAL D 56 -57.63 20.80 18.25
CA VAL D 56 -56.96 21.01 19.53
C VAL D 56 -57.84 21.66 20.60
N GLY D 57 -58.89 22.36 20.16
CA GLY D 57 -59.77 23.09 21.07
C GLY D 57 -59.97 24.54 20.67
N GLY D 58 -59.16 25.01 19.72
CA GLY D 58 -59.27 26.36 19.19
C GLY D 58 -60.50 26.51 18.32
N ASN D 59 -61.33 27.51 18.65
CA ASN D 59 -62.57 27.76 17.93
C ASN D 59 -62.65 29.18 17.38
N GLY D 60 -63.30 30.07 18.12
CA GLY D 60 -63.46 31.47 17.72
C GLY D 60 -63.98 32.33 18.86
N ARG D 61 -64.56 31.67 19.87
CA ARG D 61 -65.14 32.32 21.03
C ARG D 61 -64.06 32.73 22.05
N SER D 63 -60.41 34.17 23.74
CA SER D 63 -59.64 35.42 23.74
C SER D 63 -58.35 35.24 22.96
N HIS D 64 -57.60 36.33 22.79
CA HIS D 64 -56.30 36.26 22.12
C HIS D 64 -55.26 35.56 22.99
N LYS D 65 -55.29 35.82 24.29
CA LYS D 65 -54.41 35.15 25.27
C LYS D 65 -54.73 33.67 25.43
N GLU D 66 -56.02 33.36 25.49
CA GLU D 66 -56.51 31.99 25.67
C GLU D 66 -56.10 31.09 24.50
N ALA D 67 -56.07 31.67 23.30
CA ALA D 67 -55.67 30.95 22.09
C ALA D 67 -54.14 30.85 21.96
N ILE D 68 -53.42 31.83 22.52
CA ILE D 68 -51.96 31.82 22.55
C ILE D 68 -51.44 30.81 23.57
N LEU D 69 -52.05 30.80 24.75
CA LEU D 69 -51.70 29.84 25.81
C LEU D 69 -52.03 28.40 25.42
N LEU D 70 -53.08 28.23 24.61
CA LEU D 70 -53.39 26.93 24.02
C LEU D 70 -52.51 26.67 22.80
N GLY D 71 -52.03 27.75 22.20
CA GLY D 71 -51.17 27.69 21.00
C GLY D 71 -49.83 27.02 21.20
N LEU D 72 -49.37 26.95 22.45
CA LEU D 72 -48.14 26.22 22.78
C LEU D 72 -48.39 24.72 22.74
N ARG D 73 -48.27 24.16 21.53
CA ARG D 73 -48.48 22.73 21.29
C ARG D 73 -47.73 22.26 20.04
N TYR D 74 -47.58 23.16 19.06
CA TYR D 74 -46.97 22.85 17.77
C TYR D 74 -45.53 22.34 17.90
N LYS D 75 -44.74 23.01 18.73
CA LYS D 75 -43.37 22.58 19.02
C LYS D 75 -43.28 21.99 20.43
N LYS D 76 -44.41 21.95 21.12
CA LYS D 76 -44.51 21.50 22.52
C LYS D 76 -43.63 22.35 23.43
N LEU D 77 -44.13 23.55 23.76
CA LEU D 77 -43.34 24.53 24.51
C LEU D 77 -44.17 25.45 25.41
N TYR D 78 -45.00 24.87 26.28
CA TYR D 78 -45.76 25.64 27.24
C TYR D 78 -44.98 25.87 28.54
N ASN D 79 -44.66 24.78 29.24
CA ASN D 79 -43.99 24.85 30.54
C ASN D 79 -42.58 25.41 30.48
N GLN D 80 -41.92 25.23 29.33
CA GLN D 80 -40.59 25.77 29.11
C GLN D 80 -40.62 27.30 29.00
N ALA D 81 -41.67 27.83 28.38
CA ALA D 81 -41.86 29.28 28.24
C ALA D 81 -42.57 29.89 29.45
N ARG D 82 -43.13 29.03 30.30
CA ARG D 82 -43.87 29.45 31.49
C ARG D 82 -42.93 29.99 32.58
N VAL D 83 -41.80 29.32 32.76
CA VAL D 83 -40.84 29.69 33.82
C VAL D 83 -39.71 30.60 33.31
N LYS D 84 -39.56 30.67 31.98
CA LYS D 84 -38.56 31.55 31.35
C LYS D 84 -39.10 32.96 31.10
N TYR D 85 -40.42 33.07 30.94
CA TYR D 85 -41.06 34.34 30.64
C TYR D 85 -42.17 34.69 31.64
N SER D 86 -42.59 35.96 31.65
CA SER D 86 -43.61 36.46 32.56
C SER D 86 -45.01 35.92 32.24
N LEU D 87 -45.06 34.85 31.47
CA LEU D 87 -46.31 34.17 31.12
C LEU D 87 -46.98 33.61 32.37
N ALA E 15 -46.62 17.39 -46.55
CA ALA E 15 -45.75 17.16 -45.36
C ALA E 15 -44.45 17.96 -45.44
N VAL E 16 -43.99 18.46 -44.29
CA VAL E 16 -42.73 19.20 -44.20
C VAL E 16 -41.55 18.24 -43.93
N SER E 17 -40.38 18.50 -44.53
CA SER E 17 -40.13 19.67 -45.39
C SER E 17 -40.30 19.36 -46.88
N ASP E 18 -39.44 19.98 -47.70
CA ASP E 18 -39.55 19.92 -49.17
C ASP E 18 -39.39 18.53 -49.78
N VAL E 19 -38.72 17.63 -49.06
CA VAL E 19 -38.49 16.26 -49.56
C VAL E 19 -39.52 15.25 -49.02
N TRP E 20 -40.24 15.64 -47.97
CA TRP E 20 -41.28 14.78 -47.37
C TRP E 20 -42.56 14.70 -48.21
N SER E 21 -42.57 15.38 -49.35
CA SER E 21 -43.69 15.36 -50.29
C SER E 21 -43.74 14.08 -51.11
N LEU E 22 -42.57 13.45 -51.27
CA LEU E 22 -42.43 12.25 -52.09
C LEU E 22 -42.36 10.98 -51.23
N SER E 23 -43.03 11.01 -50.08
CA SER E 23 -42.97 9.92 -49.10
C SER E 23 -43.96 8.78 -49.37
N LYS E 24 -44.76 8.92 -50.42
CA LYS E 24 -45.79 7.93 -50.74
C LYS E 24 -45.45 7.08 -51.97
N THR E 25 -44.87 7.71 -52.99
CA THR E 25 -44.45 7.00 -54.21
C THR E 25 -43.19 6.19 -53.97
N SER E 26 -43.10 5.03 -54.61
CA SER E 26 -42.01 4.09 -54.39
C SER E 26 -41.09 3.92 -55.60
N THR E 28 -38.36 1.30 -57.82
CA THR E 28 -38.10 -0.10 -58.16
C THR E 28 -36.67 -0.26 -58.65
N PHE E 29 -35.91 -1.11 -57.96
CA PHE E 29 -34.51 -1.38 -58.32
C PHE E 29 -34.35 -2.76 -58.95
N GLN E 30 -33.66 -2.80 -60.08
CA GLN E 30 -33.44 -4.04 -60.84
C GLN E 30 -32.41 -4.93 -60.14
N PRO E 31 -32.76 -6.21 -59.90
CA PRO E 31 -31.86 -7.17 -59.25
C PRO E 31 -30.65 -7.53 -60.12
N LYS E 32 -29.51 -7.80 -59.48
CA LYS E 32 -28.28 -8.13 -60.19
C LYS E 32 -28.16 -9.64 -60.46
N LYS E 33 -28.74 -10.45 -59.58
CA LYS E 33 -28.75 -11.91 -59.74
C LYS E 33 -29.85 -12.32 -60.71
N ALA E 34 -29.61 -13.40 -61.46
CA ALA E 34 -30.50 -13.88 -62.52
C ALA E 34 -31.95 -14.13 -62.07
N SER E 35 -32.11 -14.75 -60.90
CA SER E 35 -33.43 -15.03 -60.34
C SER E 35 -33.60 -14.40 -58.96
N LEU E 36 -34.21 -13.22 -58.95
CA LEU E 36 -34.42 -12.46 -57.71
C LEU E 36 -35.55 -11.45 -57.87
N GLN E 37 -36.31 -11.22 -56.79
CA GLN E 37 -37.37 -10.21 -56.75
C GLN E 37 -36.76 -8.81 -56.67
N PRO E 38 -37.22 -7.88 -57.54
CA PRO E 38 -36.77 -6.48 -57.51
C PRO E 38 -37.14 -5.77 -56.21
N LEU E 39 -36.21 -4.99 -55.67
CA LEU E 39 -36.41 -4.29 -54.40
C LEU E 39 -37.28 -3.04 -54.58
N THR E 40 -38.46 -3.06 -53.95
CA THR E 40 -39.37 -1.91 -53.95
C THR E 40 -39.20 -1.14 -52.64
N ILE E 41 -38.95 0.16 -52.75
CA ILE E 41 -38.67 1.00 -51.59
C ILE E 41 -39.33 2.38 -51.68
N SER E 42 -39.94 2.81 -50.58
CA SER E 42 -40.51 4.15 -50.46
C SER E 42 -39.84 4.91 -49.32
N LEU E 43 -39.99 6.24 -49.31
CA LEU E 43 -39.31 7.11 -48.34
C LEU E 43 -39.73 6.95 -46.88
N ASP E 44 -41.04 6.80 -46.65
CA ASP E 44 -41.57 6.71 -45.29
C ASP E 44 -41.37 5.32 -44.66
N GLU E 45 -40.90 4.37 -45.47
CA GLU E 45 -40.61 3.00 -44.99
C GLU E 45 -39.28 2.95 -44.23
N LEU E 46 -38.46 4.00 -44.38
CA LEU E 46 -37.15 4.08 -43.74
C LEU E 46 -37.07 5.20 -42.70
N PHE E 47 -38.19 5.87 -42.45
CA PHE E 47 -38.23 6.96 -41.45
C PHE E 47 -39.50 6.90 -40.60
N SER E 48 -39.34 7.18 -39.31
CA SER E 48 -40.44 7.14 -38.35
C SER E 48 -41.37 8.35 -38.50
N SER E 49 -40.87 9.53 -38.19
CA SER E 49 -41.64 10.77 -38.29
C SER E 49 -40.74 11.96 -38.62
N ARG E 50 -40.12 12.54 -37.60
CA ARG E 50 -39.17 13.65 -37.78
C ARG E 50 -37.95 13.51 -36.87
N GLY E 51 -38.14 12.87 -35.73
CA GLY E 51 -37.05 12.63 -34.77
C GLY E 51 -35.98 11.70 -35.29
N GLU E 52 -36.41 10.75 -36.13
CA GLU E 52 -35.49 9.83 -36.80
C GLU E 52 -34.89 10.45 -38.05
N PHE E 53 -35.68 11.29 -38.72
CA PHE E 53 -35.27 11.94 -39.98
C PHE E 53 -34.21 13.02 -39.79
N ILE E 54 -34.31 13.77 -38.69
CA ILE E 54 -33.36 14.85 -38.39
C ILE E 54 -32.06 14.33 -37.77
N SER E 55 -32.16 13.22 -37.03
CA SER E 55 -31.00 12.63 -36.37
C SER E 55 -29.99 12.00 -37.34
N VAL E 56 -30.49 11.39 -38.41
CA VAL E 56 -29.65 10.67 -39.37
C VAL E 56 -28.87 11.58 -40.32
N GLY E 57 -29.54 12.60 -40.85
CA GLY E 57 -28.93 13.54 -41.79
C GLY E 57 -29.86 14.00 -42.90
N GLY E 58 -31.16 13.81 -42.69
CA GLY E 58 -32.17 14.20 -43.66
C GLY E 58 -32.48 15.68 -43.63
N ASN E 59 -32.18 16.35 -44.74
CA ASN E 59 -32.48 17.77 -44.91
C ASN E 59 -33.68 17.99 -45.82
N GLY E 60 -34.18 19.23 -45.85
CA GLY E 60 -35.30 19.60 -46.71
C GLY E 60 -34.99 19.50 -48.19
N ARG E 61 -33.79 19.95 -48.56
CA ARG E 61 -33.33 19.91 -49.95
C ARG E 61 -32.62 18.58 -50.26
N SER E 63 -32.74 15.09 -53.33
CA SER E 63 -33.27 14.35 -54.47
C SER E 63 -33.98 13.09 -53.99
N HIS E 64 -34.89 12.56 -54.81
CA HIS E 64 -35.65 11.36 -54.44
C HIS E 64 -34.77 10.11 -54.32
N LYS E 65 -33.72 10.04 -55.14
CA LYS E 65 -32.75 8.95 -55.07
C LYS E 65 -31.79 9.10 -53.89
N GLU E 66 -31.28 10.31 -53.70
CA GLU E 66 -30.34 10.61 -52.63
C GLU E 66 -30.98 10.48 -51.24
N ALA E 67 -32.28 10.76 -51.17
CA ALA E 67 -33.05 10.61 -49.93
C ALA E 67 -33.36 9.14 -49.61
N ILE E 68 -33.37 8.31 -50.65
CA ILE E 68 -33.53 6.86 -50.49
C ILE E 68 -32.18 6.21 -50.14
N LEU E 69 -31.17 6.45 -50.99
CA LEU E 69 -29.83 5.90 -50.81
C LEU E 69 -29.24 6.21 -49.43
N LEU E 70 -29.18 7.50 -49.10
CA LEU E 70 -28.65 7.93 -47.79
C LEU E 70 -29.67 7.66 -46.67
N GLY E 71 -30.91 7.37 -47.05
CA GLY E 71 -31.96 7.01 -46.11
C GLY E 71 -31.94 5.55 -45.69
N LEU E 72 -31.08 4.75 -46.33
CA LEU E 72 -30.86 3.36 -45.93
C LEU E 72 -29.98 3.26 -44.70
N ARG E 73 -30.60 3.42 -43.53
CA ARG E 73 -29.92 3.27 -42.23
C ARG E 73 -30.86 2.67 -41.21
N TYR E 74 -32.14 3.03 -41.30
CA TYR E 74 -33.18 2.52 -40.40
C TYR E 74 -33.30 1.01 -40.47
N LYS E 75 -33.13 0.48 -41.68
CA LYS E 75 -33.15 -0.97 -41.91
C LYS E 75 -31.74 -1.58 -41.92
N LYS E 76 -30.72 -0.71 -41.89
CA LYS E 76 -29.30 -1.12 -41.83
C LYS E 76 -28.89 -1.96 -43.05
N LEU E 77 -29.22 -1.48 -44.25
CA LEU E 77 -28.88 -2.21 -45.48
C LEU E 77 -28.60 -1.30 -46.68
N TYR E 78 -27.40 -0.76 -46.73
CA TYR E 78 -26.96 0.06 -47.86
C TYR E 78 -26.07 -0.75 -48.79
N ASN E 79 -25.03 -1.35 -48.21
CA ASN E 79 -24.04 -2.11 -48.97
C ASN E 79 -24.56 -3.48 -49.41
N GLN E 80 -25.49 -4.02 -48.64
CA GLN E 80 -26.12 -5.29 -48.95
C GLN E 80 -27.08 -5.17 -50.14
N ALA E 81 -27.74 -4.02 -50.25
CA ALA E 81 -28.62 -3.73 -51.37
C ALA E 81 -27.86 -3.18 -52.58
N ARG E 82 -26.59 -2.86 -52.37
CA ARG E 82 -25.72 -2.30 -53.42
C ARG E 82 -25.18 -3.38 -54.36
N VAL E 83 -24.96 -4.58 -53.82
CA VAL E 83 -24.38 -5.68 -54.60
C VAL E 83 -25.43 -6.74 -55.02
N LYS E 84 -26.58 -6.74 -54.35
CA LYS E 84 -27.69 -7.62 -54.71
C LYS E 84 -28.56 -7.01 -55.81
N TYR E 85 -28.65 -5.68 -55.82
CA TYR E 85 -29.45 -4.94 -56.80
C TYR E 85 -28.64 -3.84 -57.47
N SER E 86 -29.13 -3.34 -58.60
CA SER E 86 -28.49 -2.22 -59.29
C SER E 86 -28.91 -0.89 -58.63
N LEU E 87 -28.58 -0.77 -57.36
CA LEU E 87 -28.94 0.40 -56.55
C LEU E 87 -27.92 1.52 -56.72
N SER F 1 18.52 27.42 -16.39
CA SER F 1 17.51 27.76 -17.43
C SER F 1 16.18 28.20 -16.79
N VAL F 2 15.74 27.45 -15.79
CA VAL F 2 14.48 27.73 -15.10
C VAL F 2 14.72 28.18 -13.66
N THR F 3 14.45 29.45 -13.39
CA THR F 3 14.61 30.03 -12.07
C THR F 3 13.39 29.79 -11.19
N VAL F 4 13.62 29.15 -10.05
CA VAL F 4 12.56 28.89 -9.07
C VAL F 4 12.79 29.73 -7.82
N LYS F 5 11.74 30.41 -7.34
CA LYS F 5 11.84 31.22 -6.14
C LYS F 5 10.74 30.91 -5.12
N ARG F 6 11.08 31.05 -3.84
CA ARG F 6 10.11 30.86 -2.75
C ARG F 6 9.29 32.13 -2.55
N ILE F 7 7.98 31.98 -2.66
CA ILE F 7 7.04 33.11 -2.69
C ILE F 7 7.12 34.04 -1.48
N ILE F 8 7.13 33.47 -0.29
CA ILE F 8 7.06 34.28 0.94
C ILE F 8 8.33 35.10 1.23
N ASP F 9 9.43 34.78 0.54
CA ASP F 9 10.72 35.41 0.79
C ASP F 9 11.33 36.09 -0.44
N ASN F 10 10.90 35.68 -1.63
CA ASN F 10 11.56 36.03 -2.89
C ASN F 10 12.96 35.44 -2.99
N THR F 11 13.30 34.54 -2.06
CA THR F 11 14.57 33.82 -2.10
C THR F 11 14.56 32.81 -3.23
N VAL F 12 15.72 32.62 -3.86
CA VAL F 12 15.87 31.65 -4.93
C VAL F 12 16.09 30.25 -4.35
N ILE F 13 15.76 29.22 -5.12
CA ILE F 13 16.02 27.84 -4.75
C ILE F 13 16.39 27.04 -5.99
N VAL F 14 17.39 26.19 -5.89
CA VAL F 14 17.88 25.43 -7.03
C VAL F 14 17.63 23.93 -6.83
N PRO F 15 16.56 23.40 -7.44
CA PRO F 15 16.25 21.98 -7.35
C PRO F 15 17.32 21.13 -8.02
N LYS F 16 17.97 20.27 -7.24
CA LYS F 16 19.07 19.46 -7.72
C LYS F 16 18.88 17.99 -7.40
N LEU F 17 19.41 17.13 -8.28
CA LEU F 17 19.41 15.69 -8.09
C LEU F 17 20.81 15.11 -8.27
N PRO F 18 21.14 14.03 -7.54
CA PRO F 18 22.36 13.27 -7.76
C PRO F 18 22.65 12.97 -9.23
N ALA F 19 21.60 12.91 -10.04
CA ALA F 19 21.70 12.71 -11.49
C ALA F 19 22.81 11.72 -11.91
N ASN F 20 22.65 10.47 -11.50
CA ASN F 20 23.52 9.39 -11.96
C ASN F 20 22.93 8.74 -13.22
N GLU F 21 23.79 8.54 -14.21
CA GLU F 21 23.37 8.00 -15.51
C GLU F 21 24.51 7.31 -16.25
N ASP F 22 24.51 5.98 -16.19
CA ASP F 22 25.46 5.15 -16.94
C ASP F 22 24.92 4.85 -18.34
N PRO F 23 25.73 5.13 -19.38
CA PRO F 23 25.25 4.99 -20.76
C PRO F 23 25.33 3.55 -21.27
N VAL F 24 24.78 3.32 -22.46
CA VAL F 24 24.83 2.01 -23.11
C VAL F 24 26.07 1.86 -24.00
N GLU F 25 26.46 0.63 -24.28
CA GLU F 25 27.63 0.34 -25.09
C GLU F 25 27.26 -0.44 -26.36
N TYR F 26 27.39 0.22 -27.50
CA TYR F 26 27.04 -0.36 -28.80
C TYR F 26 28.11 -1.30 -29.35
N PRO F 27 27.69 -2.37 -30.06
CA PRO F 27 28.64 -3.39 -30.55
C PRO F 27 29.64 -2.85 -31.56
N ALA F 28 29.27 -1.82 -32.32
CA ALA F 28 30.16 -1.19 -33.29
C ALA F 28 31.33 -0.49 -32.60
N ASP F 29 31.05 0.12 -31.45
CA ASP F 29 32.03 0.85 -30.66
C ASP F 29 33.13 -0.03 -30.07
N TYR F 30 32.95 -1.35 -30.14
CA TYR F 30 34.00 -2.30 -29.75
C TYR F 30 35.07 -2.39 -30.84
N PHE F 31 34.63 -2.56 -32.09
CA PHE F 31 35.54 -2.72 -33.23
C PHE F 31 36.15 -1.39 -33.69
N ARG F 32 36.06 -0.38 -32.83
CA ARG F 32 36.73 0.89 -33.02
C ARG F 32 38.13 0.80 -32.43
N LYS F 33 38.29 0.01 -31.37
CA LYS F 33 39.51 -0.03 -30.58
C LYS F 33 40.18 -1.41 -30.58
N SER F 34 39.47 -2.40 -31.11
CA SER F 34 39.97 -3.77 -31.16
C SER F 34 39.53 -4.46 -32.46
N LYS F 35 40.34 -5.39 -32.95
CA LYS F 35 40.03 -6.10 -34.18
C LYS F 35 40.06 -7.63 -33.98
N GLU F 36 40.03 -8.05 -32.73
CA GLU F 36 39.99 -9.47 -32.41
C GLU F 36 39.11 -9.76 -31.19
N ILE F 37 38.54 -10.97 -31.16
CA ILE F 37 37.81 -11.43 -30.00
C ILE F 37 38.64 -12.51 -29.33
N PRO F 38 39.36 -12.14 -28.25
CA PRO F 38 40.31 -13.05 -27.62
C PRO F 38 39.63 -14.17 -26.83
N LEU F 39 40.05 -15.41 -27.09
CA LEU F 39 39.58 -16.57 -26.34
C LEU F 39 40.75 -17.23 -25.61
N TYR F 40 40.86 -16.97 -24.32
CA TYR F 40 41.94 -17.50 -23.50
C TYR F 40 41.65 -18.93 -23.08
N ILE F 41 42.36 -19.87 -23.70
CA ILE F 41 42.14 -21.30 -23.50
C ILE F 41 43.44 -22.03 -23.20
N ASN F 42 43.42 -22.84 -22.14
CA ASN F 42 44.59 -23.64 -21.78
C ASN F 42 44.65 -24.93 -22.58
N THR F 43 45.55 -24.96 -23.57
CA THR F 43 45.81 -26.17 -24.33
C THR F 43 46.47 -27.22 -23.43
N THR F 44 47.80 -27.34 -23.51
CA THR F 44 48.54 -28.38 -22.78
C THR F 44 47.70 -29.66 -22.72
N LYS F 45 47.60 -30.25 -21.52
CA LYS F 45 46.67 -31.33 -21.19
C LYS F 45 46.55 -32.47 -22.22
N SER F 46 45.36 -33.07 -22.31
CA SER F 46 45.06 -34.19 -23.21
C SER F 46 43.55 -34.39 -23.28
N LEU F 47 43.08 -34.96 -24.39
CA LEU F 47 41.65 -35.21 -24.56
C LEU F 47 41.10 -36.14 -23.47
N SER F 48 41.75 -37.28 -23.28
CA SER F 48 41.30 -38.29 -22.30
C SER F 48 41.54 -37.82 -20.86
N ASP F 49 42.63 -37.06 -20.68
CA ASP F 49 42.96 -36.47 -19.38
C ASP F 49 41.86 -35.50 -18.95
N LEU F 50 41.44 -34.62 -19.87
CA LEU F 50 40.39 -33.65 -19.60
C LEU F 50 39.03 -34.35 -19.48
N ARG F 51 38.80 -35.34 -20.32
CA ARG F 51 37.58 -36.13 -20.28
C ARG F 51 37.40 -36.83 -18.91
N GLY F 52 38.51 -37.01 -18.20
CA GLY F 52 38.49 -37.57 -16.85
C GLY F 52 38.23 -36.51 -15.78
N TYR F 53 38.75 -35.31 -16.00
CA TYR F 53 38.56 -34.18 -15.09
C TYR F 53 37.12 -33.67 -15.12
N VAL F 54 36.56 -33.55 -16.32
CA VAL F 54 35.22 -33.01 -16.51
C VAL F 54 34.16 -34.00 -16.05
N TYR F 55 34.36 -35.27 -16.38
CA TYR F 55 33.39 -36.33 -16.07
C TYR F 55 33.20 -36.52 -14.57
N GLN F 56 34.30 -36.43 -13.82
CA GLN F 56 34.26 -36.57 -12.37
C GLN F 56 33.85 -35.25 -11.71
N GLY F 57 34.39 -34.15 -12.25
CA GLY F 57 34.10 -32.81 -11.76
C GLY F 57 32.62 -32.42 -11.81
N LEU F 58 31.91 -32.95 -12.80
CA LEU F 58 30.46 -32.73 -12.89
C LEU F 58 29.72 -33.54 -11.82
N LYS F 59 30.23 -34.74 -11.52
CA LYS F 59 29.61 -35.62 -10.53
C LYS F 59 29.89 -35.15 -9.11
N SER F 60 31.09 -34.62 -8.89
CA SER F 60 31.52 -34.16 -7.58
C SER F 60 31.11 -32.71 -7.30
N GLY F 61 30.64 -32.02 -8.34
CA GLY F 61 30.18 -30.63 -8.24
C GLY F 61 31.26 -29.63 -7.87
N ASN F 62 32.44 -29.77 -8.46
CA ASN F 62 33.55 -28.86 -8.20
C ASN F 62 34.39 -28.58 -9.45
N VAL F 63 33.87 -28.95 -10.62
CA VAL F 63 34.61 -28.85 -11.87
C VAL F 63 35.07 -27.42 -12.17
N SER F 64 36.35 -27.28 -12.50
CA SER F 64 36.90 -26.00 -12.91
C SER F 64 36.37 -25.65 -14.30
N ILE F 65 36.08 -24.37 -14.50
CA ILE F 65 35.63 -23.88 -15.79
C ILE F 65 36.77 -23.93 -16.83
N ILE F 66 38.00 -23.73 -16.37
CA ILE F 66 39.20 -23.86 -17.20
C ILE F 66 39.24 -25.23 -17.89
N HIS F 67 39.02 -26.28 -17.12
CA HIS F 67 39.04 -27.65 -17.63
C HIS F 67 37.91 -27.90 -18.62
N VAL F 68 36.73 -27.37 -18.30
CA VAL F 68 35.56 -27.45 -19.17
C VAL F 68 35.87 -26.78 -20.50
N ASN F 69 36.45 -25.58 -20.44
CA ASN F 69 36.80 -24.80 -21.63
C ASN F 69 37.84 -25.48 -22.52
N SER F 70 38.82 -26.13 -21.89
CA SER F 70 39.87 -26.83 -22.61
C SER F 70 39.33 -28.07 -23.30
N TYR F 71 38.41 -28.74 -22.62
CA TYR F 71 37.78 -29.95 -23.16
C TYR F 71 36.85 -29.67 -24.33
N LEU F 72 36.06 -28.60 -24.23
CA LEU F 72 35.17 -28.17 -25.32
C LEU F 72 35.95 -27.80 -26.56
N TYR F 73 37.07 -27.10 -26.38
CA TYR F 73 37.92 -26.71 -27.50
C TYR F 73 38.48 -27.94 -28.21
N GLY F 74 38.97 -28.91 -27.44
CA GLY F 74 39.51 -30.15 -28.00
C GLY F 74 38.51 -31.00 -28.77
N ALA F 75 37.23 -30.85 -28.48
CA ALA F 75 36.18 -31.67 -29.08
C ALA F 75 35.59 -31.06 -30.34
N LEU F 76 35.57 -29.73 -30.41
CA LEU F 76 34.94 -29.01 -31.53
C LEU F 76 36.00 -28.42 -32.45
N LYS F 77 37.26 -28.75 -32.16
CA LYS F 77 38.45 -28.28 -32.86
C LYS F 77 38.42 -28.47 -34.38
N ASP F 78 37.98 -29.64 -34.82
CA ASP F 78 38.18 -30.08 -36.21
C ASP F 78 36.98 -29.92 -37.14
N ILE F 79 35.86 -29.41 -36.62
CA ILE F 79 34.66 -29.15 -37.41
C ILE F 79 34.92 -28.05 -38.45
N ARG F 80 34.66 -28.36 -39.72
CA ARG F 80 34.92 -27.44 -40.83
C ARG F 80 33.69 -27.20 -41.71
N GLY F 81 33.64 -26.03 -42.35
CA GLY F 81 32.60 -25.71 -43.34
C GLY F 81 33.11 -24.80 -44.44
N LYS F 82 32.70 -25.08 -45.68
CA LYS F 82 33.12 -24.31 -46.86
C LYS F 82 32.16 -23.18 -47.23
N LEU F 83 32.68 -21.95 -47.27
CA LEU F 83 31.89 -20.78 -47.63
C LEU F 83 31.65 -20.68 -49.13
N ASP F 84 30.42 -20.34 -49.49
CA ASP F 84 30.05 -20.06 -50.88
C ASP F 84 30.27 -18.58 -51.15
N LYS F 85 29.78 -17.77 -50.22
CA LYS F 85 29.98 -16.32 -50.25
C LYS F 85 30.98 -15.92 -49.16
N ASP F 86 31.55 -14.73 -49.31
CA ASP F 86 32.47 -14.18 -48.32
C ASP F 86 31.70 -13.75 -47.08
N TRP F 87 32.37 -13.76 -45.93
CA TRP F 87 31.72 -13.52 -44.65
C TRP F 87 32.40 -12.41 -43.85
N SER F 88 31.73 -11.28 -43.76
CA SER F 88 32.21 -10.14 -42.99
C SER F 88 31.25 -9.75 -41.88
N SER F 89 31.82 -9.23 -40.79
CA SER F 89 31.04 -8.65 -39.72
C SER F 89 31.80 -7.48 -39.09
N PHE F 90 31.15 -6.31 -39.06
CA PHE F 90 31.73 -5.09 -38.48
C PHE F 90 33.15 -4.80 -38.97
N GLY F 91 33.37 -4.96 -40.28
CA GLY F 91 34.69 -4.74 -40.88
C GLY F 91 35.57 -5.96 -40.92
N ILE F 92 35.40 -6.87 -39.96
CA ILE F 92 36.21 -8.08 -39.88
C ILE F 92 35.81 -9.07 -40.97
N ASN F 93 36.77 -9.48 -41.79
CA ASN F 93 36.54 -10.48 -42.82
C ASN F 93 36.85 -11.86 -42.27
N ILE F 94 35.84 -12.50 -41.67
CA ILE F 94 35.96 -13.84 -41.08
C ILE F 94 36.47 -14.88 -42.07
N GLY F 95 36.00 -14.79 -43.31
CA GLY F 95 36.41 -15.72 -44.35
C GLY F 95 35.98 -15.29 -45.74
N LYS F 96 36.86 -15.51 -46.72
CA LYS F 96 36.55 -15.21 -48.12
C LYS F 96 35.88 -16.41 -48.77
N ALA F 97 35.19 -16.17 -49.88
CA ALA F 97 34.54 -17.24 -50.65
C ALA F 97 35.55 -18.29 -51.11
N GLY F 98 35.35 -19.52 -50.62
CA GLY F 98 36.25 -20.62 -50.94
C GLY F 98 36.79 -21.28 -49.69
N ASP F 99 37.68 -20.59 -48.99
CA ASP F 99 38.43 -21.16 -47.86
C ASP F 99 37.55 -21.72 -46.74
N THR F 100 37.75 -22.99 -46.44
CA THR F 100 36.98 -23.69 -45.41
C THR F 100 37.47 -23.30 -44.02
N ILE F 101 36.53 -23.09 -43.11
CA ILE F 101 36.87 -22.60 -41.78
C ILE F 101 36.18 -23.39 -40.66
N GLY F 102 36.82 -23.41 -39.49
CA GLY F 102 36.25 -24.07 -38.32
C GLY F 102 35.57 -23.07 -37.40
N ILE F 103 35.05 -23.58 -36.28
CA ILE F 103 34.29 -22.77 -35.33
C ILE F 103 35.10 -21.61 -34.74
N PHE F 104 36.37 -21.87 -34.43
CA PHE F 104 37.17 -20.89 -33.70
C PHE F 104 37.87 -19.87 -34.58
N ASP F 105 37.06 -19.11 -35.33
CA ASP F 105 37.51 -17.92 -36.08
C ASP F 105 38.26 -16.96 -35.16
N LEU F 106 37.59 -16.57 -34.07
CA LEU F 106 38.10 -15.61 -33.11
C LEU F 106 39.51 -15.96 -32.67
N VAL F 107 40.30 -14.95 -32.39
CA VAL F 107 41.72 -15.15 -32.10
C VAL F 107 41.87 -15.86 -30.75
N SER F 108 42.11 -17.16 -30.82
CA SER F 108 42.30 -17.98 -29.64
C SER F 108 43.72 -17.81 -29.09
N LEU F 109 43.83 -17.08 -27.99
CA LEU F 109 45.09 -16.91 -27.28
C LEU F 109 45.17 -17.95 -26.17
N LYS F 110 46.25 -17.93 -25.41
CA LYS F 110 46.48 -18.97 -24.39
C LYS F 110 46.32 -18.45 -22.96
N ALA F 111 45.57 -19.19 -22.14
CA ALA F 111 45.35 -18.85 -20.74
C ALA F 111 46.65 -18.99 -19.92
N LEU F 112 46.69 -18.29 -18.79
CA LEU F 112 47.90 -18.22 -17.94
C LEU F 112 48.43 -19.57 -17.45
N ASP F 113 49.64 -19.55 -16.89
CA ASP F 113 50.35 -20.75 -16.45
C ASP F 113 49.63 -21.52 -15.33
N GLY F 114 50.21 -22.68 -14.98
CA GLY F 114 49.76 -23.53 -13.87
C GLY F 114 48.30 -23.44 -13.47
N VAL F 115 47.46 -24.26 -14.10
CA VAL F 115 46.03 -24.32 -13.78
C VAL F 115 45.81 -24.74 -12.33
N LEU F 116 44.90 -24.05 -11.65
CA LEU F 116 44.71 -24.21 -10.19
C LEU F 116 44.39 -25.63 -9.70
N PRO F 117 43.38 -26.29 -10.31
CA PRO F 117 43.09 -27.66 -9.88
C PRO F 117 44.02 -28.68 -10.55
N ASP F 118 44.60 -29.55 -9.73
CA ASP F 118 45.56 -30.54 -10.21
C ASP F 118 45.14 -31.95 -9.76
N GLY F 119 43.84 -32.21 -9.79
CA GLY F 119 43.31 -33.51 -9.36
C GLY F 119 41.81 -33.69 -9.53
N VAL F 120 41.31 -34.81 -9.00
CA VAL F 120 39.91 -35.25 -9.11
C VAL F 120 39.55 -35.60 -10.56
N SER F 121 39.80 -36.87 -10.90
CA SER F 121 39.66 -37.36 -12.27
C SER F 121 39.10 -38.78 -12.33
N ASP F 122 38.53 -39.14 -13.48
CA ASP F 122 38.07 -40.50 -13.74
C ASP F 122 38.75 -41.02 -15.01
N ALA F 123 39.98 -41.51 -14.84
CA ALA F 123 40.85 -41.90 -15.95
C ALA F 123 40.33 -43.10 -16.76
N SER F 124 39.58 -43.97 -16.12
CA SER F 124 39.04 -45.16 -16.77
C SER F 124 37.76 -44.83 -17.55
N ARG F 125 37.92 -44.08 -18.64
CA ARG F 125 36.79 -43.63 -19.47
C ARG F 125 37.06 -43.75 -20.96
N THR F 126 36.11 -44.34 -21.68
CA THR F 126 36.22 -44.60 -23.12
C THR F 126 36.11 -43.33 -23.97
N SER F 127 35.98 -43.48 -25.28
CA SER F 127 35.86 -42.34 -26.21
C SER F 127 34.43 -41.88 -26.47
N ALA F 128 33.62 -41.83 -25.41
CA ALA F 128 32.24 -41.34 -25.51
C ALA F 128 32.17 -39.81 -25.44
N ASP F 129 33.29 -39.15 -25.73
CA ASP F 129 33.38 -37.69 -25.68
C ASP F 129 32.56 -37.03 -26.79
N ASP F 130 33.12 -36.96 -27.98
CA ASP F 130 32.51 -36.26 -29.12
C ASP F 130 31.05 -36.64 -29.35
N LYS F 131 30.62 -37.74 -28.71
CA LYS F 131 29.28 -38.29 -28.86
C LYS F 131 28.22 -37.50 -28.10
N TRP F 132 28.44 -37.24 -26.80
CA TRP F 132 27.40 -36.62 -25.98
C TRP F 132 27.82 -35.58 -24.94
N LEU F 133 29.06 -35.69 -24.44
CA LEU F 133 29.53 -34.82 -23.35
C LEU F 133 29.64 -33.32 -23.69
N PRO F 134 30.13 -32.96 -24.90
CA PRO F 134 30.21 -31.53 -25.23
C PRO F 134 28.84 -30.88 -25.37
N LEU F 135 27.89 -31.57 -26.02
CA LEU F 135 26.52 -31.06 -26.16
C LEU F 135 25.90 -30.81 -24.79
N TYR F 136 26.24 -31.66 -23.83
CA TYR F 136 25.77 -31.55 -22.45
C TYR F 136 26.33 -30.29 -21.78
N LEU F 137 27.62 -30.05 -21.97
CA LEU F 137 28.27 -28.89 -21.39
C LEU F 137 27.85 -27.56 -22.04
N LEU F 138 27.53 -27.60 -23.34
CA LEU F 138 27.05 -26.43 -24.07
C LEU F 138 25.63 -26.06 -23.64
N GLY F 139 24.84 -27.08 -23.30
CA GLY F 139 23.46 -26.91 -22.85
C GLY F 139 23.32 -26.46 -21.41
N LEU F 140 24.39 -26.59 -20.62
CA LEU F 140 24.36 -26.16 -19.21
C LEU F 140 24.46 -24.64 -19.06
N TYR F 141 24.73 -23.97 -20.19
CA TYR F 141 24.54 -22.54 -20.32
C TYR F 141 23.02 -22.29 -20.29
N ARG F 142 22.29 -23.10 -21.05
CA ARG F 142 20.84 -23.02 -21.18
C ARG F 142 20.13 -23.45 -19.89
N VAL F 143 20.55 -24.59 -19.34
CA VAL F 143 19.95 -25.16 -18.11
C VAL F 143 20.30 -24.33 -16.87
N GLY F 144 21.54 -23.83 -16.81
CA GLY F 144 22.04 -23.09 -15.65
C GLY F 144 21.79 -21.60 -15.67
N ARG F 145 20.52 -21.21 -15.75
CA ARG F 145 20.11 -19.80 -15.61
C ARG F 145 18.59 -19.64 -15.40
N THR F 146 17.84 -20.71 -15.68
CA THR F 146 16.39 -20.72 -15.44
C THR F 146 16.09 -20.74 -13.93
N GLN F 147 15.31 -19.78 -13.48
CA GLN F 147 15.06 -19.57 -12.05
C GLN F 147 13.78 -20.25 -11.57
N MET F 148 12.82 -20.41 -12.47
CA MET F 148 11.56 -21.09 -12.18
C MET F 148 11.78 -22.60 -12.05
N PRO F 149 10.97 -23.28 -11.20
CA PRO F 149 11.08 -24.73 -11.00
C PRO F 149 10.93 -25.53 -12.30
N GLU F 150 12.01 -25.61 -13.07
CA GLU F 150 12.05 -26.30 -14.35
C GLU F 150 13.49 -26.66 -14.70
N TYR F 151 14.04 -27.64 -13.98
CA TYR F 151 15.39 -28.14 -14.23
C TYR F 151 15.37 -29.56 -14.77
N ARG F 152 14.24 -30.25 -14.57
CA ARG F 152 14.04 -31.62 -15.04
C ARG F 152 13.64 -31.66 -16.53
N LYS F 153 12.95 -30.60 -16.97
CA LYS F 153 12.48 -30.50 -18.35
C LYS F 153 13.60 -30.16 -19.33
N LYS F 154 14.36 -29.10 -19.02
CA LYS F 154 15.42 -28.61 -19.91
C LYS F 154 16.67 -29.50 -19.90
N LEU F 155 16.72 -30.46 -18.97
CA LEU F 155 17.85 -31.38 -18.88
C LEU F 155 17.52 -32.73 -19.53
N MET F 156 16.27 -33.17 -19.37
CA MET F 156 15.76 -34.41 -20.00
C MET F 156 15.77 -34.30 -21.53
N ASP F 157 15.44 -33.11 -22.04
CA ASP F 157 15.42 -32.84 -23.48
C ASP F 157 16.83 -32.87 -24.09
N GLY F 158 17.81 -32.41 -23.33
CA GLY F 158 19.21 -32.44 -23.76
C GLY F 158 19.85 -33.80 -23.62
N LEU F 159 19.32 -34.61 -22.70
CA LEU F 159 19.80 -35.98 -22.49
C LEU F 159 19.17 -36.98 -23.46
N THR F 160 18.35 -36.47 -24.38
CA THR F 160 17.76 -37.30 -25.44
C THR F 160 18.82 -37.67 -26.48
N ASN F 161 19.72 -36.73 -26.77
CA ASN F 161 20.83 -36.94 -27.70
C ASN F 161 21.95 -37.79 -27.12
N GLN F 162 21.94 -37.93 -25.79
CA GLN F 162 22.83 -38.84 -25.07
C GLN F 162 22.45 -40.28 -25.36
N CYS F 163 21.16 -40.50 -25.60
CA CYS F 163 20.62 -41.81 -25.97
C CYS F 163 20.72 -42.04 -27.48
N LYS F 164 20.85 -40.95 -28.24
CA LYS F 164 20.88 -41.00 -29.70
C LYS F 164 22.26 -41.28 -30.28
N MET F 165 23.30 -41.17 -29.45
CA MET F 165 24.67 -41.35 -29.91
C MET F 165 25.32 -42.62 -29.34
N ILE F 166 25.25 -42.79 -28.02
CA ILE F 166 25.75 -44.01 -27.36
C ILE F 166 24.86 -44.37 -26.13
N ASN F 167 25.44 -45.00 -25.11
CA ASN F 167 24.70 -45.42 -23.91
C ASN F 167 23.97 -44.28 -23.20
N GLU F 168 22.82 -44.60 -22.61
CA GLU F 168 21.98 -43.62 -21.92
C GLU F 168 22.52 -43.33 -20.52
N GLN F 169 23.07 -42.13 -20.35
CA GLN F 169 23.66 -41.73 -19.06
C GLN F 169 23.30 -40.31 -18.63
N PHE F 170 23.09 -40.15 -17.33
CA PHE F 170 22.79 -38.85 -16.72
C PHE F 170 23.97 -38.43 -15.83
N GLU F 171 24.09 -37.13 -15.59
CA GLU F 171 25.16 -36.59 -14.73
C GLU F 171 24.73 -35.53 -13.70
N PRO F 172 23.46 -35.07 -13.75
CA PRO F 172 23.12 -33.95 -12.88
C PRO F 172 22.91 -34.34 -11.41
N LEU F 173 23.00 -33.35 -10.53
CA LEU F 173 22.74 -33.54 -9.10
C LEU F 173 21.49 -32.77 -8.69
N VAL F 174 20.77 -33.28 -7.70
CA VAL F 174 19.52 -32.69 -7.24
C VAL F 174 19.73 -31.33 -6.51
N PRO F 175 20.56 -31.29 -5.45
CA PRO F 175 20.73 -30.02 -4.74
C PRO F 175 21.83 -29.11 -5.31
N GLU F 176 23.09 -29.54 -5.22
CA GLU F 176 24.25 -28.72 -5.59
C GLU F 176 24.45 -28.55 -7.10
N GLY F 177 24.10 -29.59 -7.86
CA GLY F 177 24.36 -29.64 -9.31
C GLY F 177 23.79 -28.46 -10.08
N ARG F 178 22.47 -28.30 -10.03
CA ARG F 178 21.75 -27.25 -10.76
C ARG F 178 22.34 -25.84 -10.58
N ASP F 179 23.10 -25.66 -9.50
CA ASP F 179 23.61 -24.35 -9.11
C ASP F 179 24.95 -23.98 -9.76
N ILE F 180 25.90 -24.91 -9.71
CA ILE F 180 27.29 -24.63 -10.10
C ILE F 180 27.51 -24.21 -11.55
N PHE F 181 26.55 -24.53 -12.42
CA PHE F 181 26.66 -24.21 -13.84
C PHE F 181 26.33 -22.74 -14.14
N ASP F 182 25.66 -22.08 -13.19
CA ASP F 182 25.25 -20.67 -13.34
C ASP F 182 26.43 -19.71 -13.30
N VAL F 183 27.48 -20.11 -12.57
CA VAL F 183 28.71 -19.32 -12.43
C VAL F 183 29.52 -19.29 -13.74
N TRP F 184 29.29 -20.30 -14.57
CA TRP F 184 29.93 -20.42 -15.89
C TRP F 184 29.65 -19.20 -16.76
N GLY F 185 28.45 -18.65 -16.64
CA GLY F 185 28.03 -17.46 -17.38
C GLY F 185 28.77 -16.20 -16.98
N ASN F 186 29.62 -16.30 -15.96
CA ASN F 186 30.50 -15.21 -15.57
C ASN F 186 31.91 -15.37 -16.12
N ASP F 187 32.25 -16.60 -16.54
CA ASP F 187 33.51 -16.87 -17.21
C ASP F 187 33.46 -16.41 -18.66
N SER F 188 34.24 -15.37 -18.98
CA SER F 188 34.25 -14.75 -20.29
C SER F 188 34.56 -15.71 -21.44
N ASN F 189 35.38 -16.72 -21.15
CA ASN F 189 35.84 -17.66 -22.18
C ASN F 189 34.79 -18.69 -22.57
N TYR F 190 34.16 -19.31 -21.57
CA TYR F 190 33.07 -20.25 -21.82
C TYR F 190 31.96 -19.57 -22.62
N THR F 191 31.63 -18.34 -22.21
CA THR F 191 30.60 -17.53 -22.86
C THR F 191 30.95 -17.27 -24.33
N LYS F 192 32.22 -17.04 -24.62
CA LYS F 192 32.70 -16.84 -25.97
C LYS F 192 32.58 -18.11 -26.82
N ILE F 193 32.95 -19.24 -26.22
CA ILE F 193 32.84 -20.56 -26.87
C ILE F 193 31.39 -20.85 -27.31
N VAL F 194 30.46 -20.61 -26.41
CA VAL F 194 29.04 -20.89 -26.65
C VAL F 194 28.50 -20.07 -27.81
N ALA F 195 28.78 -18.77 -27.80
CA ALA F 195 28.33 -17.85 -28.84
C ALA F 195 28.98 -18.14 -30.19
N ALA F 196 30.22 -18.64 -30.15
CA ALA F 196 30.96 -19.02 -31.36
C ALA F 196 30.36 -20.25 -32.06
N VAL F 197 30.03 -21.28 -31.28
CA VAL F 197 29.39 -22.47 -31.84
C VAL F 197 28.07 -22.11 -32.52
N ASP F 198 27.28 -21.28 -31.84
CA ASP F 198 25.98 -20.85 -32.33
C ASP F 198 26.08 -20.05 -33.63
N MET F 199 26.93 -19.03 -33.62
CA MET F 199 27.13 -18.19 -34.80
C MET F 199 27.55 -19.02 -36.00
N PHE F 200 28.47 -19.96 -35.76
CA PHE F 200 29.00 -20.85 -36.79
C PHE F 200 27.90 -21.70 -37.43
N PHE F 201 27.10 -22.37 -36.62
CA PHE F 201 26.09 -23.27 -37.15
C PHE F 201 24.84 -22.55 -37.65
N HIS F 202 24.70 -21.27 -37.31
CA HIS F 202 23.64 -20.46 -37.92
C HIS F 202 23.97 -20.14 -39.37
N MET F 203 25.27 -20.05 -39.66
CA MET F 203 25.76 -19.87 -41.01
C MET F 203 25.67 -21.19 -41.76
N PHE F 204 26.22 -22.24 -41.16
CA PHE F 204 26.24 -23.58 -41.76
C PHE F 204 25.05 -24.39 -41.25
N LYS F 205 23.87 -24.02 -41.72
CA LYS F 205 22.61 -24.61 -41.27
C LYS F 205 22.51 -26.08 -41.65
N LYS F 206 22.96 -26.39 -42.87
CA LYS F 206 22.86 -27.75 -43.43
C LYS F 206 24.10 -28.61 -43.15
N HIS F 207 24.86 -28.24 -42.13
CA HIS F 207 26.04 -29.01 -41.72
C HIS F 207 25.58 -30.22 -40.93
N GLU F 208 26.26 -31.36 -41.13
CA GLU F 208 25.90 -32.62 -40.49
C GLU F 208 25.96 -32.57 -38.96
N CYS F 209 26.59 -31.53 -38.42
CA CYS F 209 26.76 -31.36 -36.98
C CYS F 209 26.02 -30.14 -36.43
N ALA F 210 25.05 -29.63 -37.19
CA ALA F 210 24.29 -28.44 -36.81
C ALA F 210 23.46 -28.62 -35.53
N SER F 211 23.25 -29.87 -35.12
CA SER F 211 22.45 -30.16 -33.94
C SER F 211 23.14 -29.81 -32.61
N PHE F 212 24.39 -29.33 -32.68
CA PHE F 212 25.08 -28.76 -31.52
C PHE F 212 24.34 -27.51 -31.06
N ARG F 213 23.59 -26.92 -31.98
CA ARG F 213 22.80 -25.72 -31.72
C ARG F 213 21.64 -25.95 -30.74
N TYR F 214 21.32 -27.22 -30.47
CA TYR F 214 20.27 -27.57 -29.51
C TYR F 214 20.56 -27.08 -28.08
N GLY F 215 21.83 -27.01 -27.73
CA GLY F 215 22.22 -26.54 -26.41
C GLY F 215 22.69 -25.11 -26.39
N THR F 216 22.87 -24.52 -27.57
CA THR F 216 23.53 -23.22 -27.68
C THR F 216 22.67 -22.09 -28.29
N ILE F 217 21.48 -22.44 -28.77
CA ILE F 217 20.56 -21.49 -29.42
C ILE F 217 20.12 -20.34 -28.51
N VAL F 218 19.90 -20.63 -27.23
CA VAL F 218 19.46 -19.64 -26.24
C VAL F 218 20.40 -18.43 -26.16
N SER F 219 21.60 -18.59 -26.69
CA SER F 219 22.57 -17.50 -26.78
C SER F 219 22.08 -16.39 -27.70
N ARG F 220 21.57 -16.76 -28.88
CA ARG F 220 21.23 -15.80 -29.93
C ARG F 220 20.12 -14.84 -29.50
N PHE F 221 20.48 -13.56 -29.41
CA PHE F 221 19.57 -12.47 -29.05
C PHE F 221 19.19 -12.36 -27.56
N LYS F 222 19.78 -13.22 -26.73
CA LYS F 222 19.79 -13.00 -25.30
C LYS F 222 20.46 -11.65 -25.10
N ASP F 223 19.86 -10.81 -24.25
CA ASP F 223 20.32 -9.42 -24.04
C ASP F 223 19.78 -8.44 -25.10
N CYS F 224 18.94 -8.96 -26.00
CA CYS F 224 18.27 -8.12 -26.99
C CYS F 224 16.73 -8.18 -26.83
N ALA F 225 16.27 -8.34 -25.59
CA ALA F 225 14.85 -8.55 -25.29
C ALA F 225 13.96 -7.39 -25.72
N ALA F 226 14.52 -6.18 -25.76
CA ALA F 226 13.78 -5.02 -26.24
C ALA F 226 13.43 -5.15 -27.72
N LEU F 227 14.37 -5.71 -28.51
CA LEU F 227 14.10 -5.99 -29.93
C LEU F 227 13.06 -7.10 -30.10
N ALA F 228 12.95 -7.97 -29.10
CA ALA F 228 11.93 -9.00 -29.08
C ALA F 228 10.56 -8.37 -28.81
N THR F 229 10.50 -7.48 -27.81
CA THR F 229 9.26 -6.78 -27.45
C THR F 229 8.69 -6.09 -28.69
N PHE F 230 9.57 -5.39 -29.40
CA PHE F 230 9.24 -4.68 -30.63
C PHE F 230 8.71 -5.64 -31.71
N GLY F 231 9.44 -6.73 -31.93
CA GLY F 231 9.03 -7.74 -32.91
C GLY F 231 7.68 -8.32 -32.59
N HIS F 232 7.46 -8.62 -31.31
CA HIS F 232 6.21 -9.18 -30.82
C HIS F 232 5.05 -8.21 -31.06
N LEU F 233 5.29 -6.93 -30.79
CA LEU F 233 4.28 -5.90 -30.98
C LEU F 233 3.86 -5.76 -32.44
N CYS F 234 4.80 -5.98 -33.35
CA CYS F 234 4.51 -5.96 -34.79
C CYS F 234 3.63 -7.14 -35.21
N LYS F 235 4.02 -8.36 -34.82
CA LYS F 235 3.26 -9.57 -35.14
C LYS F 235 1.83 -9.52 -34.60
N ILE F 236 1.68 -8.98 -33.38
CA ILE F 236 0.39 -9.02 -32.69
C ILE F 236 -0.61 -7.97 -33.20
N THR F 237 -0.10 -6.86 -33.72
CA THR F 237 -0.95 -5.80 -34.26
C THR F 237 -1.17 -5.99 -35.77
N GLY F 238 -0.27 -6.74 -36.39
CA GLY F 238 -0.29 -6.94 -37.84
C GLY F 238 0.30 -5.78 -38.62
N MET F 239 0.89 -4.83 -37.89
CA MET F 239 1.38 -3.59 -38.44
C MET F 239 2.90 -3.62 -38.67
N SER F 240 3.34 -2.86 -39.66
CA SER F 240 4.76 -2.74 -39.99
C SER F 240 5.54 -2.07 -38.87
N THR F 241 6.86 -2.21 -38.90
CA THR F 241 7.75 -1.60 -37.91
C THR F 241 7.61 -0.07 -37.94
N GLU F 242 7.38 0.46 -39.14
CA GLU F 242 7.19 1.89 -39.35
C GLU F 242 5.90 2.38 -38.69
N ASP F 243 4.79 1.73 -39.01
CA ASP F 243 3.47 2.08 -38.47
C ASP F 243 3.38 2.02 -36.94
N VAL F 244 4.00 1.00 -36.35
CA VAL F 244 4.04 0.85 -34.90
C VAL F 244 4.76 2.05 -34.29
N THR F 245 5.89 2.43 -34.89
CA THR F 245 6.69 3.55 -34.44
C THR F 245 5.86 4.83 -34.34
N THR F 246 5.02 5.08 -35.34
CA THR F 246 4.14 6.27 -35.36
C THR F 246 3.15 6.26 -34.20
N TRP F 247 2.85 5.07 -33.69
CA TRP F 247 1.93 4.93 -32.57
C TRP F 247 2.55 5.16 -31.19
N ILE F 248 3.85 5.50 -31.14
CA ILE F 248 4.49 5.89 -29.88
C ILE F 248 4.02 7.28 -29.45
N LEU F 249 3.44 7.37 -28.27
CA LEU F 249 2.77 8.58 -27.80
C LEU F 249 3.37 9.20 -26.53
N ASN F 250 4.54 8.72 -26.11
CA ASN F 250 5.26 9.25 -24.94
C ASN F 250 6.71 9.58 -25.26
N ARG F 251 7.22 10.71 -24.72
CA ARG F 251 8.60 11.14 -24.96
C ARG F 251 9.65 10.11 -24.52
N GLU F 252 9.38 9.45 -23.41
CA GLU F 252 10.33 8.52 -22.82
C GLU F 252 10.50 7.27 -23.69
N VAL F 253 9.41 6.81 -24.28
CA VAL F 253 9.42 5.66 -25.19
C VAL F 253 10.08 6.09 -26.49
N ALA F 254 9.81 7.32 -26.89
CA ALA F 254 10.45 7.91 -28.07
C ALA F 254 11.97 7.90 -27.91
N ASP F 255 12.47 8.48 -26.81
CA ASP F 255 13.91 8.48 -26.49
C ASP F 255 14.48 7.07 -26.56
N GLU F 256 13.75 6.11 -26.01
CA GLU F 256 14.23 4.74 -25.96
C GLU F 256 14.26 4.07 -27.34
N MET F 257 13.24 4.34 -28.14
CA MET F 257 13.18 3.81 -29.51
C MET F 257 14.32 4.34 -30.40
N VAL F 258 14.71 5.61 -30.23
CA VAL F 258 15.85 6.13 -31.01
C VAL F 258 17.17 5.47 -30.57
N GLN F 259 17.34 5.29 -29.26
CA GLN F 259 18.49 4.60 -28.69
C GLN F 259 18.58 3.17 -29.23
N MET F 260 17.45 2.50 -29.30
CA MET F 260 17.34 1.12 -29.79
C MET F 260 17.64 0.98 -31.27
N MET F 261 17.43 2.04 -32.04
CA MET F 261 17.51 1.99 -33.50
C MET F 261 18.73 2.69 -34.09
N LEU F 262 19.69 3.07 -33.24
CA LEU F 262 20.90 3.76 -33.69
C LEU F 262 21.54 3.01 -34.86
N PRO F 263 21.82 3.72 -35.96
CA PRO F 263 22.30 3.07 -37.19
C PRO F 263 23.67 2.41 -37.03
N GLY F 264 23.97 1.44 -37.91
CA GLY F 264 25.27 0.80 -37.97
C GLY F 264 25.57 -0.21 -36.89
N GLN F 265 24.55 -0.98 -36.47
CA GLN F 265 24.74 -2.03 -35.47
C GLN F 265 24.45 -3.43 -36.01
N GLU F 266 24.16 -3.50 -37.30
CA GLU F 266 23.90 -4.76 -38.02
C GLU F 266 22.70 -5.59 -37.52
N ILE F 267 21.70 -4.90 -36.95
CA ILE F 267 20.50 -5.54 -36.41
C ILE F 267 19.90 -6.51 -37.42
N ASP F 268 19.69 -6.03 -38.65
CA ASP F 268 18.96 -6.80 -39.66
C ASP F 268 19.85 -7.63 -40.58
N LYS F 269 21.14 -7.70 -40.26
CA LYS F 269 22.04 -8.52 -41.04
C LYS F 269 21.87 -10.00 -40.65
N ALA F 270 22.05 -10.88 -41.64
CA ALA F 270 21.96 -12.32 -41.42
C ALA F 270 22.96 -12.81 -40.36
N ASP F 271 24.24 -12.82 -40.71
CA ASP F 271 25.27 -13.45 -39.87
C ASP F 271 26.25 -12.44 -39.28
N SER F 272 25.87 -11.86 -38.15
CA SER F 272 26.63 -10.80 -37.49
C SER F 272 26.99 -11.19 -36.05
N TYR F 273 27.99 -10.50 -35.49
CA TYR F 273 28.36 -10.69 -34.08
C TYR F 273 27.33 -10.14 -33.09
N MET F 274 26.56 -9.15 -33.52
CA MET F 274 25.63 -8.39 -32.67
C MET F 274 24.69 -9.19 -31.75
N PRO F 275 24.10 -10.30 -32.24
CA PRO F 275 23.19 -11.04 -31.36
C PRO F 275 23.88 -11.70 -30.16
N TYR F 276 25.21 -11.60 -30.10
CA TYR F 276 25.97 -12.15 -28.99
C TYR F 276 26.90 -11.09 -28.37
N LEU F 277 26.40 -9.86 -28.28
CA LEU F 277 27.24 -8.72 -27.91
C LEU F 277 27.83 -8.76 -26.50
N ILE F 278 27.05 -9.24 -25.53
CA ILE F 278 27.56 -9.41 -24.18
C ILE F 278 28.40 -10.69 -24.09
N ASP F 279 27.93 -11.74 -24.76
CA ASP F 279 28.59 -13.05 -24.77
C ASP F 279 30.01 -12.98 -25.35
N PHE F 280 30.12 -12.37 -26.53
CA PHE F 280 31.43 -12.16 -27.17
C PHE F 280 32.26 -11.07 -26.50
N GLY F 281 31.64 -10.31 -25.61
CA GLY F 281 32.33 -9.29 -24.82
C GLY F 281 32.39 -7.92 -25.47
N LEU F 282 31.65 -7.74 -26.56
CA LEU F 282 31.60 -6.46 -27.29
C LEU F 282 30.97 -5.32 -26.49
N SER F 283 30.28 -5.67 -25.41
CA SER F 283 29.54 -4.71 -24.61
C SER F 283 29.40 -5.22 -23.18
N SER F 284 29.32 -4.29 -22.23
CA SER F 284 29.06 -4.67 -20.83
C SER F 284 27.68 -4.17 -20.37
N LYS F 285 27.12 -3.24 -21.15
CA LYS F 285 25.79 -2.69 -20.90
C LYS F 285 24.99 -2.62 -22.21
N SER F 286 24.04 -3.55 -22.37
CA SER F 286 23.33 -3.71 -23.64
C SER F 286 22.28 -2.61 -23.91
N PRO F 287 22.34 -2.00 -25.11
CA PRO F 287 21.34 -1.02 -25.53
C PRO F 287 19.97 -1.64 -25.73
N TYR F 288 19.92 -2.96 -25.82
CA TYR F 288 18.69 -3.68 -26.13
C TYR F 288 18.17 -4.49 -24.93
N TRP F 289 18.76 -4.26 -23.76
CA TRP F 289 18.21 -4.76 -22.50
C TRP F 289 16.86 -4.11 -22.25
N SER F 290 15.92 -4.88 -21.71
CA SER F 290 14.61 -4.33 -21.33
C SER F 290 14.76 -3.31 -20.22
N VAL F 291 15.77 -3.50 -19.37
CA VAL F 291 16.03 -2.60 -18.25
C VAL F 291 16.54 -1.23 -18.69
N LYS F 292 17.16 -1.18 -19.87
CA LYS F 292 17.64 0.09 -20.44
C LYS F 292 16.56 0.74 -21.32
N ASN F 293 15.46 0.01 -21.50
CA ASN F 293 14.27 0.55 -22.16
C ASN F 293 13.02 0.26 -21.34
N PRO F 294 12.92 0.85 -20.13
CA PRO F 294 11.86 0.48 -19.19
C PRO F 294 10.49 0.91 -19.67
N ALA F 295 10.37 2.16 -20.09
CA ALA F 295 9.09 2.71 -20.54
C ALA F 295 8.56 1.97 -21.77
N PHE F 296 9.42 1.80 -22.77
CA PHE F 296 9.06 1.04 -23.98
C PHE F 296 8.65 -0.39 -23.67
N HIS F 297 9.33 -1.02 -22.73
CA HIS F 297 8.99 -2.36 -22.27
C HIS F 297 7.56 -2.39 -21.73
N PHE F 298 7.30 -1.56 -20.72
CA PHE F 298 5.99 -1.47 -20.11
C PHE F 298 4.90 -1.20 -21.16
N TRP F 299 5.03 -0.10 -21.90
CA TRP F 299 4.09 0.29 -22.95
C TRP F 299 3.88 -0.83 -23.96
N GLY F 300 4.98 -1.43 -24.43
CA GLY F 300 4.95 -2.48 -25.45
C GLY F 300 4.26 -3.75 -24.99
N GLN F 301 4.67 -4.25 -23.82
CA GLN F 301 4.12 -5.48 -23.28
C GLN F 301 2.66 -5.31 -22.85
N LEU F 302 2.33 -4.12 -22.34
CA LEU F 302 0.95 -3.81 -21.97
C LEU F 302 0.00 -3.82 -23.16
N THR F 303 0.42 -3.22 -24.27
CA THR F 303 -0.40 -3.24 -25.50
C THR F 303 -0.60 -4.67 -25.99
N ALA F 304 0.48 -5.45 -25.96
CA ALA F 304 0.44 -6.85 -26.36
C ALA F 304 -0.56 -7.61 -25.49
N LEU F 305 -0.48 -7.41 -24.18
CA LEU F 305 -1.39 -8.07 -23.25
C LEU F 305 -2.85 -7.76 -23.57
N LEU F 306 -3.17 -6.48 -23.68
CA LEU F 306 -4.54 -6.06 -23.99
C LEU F 306 -5.02 -6.55 -25.37
N LEU F 307 -4.07 -6.93 -26.23
CA LEU F 307 -4.38 -7.55 -27.50
C LEU F 307 -4.25 -9.08 -27.48
N ARG F 308 -4.39 -9.66 -26.29
CA ARG F 308 -4.42 -11.12 -26.05
C ARG F 308 -3.08 -11.82 -26.22
N SER F 309 -2.02 -11.24 -25.68
CA SER F 309 -0.70 -11.85 -25.77
C SER F 309 -0.56 -13.03 -24.83
N THR F 310 0.02 -14.11 -25.36
CA THR F 310 0.39 -15.28 -24.57
C THR F 310 1.71 -15.08 -23.82
N ARG F 311 2.52 -14.13 -24.28
CA ARG F 311 3.84 -13.87 -23.69
C ARG F 311 3.79 -12.80 -22.60
N ALA F 312 3.01 -11.74 -22.85
CA ALA F 312 3.07 -10.51 -22.06
C ALA F 312 2.61 -10.65 -20.61
N ARG F 313 1.79 -11.65 -20.34
CA ARG F 313 1.24 -11.91 -18.99
C ARG F 313 2.33 -11.89 -17.92
N ASN F 314 3.43 -12.61 -18.17
CA ASN F 314 4.51 -12.81 -17.21
C ASN F 314 5.69 -11.84 -17.33
N ALA F 315 5.53 -10.79 -18.12
CA ALA F 315 6.59 -9.80 -18.29
C ALA F 315 6.77 -8.93 -17.04
N ARG F 316 8.02 -8.62 -16.72
CA ARG F 316 8.34 -7.81 -15.53
C ARG F 316 7.90 -6.35 -15.67
N GLN F 317 7.22 -5.85 -14.64
CA GLN F 317 6.88 -4.44 -14.53
C GLN F 317 8.08 -3.65 -13.99
N PRO F 318 8.65 -2.74 -14.81
CA PRO F 318 9.81 -1.94 -14.38
C PRO F 318 9.50 -0.97 -13.23
N ASP F 319 10.55 -0.38 -12.67
CA ASP F 319 10.42 0.68 -11.66
C ASP F 319 10.65 2.07 -12.28
N ASP F 320 10.16 3.11 -11.61
CA ASP F 320 10.46 4.51 -11.94
C ASP F 320 10.11 4.97 -13.36
N ILE F 321 8.87 4.68 -13.77
CA ILE F 321 8.36 5.15 -15.05
C ILE F 321 6.99 5.79 -14.81
N GLU F 322 6.47 6.51 -15.81
CA GLU F 322 5.16 7.15 -15.69
C GLU F 322 4.05 6.16 -15.97
N TYR F 323 3.73 5.32 -14.98
CA TYR F 323 2.72 4.29 -15.16
C TYR F 323 1.43 4.84 -15.78
N THR F 324 0.87 5.89 -15.18
CA THR F 324 -0.44 6.41 -15.61
C THR F 324 -0.46 6.79 -17.09
N SER F 325 0.47 7.64 -17.51
CA SER F 325 0.58 8.09 -18.90
C SER F 325 0.79 6.96 -19.89
N LEU F 326 1.61 6.00 -19.51
CA LEU F 326 1.94 4.90 -20.40
C LEU F 326 0.78 3.93 -20.60
N THR F 327 -0.05 3.75 -19.57
CA THR F 327 -1.22 2.88 -19.69
C THR F 327 -2.31 3.51 -20.56
N THR F 328 -2.58 4.79 -20.37
CA THR F 328 -3.53 5.52 -21.22
C THR F 328 -3.13 5.34 -22.69
N ALA F 329 -1.85 5.54 -22.99
CA ALA F 329 -1.32 5.36 -24.35
C ALA F 329 -1.50 3.93 -24.87
N GLY F 330 -1.07 2.95 -24.08
CA GLY F 330 -1.22 1.54 -24.44
C GLY F 330 -2.67 1.16 -24.66
N LEU F 331 -3.55 1.69 -23.80
CA LEU F 331 -4.98 1.43 -23.92
C LEU F 331 -5.55 1.97 -25.22
N LEU F 332 -5.09 3.16 -25.63
CA LEU F 332 -5.61 3.80 -26.83
C LEU F 332 -5.16 3.07 -28.08
N TYR F 333 -3.91 2.60 -28.07
CA TYR F 333 -3.36 1.83 -29.17
C TYR F 333 -4.10 0.49 -29.26
N ALA F 334 -4.13 -0.24 -28.16
CA ALA F 334 -4.84 -1.50 -28.06
C ALA F 334 -6.27 -1.37 -28.60
N TYR F 335 -7.01 -0.39 -28.08
CA TYR F 335 -8.39 -0.15 -28.47
C TYR F 335 -8.55 0.03 -29.98
N ALA F 336 -7.67 0.84 -30.57
CA ALA F 336 -7.69 1.12 -32.00
C ALA F 336 -7.52 -0.15 -32.83
N VAL F 337 -6.51 -0.95 -32.49
CA VAL F 337 -6.25 -2.23 -33.15
C VAL F 337 -7.45 -3.19 -33.04
N GLY F 338 -7.99 -3.32 -31.83
CA GLY F 338 -9.10 -4.23 -31.55
C GLY F 338 -10.41 -3.88 -32.24
N SER F 339 -10.64 -2.59 -32.40
CA SER F 339 -11.84 -2.07 -33.08
C SER F 339 -11.75 -2.15 -34.59
N SER F 340 -10.53 -2.26 -35.11
CA SER F 340 -10.30 -2.19 -36.54
C SER F 340 -9.66 -3.47 -37.08
N ALA F 341 -10.49 -4.50 -37.27
CA ALA F 341 -10.04 -5.74 -37.88
C ALA F 341 -9.78 -5.46 -39.36
N ASP F 342 -8.86 -6.22 -39.96
CA ASP F 342 -8.56 -6.05 -41.40
C ASP F 342 -9.87 -6.22 -42.18
N LEU F 343 -10.30 -7.48 -42.28
CA LEU F 343 -11.55 -7.85 -42.91
C LEU F 343 -11.76 -7.26 -44.31
N ALA F 344 -11.20 -7.95 -45.30
CA ALA F 344 -11.36 -7.63 -46.69
C ALA F 344 -11.27 -8.94 -47.45
N GLN F 345 -12.06 -9.07 -48.52
CA GLN F 345 -12.03 -10.28 -49.34
C GLN F 345 -10.64 -10.48 -49.95
N GLN F 346 -10.17 -11.72 -49.96
CA GLN F 346 -8.84 -12.05 -50.51
C GLN F 346 -8.89 -12.84 -51.82
N PHE F 347 -9.94 -13.64 -51.99
CA PHE F 347 -10.11 -14.48 -53.19
C PHE F 347 -11.56 -14.41 -53.70
N CYS F 348 -11.75 -14.65 -54.99
CA CYS F 348 -13.10 -14.65 -55.58
C CYS F 348 -13.28 -15.69 -56.68
N VAL F 349 -14.55 -16.01 -56.96
CA VAL F 349 -14.91 -17.00 -57.98
C VAL F 349 -15.47 -16.35 -59.26
N GLY F 350 -16.16 -15.23 -59.11
CA GLY F 350 -16.65 -14.44 -60.24
C GLY F 350 -16.93 -13.00 -59.84
N ASP F 351 -17.48 -12.85 -58.63
CA ASP F 351 -17.80 -11.55 -58.06
C ASP F 351 -17.11 -11.35 -56.71
N ASN F 352 -16.61 -10.14 -56.50
CA ASN F 352 -16.03 -9.75 -55.22
C ASN F 352 -16.65 -8.48 -54.66
N LYS F 353 -16.43 -8.23 -53.37
CA LYS F 353 -17.00 -7.08 -52.68
C LYS F 353 -16.07 -5.87 -52.74
N TYR F 354 -16.62 -4.72 -53.10
CA TYR F 354 -15.81 -3.54 -53.42
C TYR F 354 -16.10 -2.30 -52.56
N THR F 355 -16.41 -2.53 -51.29
CA THR F 355 -16.72 -1.46 -50.30
C THR F 355 -17.44 -0.21 -50.88
N PRO F 356 -18.74 -0.37 -51.23
CA PRO F 356 -19.59 0.53 -52.01
C PRO F 356 -19.32 2.05 -51.90
N ASP F 357 -20.02 2.75 -51.01
CA ASP F 357 -19.93 4.20 -50.93
C ASP F 357 -19.83 4.73 -49.49
N ASP F 358 -20.92 4.60 -48.74
CA ASP F 358 -20.98 5.07 -47.36
C ASP F 358 -20.00 4.30 -46.47
N SER F 359 -18.98 5.01 -45.98
CA SER F 359 -17.92 4.39 -45.17
C SER F 359 -17.25 5.38 -44.21
N THR F 360 -17.52 6.68 -44.39
CA THR F 360 -16.88 7.73 -43.60
C THR F 360 -17.82 8.90 -43.29
N GLY F 361 -18.49 9.42 -44.32
CA GLY F 361 -19.38 10.57 -44.17
C GLY F 361 -20.85 10.22 -44.29
N GLY F 362 -21.38 9.57 -43.27
CA GLY F 362 -22.80 9.21 -43.21
C GLY F 362 -23.52 9.76 -41.99
N LEU F 363 -22.77 10.51 -41.16
CA LEU F 363 -23.26 11.15 -39.94
C LEU F 363 -23.63 10.18 -38.79
N THR F 364 -23.24 8.91 -38.95
CA THR F 364 -23.29 7.93 -37.88
C THR F 364 -21.98 8.01 -37.08
N THR F 365 -21.37 9.20 -37.13
CA THR F 365 -20.06 9.45 -36.54
C THR F 365 -20.11 9.75 -35.04
N ASN F 366 -20.96 9.03 -34.33
CA ASN F 366 -20.88 8.95 -32.87
C ASN F 366 -20.17 7.65 -32.48
N ALA F 367 -19.00 7.45 -33.11
CA ALA F 367 -18.21 6.24 -33.00
C ALA F 367 -16.73 6.53 -33.35
N PRO F 368 -15.81 5.62 -32.96
CA PRO F 368 -14.38 5.80 -33.24
C PRO F 368 -14.03 5.64 -34.73
N PRO F 369 -12.83 6.10 -35.15
CA PRO F 369 -12.37 6.02 -36.55
C PRO F 369 -12.28 4.59 -37.09
N GLN F 370 -12.55 4.45 -38.39
CA GLN F 370 -12.57 3.14 -39.06
C GLN F 370 -11.20 2.44 -39.13
N GLY F 371 -10.15 3.18 -39.47
CA GLY F 371 -8.83 2.58 -39.66
C GLY F 371 -7.94 2.57 -38.43
N ARG F 372 -6.63 2.59 -38.66
CA ARG F 372 -5.64 2.60 -37.57
C ARG F 372 -4.68 3.79 -37.65
N ASP F 373 -5.09 4.83 -38.37
CA ASP F 373 -4.30 6.05 -38.49
C ASP F 373 -4.27 6.81 -37.17
N VAL F 374 -3.07 6.97 -36.63
CA VAL F 374 -2.86 7.59 -35.32
C VAL F 374 -3.39 9.04 -35.23
N VAL F 375 -3.22 9.81 -36.32
CA VAL F 375 -3.61 11.22 -36.34
C VAL F 375 -5.13 11.39 -36.18
N GLU F 376 -5.90 10.49 -36.81
CA GLU F 376 -7.34 10.45 -36.64
C GLU F 376 -7.73 10.11 -35.20
N TRP F 377 -7.04 9.10 -34.64
CA TRP F 377 -7.31 8.66 -33.27
C TRP F 377 -6.92 9.68 -32.20
N LEU F 378 -5.83 10.41 -32.45
CA LEU F 378 -5.40 11.48 -31.56
C LEU F 378 -6.43 12.62 -31.52
N GLY F 379 -7.02 12.91 -32.67
CA GLY F 379 -8.08 13.90 -32.77
C GLY F 379 -9.31 13.40 -32.04
N TRP F 380 -9.63 12.13 -32.26
CA TRP F 380 -10.78 11.49 -31.64
C TRP F 380 -10.63 11.45 -30.12
N PHE F 381 -9.39 11.26 -29.65
CA PHE F 381 -9.09 11.21 -28.22
C PHE F 381 -9.17 12.58 -27.55
N GLU F 382 -8.82 13.64 -28.28
CA GLU F 382 -8.99 15.02 -27.80
C GLU F 382 -10.45 15.39 -27.65
N ASP F 383 -11.30 14.82 -28.51
CA ASP F 383 -12.75 15.02 -28.44
C ASP F 383 -13.33 14.41 -27.16
N GLN F 384 -12.63 13.40 -26.62
CA GLN F 384 -13.05 12.74 -25.38
C GLN F 384 -12.44 13.42 -24.15
N ASN F 385 -11.89 14.62 -24.35
CA ASN F 385 -11.21 15.38 -23.30
C ASN F 385 -9.95 14.69 -22.76
N ARG F 386 -9.38 13.80 -23.58
CA ARG F 386 -8.14 13.05 -23.26
C ARG F 386 -8.23 12.10 -22.05
N LYS F 387 -9.43 11.63 -21.73
CA LYS F 387 -9.60 10.57 -20.75
C LYS F 387 -10.40 9.40 -21.35
N PRO F 388 -9.95 8.15 -21.09
CA PRO F 388 -10.54 6.96 -21.70
C PRO F 388 -12.06 6.86 -21.54
N THR F 389 -12.75 6.48 -22.63
CA THR F 389 -14.20 6.34 -22.64
C THR F 389 -14.65 5.06 -21.91
N PRO F 390 -15.94 4.99 -21.51
CA PRO F 390 -16.45 3.75 -20.91
C PRO F 390 -16.16 2.51 -21.77
N ASP F 391 -16.36 2.61 -23.08
CA ASP F 391 -16.15 1.50 -24.00
C ASP F 391 -14.68 1.06 -24.05
N MET F 392 -13.78 2.03 -23.92
CA MET F 392 -12.35 1.75 -23.82
C MET F 392 -12.06 0.99 -22.52
N MET F 393 -12.59 1.50 -21.41
CA MET F 393 -12.40 0.90 -20.09
C MET F 393 -13.00 -0.50 -20.00
N GLN F 394 -14.10 -0.72 -20.73
CA GLN F 394 -14.73 -2.03 -20.80
C GLN F 394 -13.91 -3.01 -21.64
N TYR F 395 -13.37 -2.53 -22.76
CA TYR F 395 -12.53 -3.35 -23.63
C TYR F 395 -11.34 -3.93 -22.88
N ALA F 396 -10.73 -3.10 -22.03
CA ALA F 396 -9.58 -3.52 -21.22
C ALA F 396 -10.02 -4.44 -20.08
N LYS F 397 -11.15 -4.11 -19.44
CA LYS F 397 -11.76 -4.98 -18.45
C LYS F 397 -11.95 -6.39 -19.01
N ARG F 398 -12.49 -6.49 -20.23
CA ARG F 398 -12.70 -7.78 -20.90
C ARG F 398 -11.40 -8.52 -21.13
N ALA F 399 -10.37 -7.78 -21.54
CA ALA F 399 -9.08 -8.36 -21.93
C ALA F 399 -8.25 -8.88 -20.75
N VAL F 400 -8.55 -8.42 -19.53
CA VAL F 400 -7.78 -8.82 -18.35
C VAL F 400 -8.54 -9.71 -17.35
N MET F 401 -9.87 -9.60 -17.32
CA MET F 401 -10.68 -10.51 -16.51
C MET F 401 -10.43 -11.91 -17.05
N SER F 402 -10.53 -12.92 -16.20
CA SER F 402 -10.15 -14.29 -16.56
C SER F 402 -8.68 -14.39 -17.02
N LEU F 403 -7.81 -13.74 -16.26
CA LEU F 403 -6.38 -14.03 -16.29
C LEU F 403 -5.99 -14.56 -14.92
N GLN F 404 -5.45 -15.78 -14.89
CA GLN F 404 -5.14 -16.45 -13.63
C GLN F 404 -3.65 -16.72 -13.45
N GLY F 405 -3.25 -16.98 -12.20
CA GLY F 405 -1.85 -17.28 -11.87
C GLY F 405 -0.90 -16.14 -12.15
N LEU F 406 -1.28 -14.94 -11.70
CA LEU F 406 -0.45 -13.75 -11.92
C LEU F 406 0.51 -13.55 -10.75
N ARG F 407 1.80 -13.47 -11.09
CA ARG F 407 2.85 -13.27 -10.11
C ARG F 407 2.94 -11.80 -9.73
N GLU F 408 3.55 -11.52 -8.58
CA GLU F 408 3.71 -10.14 -8.12
C GLU F 408 4.71 -9.38 -9.00
N LYS F 409 4.54 -8.06 -9.08
CA LYS F 409 5.46 -7.17 -9.81
C LYS F 409 5.53 -7.49 -11.31
N THR F 410 4.35 -7.76 -11.89
CA THR F 410 4.23 -8.23 -13.26
C THR F 410 3.32 -7.28 -14.05
N ILE F 411 3.43 -7.32 -15.38
CA ILE F 411 2.55 -6.55 -16.27
C ILE F 411 1.11 -7.02 -16.11
N GLY F 412 0.91 -8.34 -16.15
CA GLY F 412 -0.40 -8.96 -15.96
C GLY F 412 -1.05 -8.58 -14.64
N LYS F 413 -0.28 -8.66 -13.55
CA LYS F 413 -0.77 -8.24 -12.23
C LYS F 413 -1.04 -6.75 -12.20
N TYR F 414 -0.27 -5.97 -12.96
CA TYR F 414 -0.54 -4.53 -13.05
C TYR F 414 -1.86 -4.26 -13.75
N ALA F 415 -2.02 -4.78 -14.97
CA ALA F 415 -3.20 -4.51 -15.79
C ALA F 415 -4.50 -4.97 -15.15
N LYS F 416 -4.49 -6.16 -14.56
CA LYS F 416 -5.68 -6.68 -13.89
C LYS F 416 -6.08 -5.81 -12.71
N SER F 417 -5.07 -5.36 -11.96
CA SER F 417 -5.28 -4.46 -10.84
C SER F 417 -5.76 -3.08 -11.31
N GLU F 418 -5.51 -2.77 -12.58
CA GLU F 418 -5.87 -1.48 -13.16
C GLU F 418 -7.23 -1.48 -13.84
N PHE F 419 -7.53 -2.56 -14.56
CA PHE F 419 -8.77 -2.62 -15.36
C PHE F 419 -9.88 -3.52 -14.82
N ASP F 420 -9.52 -4.57 -14.09
CA ASP F 420 -10.52 -5.48 -13.53
C ASP F 420 -10.84 -5.15 -12.08
N LYS F 421 -11.62 -4.09 -11.91
CA LYS F 421 -12.02 -3.63 -10.60
C LYS F 421 -13.51 -3.91 -10.41
N SER G 1 -0.16 37.62 18.66
CA SER G 1 0.25 36.18 18.58
C SER G 1 1.37 35.83 19.57
N VAL G 2 1.89 36.85 20.26
CA VAL G 2 2.93 36.69 21.27
C VAL G 2 2.29 36.47 22.64
N THR G 3 1.40 37.40 23.03
CA THR G 3 0.83 37.43 24.37
C THR G 3 -0.51 36.71 24.48
N VAL G 4 -0.61 35.77 25.41
CA VAL G 4 -1.86 35.05 25.66
C VAL G 4 -2.40 35.40 27.04
N LYS G 5 -3.68 35.76 27.11
CA LYS G 5 -4.37 36.03 28.36
C LYS G 5 -5.42 34.94 28.61
N ARG G 6 -5.85 34.78 29.86
CA ARG G 6 -7.05 33.98 30.11
C ARG G 6 -8.25 34.90 30.41
N ILE G 7 -9.37 34.64 29.74
CA ILE G 7 -10.51 35.57 29.71
C ILE G 7 -11.22 35.79 31.06
N ILE G 8 -10.98 34.92 32.03
CA ILE G 8 -11.67 35.01 33.32
C ILE G 8 -10.88 35.76 34.40
N ASP G 9 -9.59 35.47 34.52
CA ASP G 9 -8.71 36.13 35.48
C ASP G 9 -8.07 37.39 34.91
N ASN G 10 -8.03 37.47 33.59
CA ASN G 10 -7.28 38.50 32.84
C ASN G 10 -5.75 38.33 32.93
N THR G 11 -5.31 37.35 33.71
CA THR G 11 -3.89 37.07 33.93
C THR G 11 -3.23 36.43 32.71
N VAL G 12 -1.95 36.74 32.51
CA VAL G 12 -1.18 36.24 31.37
C VAL G 12 -0.75 34.79 31.56
N ILE G 13 -0.74 34.02 30.47
CA ILE G 13 -0.13 32.69 30.43
C ILE G 13 0.92 32.64 29.32
N VAL G 14 2.05 31.98 29.60
CA VAL G 14 3.12 31.86 28.61
C VAL G 14 3.32 30.39 28.22
N PRO G 15 2.75 30.00 27.05
CA PRO G 15 2.90 28.65 26.49
C PRO G 15 4.33 28.34 26.07
N LYS G 16 4.91 27.29 26.65
CA LYS G 16 6.27 26.85 26.32
C LYS G 16 6.32 25.34 26.13
N LEU G 17 7.27 24.91 25.30
CA LEU G 17 7.64 23.52 25.17
C LEU G 17 9.13 23.38 25.49
N PRO G 18 9.56 22.18 25.93
CA PRO G 18 10.99 21.91 26.09
C PRO G 18 11.77 22.25 24.83
N ALA G 19 12.99 22.76 25.00
CA ALA G 19 13.84 23.11 23.88
C ALA G 19 14.22 21.86 23.10
N ASN G 20 13.54 21.66 21.99
CA ASN G 20 13.84 20.54 21.09
C ASN G 20 14.45 21.09 19.82
N GLU G 21 15.74 20.82 19.63
CA GLU G 21 16.53 21.48 18.58
C GLU G 21 17.61 20.58 17.99
N ASP G 22 17.29 19.98 16.84
CA ASP G 22 18.21 19.09 16.14
C ASP G 22 18.65 19.73 14.83
N PRO G 23 19.79 20.46 14.83
CA PRO G 23 20.28 21.05 13.60
C PRO G 23 21.09 20.04 12.76
N VAL G 24 20.80 20.00 11.47
CA VAL G 24 21.53 19.10 10.55
C VAL G 24 22.94 19.62 10.26
N GLU G 25 23.81 18.73 9.80
CA GLU G 25 25.21 19.04 9.56
C GLU G 25 25.62 18.81 8.11
N TYR G 26 25.92 19.89 7.40
CA TYR G 26 26.27 19.83 5.98
C TYR G 26 27.72 19.41 5.74
N PRO G 27 27.98 18.64 4.67
CA PRO G 27 29.33 18.18 4.35
C PRO G 27 30.32 19.31 4.10
N ALA G 28 29.89 20.39 3.46
CA ALA G 28 30.74 21.55 3.19
C ALA G 28 31.11 22.32 4.46
N ASP G 29 30.27 22.23 5.48
CA ASP G 29 30.52 22.89 6.76
C ASP G 29 31.65 22.22 7.56
N TYR G 30 31.94 20.97 7.23
CA TYR G 30 33.02 20.21 7.86
C TYR G 30 34.40 20.71 7.43
N PHE G 31 34.55 20.99 6.13
CA PHE G 31 35.83 21.41 5.57
C PHE G 31 36.19 22.86 5.89
N ARG G 32 35.66 23.37 7.00
CA ARG G 32 35.94 24.71 7.47
C ARG G 32 36.81 24.68 8.74
N LYS G 33 36.66 23.61 9.53
CA LYS G 33 37.46 23.41 10.74
C LYS G 33 38.62 22.46 10.49
N SER G 34 38.50 21.65 9.43
CA SER G 34 39.52 20.68 9.05
C SER G 34 39.64 20.61 7.54
N LYS G 35 40.83 20.29 7.05
CA LYS G 35 41.08 20.20 5.61
C LYS G 35 41.47 18.77 5.20
N GLU G 36 41.07 17.81 6.01
CA GLU G 36 41.48 16.41 5.82
C GLU G 36 40.54 15.46 6.57
N ILE G 37 40.42 14.24 6.05
CA ILE G 37 39.62 13.21 6.73
C ILE G 37 40.53 12.11 7.28
N PRO G 38 40.62 12.02 8.61
CA PRO G 38 41.54 11.09 9.27
C PRO G 38 41.10 9.64 9.18
N LEU G 39 42.03 8.76 8.80
CA LEU G 39 41.83 7.32 8.84
C LEU G 39 42.92 6.72 9.71
N TYR G 40 42.55 5.83 10.62
CA TYR G 40 43.48 5.30 11.61
C TYR G 40 43.82 3.82 11.43
N ILE G 41 45.11 3.53 11.31
CA ILE G 41 45.62 2.17 11.17
C ILE G 41 46.83 1.96 12.08
N ASN G 42 46.79 0.89 12.87
CA ASN G 42 47.80 0.62 13.90
C ASN G 42 48.16 -0.87 13.93
N THR G 43 49.44 -1.21 13.92
CA THR G 43 50.58 -0.29 13.78
C THR G 43 51.51 -0.83 12.69
N THR G 44 50.90 -1.41 11.66
CA THR G 44 51.59 -2.25 10.67
C THR G 44 52.15 -3.52 11.32
N LYS G 45 51.47 -4.64 11.05
CA LYS G 45 51.93 -5.95 11.48
C LYS G 45 52.66 -6.58 10.29
N SER G 46 52.02 -7.54 9.65
CA SER G 46 52.50 -8.10 8.38
C SER G 46 51.33 -8.74 7.64
N LEU G 47 51.35 -8.63 6.31
CA LEU G 47 50.27 -9.10 5.45
C LEU G 47 49.96 -10.58 5.66
N SER G 48 50.99 -11.36 5.98
CA SER G 48 50.84 -12.80 6.21
C SER G 48 50.21 -13.11 7.57
N ASP G 49 50.56 -12.33 8.58
CA ASP G 49 50.03 -12.51 9.93
C ASP G 49 48.53 -12.24 9.98
N LEU G 50 48.13 -11.10 9.41
CA LEU G 50 46.73 -10.68 9.39
C LEU G 50 45.85 -11.57 8.50
N ARG G 51 46.47 -12.23 7.53
CA ARG G 51 45.77 -13.15 6.63
C ARG G 51 45.25 -14.38 7.38
N GLY G 52 45.63 -14.50 8.65
CA GLY G 52 45.21 -15.62 9.50
C GLY G 52 44.31 -15.21 10.64
N TYR G 53 44.53 -14.01 11.18
CA TYR G 53 43.75 -13.50 12.31
C TYR G 53 42.25 -13.41 12.03
N VAL G 54 41.89 -12.81 10.89
CA VAL G 54 40.49 -12.73 10.47
C VAL G 54 39.98 -14.06 9.91
N TYR G 55 40.90 -14.81 9.32
CA TYR G 55 40.61 -16.15 8.78
C TYR G 55 40.12 -17.06 9.90
N GLN G 56 40.77 -16.97 11.05
CA GLN G 56 40.39 -17.72 12.26
C GLN G 56 39.38 -16.94 13.10
N GLY G 57 39.22 -15.65 12.81
CA GLY G 57 38.30 -14.79 13.55
C GLY G 57 36.84 -14.99 13.15
N LEU G 58 36.58 -14.93 11.84
CA LEU G 58 35.24 -15.19 11.30
C LEU G 58 34.88 -16.66 11.35
N LYS G 59 35.90 -17.52 11.44
CA LYS G 59 35.74 -18.96 11.52
C LYS G 59 34.86 -19.36 12.70
N SER G 60 35.32 -19.07 13.92
CA SER G 60 34.59 -19.40 15.14
C SER G 60 34.65 -18.27 16.16
N GLY G 61 33.47 -17.85 16.63
CA GLY G 61 33.36 -16.76 17.59
C GLY G 61 33.24 -15.40 16.92
N ASN G 62 34.20 -14.52 17.21
CA ASN G 62 34.22 -13.18 16.64
C ASN G 62 35.64 -12.71 16.30
N VAL G 63 35.76 -11.44 15.93
CA VAL G 63 37.04 -10.87 15.54
C VAL G 63 37.10 -9.38 15.89
N SER G 64 38.30 -8.90 16.25
CA SER G 64 38.54 -7.48 16.50
C SER G 64 38.48 -6.69 15.18
N ILE G 65 37.80 -5.55 15.22
CA ILE G 65 37.63 -4.70 14.03
C ILE G 65 38.94 -4.03 13.61
N ILE G 66 39.81 -3.74 14.58
CA ILE G 66 41.11 -3.12 14.32
C ILE G 66 41.98 -4.07 13.48
N HIS G 67 41.79 -5.37 13.68
CA HIS G 67 42.44 -6.40 12.87
C HIS G 67 41.91 -6.39 11.43
N VAL G 68 40.59 -6.18 11.29
CA VAL G 68 39.94 -6.13 9.98
C VAL G 68 40.42 -4.92 9.17
N ASN G 69 40.56 -3.78 9.84
CA ASN G 69 41.00 -2.54 9.20
C ASN G 69 42.47 -2.53 8.81
N SER G 70 43.34 -2.98 9.72
CA SER G 70 44.76 -3.12 9.42
C SER G 70 44.99 -3.99 8.19
N TYR G 71 44.28 -5.11 8.13
CA TYR G 71 44.37 -6.03 7.00
C TYR G 71 43.87 -5.39 5.71
N LEU G 72 42.70 -4.77 5.79
CA LEU G 72 42.03 -4.19 4.64
C LEU G 72 42.87 -3.08 4.01
N TYR G 73 43.54 -2.31 4.86
CA TYR G 73 44.45 -1.25 4.40
C TYR G 73 45.65 -1.84 3.67
N GLY G 74 46.14 -2.98 4.17
CA GLY G 74 47.30 -3.65 3.59
C GLY G 74 46.99 -4.43 2.33
N ALA G 75 45.81 -5.03 2.28
CA ALA G 75 45.41 -5.88 1.15
C ALA G 75 44.99 -5.07 -0.08
N LEU G 76 44.36 -3.92 0.14
CA LEU G 76 43.88 -3.06 -0.95
C LEU G 76 44.88 -1.95 -1.31
N LYS G 77 45.96 -1.85 -0.52
CA LYS G 77 46.93 -0.78 -0.65
C LYS G 77 47.55 -0.63 -2.04
N ASP G 78 47.75 -1.76 -2.71
CA ASP G 78 48.45 -1.79 -4.00
C ASP G 78 47.61 -1.36 -5.19
N ILE G 79 46.30 -1.54 -5.10
CA ILE G 79 45.37 -1.20 -6.19
C ILE G 79 45.42 0.30 -6.51
N ARG G 80 45.67 0.62 -7.78
CA ARG G 80 45.69 2.01 -8.26
C ARG G 80 45.38 2.14 -9.75
N GLY G 81 44.90 3.33 -10.13
CA GLY G 81 44.61 3.65 -11.53
C GLY G 81 45.00 5.08 -11.88
N LYS G 82 45.07 5.38 -13.18
CA LYS G 82 45.43 6.72 -13.63
C LYS G 82 44.25 7.50 -14.22
N LEU G 83 44.17 8.78 -13.86
CA LEU G 83 43.00 9.61 -14.19
C LEU G 83 43.26 10.66 -15.26
N ASP G 84 42.28 10.87 -16.13
CA ASP G 84 42.39 11.81 -17.25
C ASP G 84 42.19 13.24 -16.81
N LYS G 85 41.18 13.47 -15.96
CA LYS G 85 40.82 14.80 -15.49
C LYS G 85 41.29 15.02 -14.05
N ASP G 86 41.39 16.29 -13.66
CA ASP G 86 41.71 16.67 -12.28
C ASP G 86 40.55 16.28 -11.36
N TRP G 87 40.88 15.89 -10.13
CA TRP G 87 39.87 15.46 -9.16
C TRP G 87 39.92 16.28 -7.88
N SER G 88 38.98 17.21 -7.77
CA SER G 88 38.83 18.05 -6.58
C SER G 88 37.41 17.99 -6.03
N SER G 89 37.28 18.05 -4.70
CA SER G 89 35.98 18.04 -4.04
C SER G 89 36.04 18.81 -2.72
N PHE G 90 35.15 19.80 -2.59
CA PHE G 90 35.09 20.68 -1.40
C PHE G 90 36.42 21.36 -1.07
N GLY G 91 37.14 21.79 -2.10
CA GLY G 91 38.42 22.46 -1.92
C GLY G 91 39.57 21.57 -1.50
N ILE G 92 39.46 20.27 -1.80
CA ILE G 92 40.51 19.30 -1.53
C ILE G 92 40.97 18.64 -2.82
N ASN G 93 42.27 18.73 -3.10
CA ASN G 93 42.84 18.11 -4.28
C ASN G 93 43.21 16.65 -4.02
N ILE G 94 42.50 15.74 -4.68
CA ILE G 94 42.82 14.32 -4.60
C ILE G 94 43.92 13.99 -5.61
N GLY G 95 43.85 14.61 -6.78
CA GLY G 95 44.85 14.40 -7.83
C GLY G 95 44.66 15.30 -9.03
N LYS G 96 45.78 15.73 -9.62
CA LYS G 96 45.77 16.50 -10.86
C LYS G 96 45.78 15.57 -12.08
N ALA G 97 45.53 16.14 -13.26
CA ALA G 97 45.52 15.38 -14.52
C ALA G 97 46.88 14.74 -14.81
N GLY G 98 46.88 13.42 -14.95
CA GLY G 98 48.10 12.65 -15.23
C GLY G 98 48.59 11.83 -14.04
N ASP G 99 48.16 12.21 -12.84
CA ASP G 99 48.59 11.55 -11.60
C ASP G 99 48.01 10.15 -11.44
N THR G 100 48.78 9.27 -10.82
CA THR G 100 48.31 7.95 -10.43
C THR G 100 48.07 7.96 -8.92
N ILE G 101 46.86 7.57 -8.52
CA ILE G 101 46.48 7.54 -7.11
C ILE G 101 46.02 6.16 -6.66
N GLY G 102 46.21 5.87 -5.38
CA GLY G 102 45.69 4.66 -4.76
C GLY G 102 44.35 4.94 -4.10
N ILE G 103 43.73 3.88 -3.58
CA ILE G 103 42.43 3.98 -2.91
C ILE G 103 42.51 4.87 -1.67
N PHE G 104 43.60 4.74 -0.91
CA PHE G 104 43.73 5.40 0.38
C PHE G 104 44.43 6.76 0.34
N ASP G 105 44.44 7.40 -0.84
CA ASP G 105 45.00 8.75 -0.97
C ASP G 105 44.04 9.81 -0.41
N LEU G 106 43.70 9.66 0.87
CA LEU G 106 42.76 10.54 1.57
C LEU G 106 43.12 10.64 3.07
N VAL G 107 44.41 10.88 3.32
CA VAL G 107 44.98 11.18 4.65
C VAL G 107 44.94 10.00 5.64
N SER G 108 46.02 9.22 5.66
CA SER G 108 46.18 8.12 6.60
C SER G 108 46.97 8.54 7.84
N LEU G 109 46.47 8.16 9.01
CA LEU G 109 47.13 8.41 10.29
C LEU G 109 47.22 7.10 11.08
N LYS G 110 47.83 7.15 12.26
CA LYS G 110 48.03 5.95 13.08
C LYS G 110 47.31 6.06 14.43
N ALA G 111 46.54 5.02 14.77
CA ALA G 111 45.78 4.98 16.02
C ALA G 111 46.68 4.85 17.25
N LEU G 112 46.23 5.41 18.38
CA LEU G 112 47.02 5.47 19.60
C LEU G 112 47.07 4.16 20.37
N ASP G 113 45.92 3.49 20.49
CA ASP G 113 45.76 2.31 21.35
C ASP G 113 46.59 1.11 20.90
N GLY G 114 46.88 0.23 21.84
CA GLY G 114 47.56 -1.04 21.57
C GLY G 114 46.58 -2.20 21.55
N VAL G 115 46.97 -3.30 20.91
CA VAL G 115 46.09 -4.46 20.75
C VAL G 115 46.57 -5.65 21.59
N LEU G 116 45.69 -6.15 22.46
CA LEU G 116 45.98 -7.31 23.30
C LEU G 116 45.26 -8.59 22.82
N PRO G 117 43.94 -8.51 22.55
CA PRO G 117 43.23 -9.72 22.11
C PRO G 117 43.61 -10.13 20.68
N ASP G 118 44.64 -10.97 20.58
CA ASP G 118 45.11 -11.49 19.29
C ASP G 118 45.05 -13.01 19.28
N GLY G 119 43.90 -13.55 19.67
CA GLY G 119 43.71 -14.99 19.79
C GLY G 119 43.48 -15.70 18.48
N VAL G 120 43.94 -16.97 18.42
CA VAL G 120 43.79 -17.87 17.27
C VAL G 120 44.36 -17.30 15.96
N SER G 121 45.56 -17.77 15.60
CA SER G 121 46.26 -17.32 14.40
C SER G 121 46.97 -18.47 13.68
N ASP G 122 46.95 -18.43 12.35
CA ASP G 122 47.62 -19.43 11.52
C ASP G 122 48.12 -18.80 10.22
N ALA G 123 49.43 -18.92 9.99
CA ALA G 123 50.07 -18.35 8.79
C ALA G 123 50.21 -19.38 7.68
N SER G 124 49.20 -20.25 7.54
CA SER G 124 49.19 -21.30 6.53
C SER G 124 48.64 -20.82 5.19
N ARG G 125 47.78 -19.80 5.23
CA ARG G 125 47.15 -19.27 4.04
C ARG G 125 48.00 -18.19 3.37
N THR G 126 48.19 -18.32 2.06
CA THR G 126 49.00 -17.38 1.29
C THR G 126 48.30 -16.97 -0.01
N SER G 127 47.92 -17.97 -0.81
CA SER G 127 47.26 -17.75 -2.10
C SER G 127 45.86 -17.17 -1.95
N ALA G 128 45.17 -17.54 -0.87
CA ALA G 128 43.86 -16.98 -0.55
C ALA G 128 44.01 -15.58 0.04
N ASP G 129 44.45 -14.65 -0.81
CA ASP G 129 44.78 -13.29 -0.38
C ASP G 129 43.84 -12.25 -1.00
N ASP G 130 44.36 -11.48 -1.96
CA ASP G 130 43.64 -10.36 -2.58
C ASP G 130 42.49 -10.81 -3.48
N LYS G 131 42.46 -12.11 -3.80
CA LYS G 131 41.48 -12.68 -4.73
C LYS G 131 40.04 -12.59 -4.25
N TRP G 132 39.78 -12.98 -3.00
CA TRP G 132 38.41 -13.14 -2.52
C TRP G 132 38.20 -12.75 -1.04
N LEU G 133 39.25 -12.86 -0.24
CA LEU G 133 39.17 -12.58 1.20
C LEU G 133 38.78 -11.14 1.56
N PRO G 134 39.39 -10.13 0.92
CA PRO G 134 39.01 -8.75 1.27
C PRO G 134 37.61 -8.39 0.75
N LEU G 135 37.25 -8.89 -0.43
CA LEU G 135 35.93 -8.67 -1.02
C LEU G 135 34.82 -9.14 -0.09
N TYR G 136 35.05 -10.27 0.57
CA TYR G 136 34.08 -10.84 1.51
C TYR G 136 33.97 -9.99 2.77
N LEU G 137 35.05 -9.30 3.13
CA LEU G 137 35.04 -8.37 4.26
C LEU G 137 34.39 -7.05 3.89
N LEU G 138 34.51 -6.68 2.61
CA LEU G 138 33.87 -5.49 2.06
C LEU G 138 32.35 -5.67 1.98
N GLY G 139 31.93 -6.87 1.63
CA GLY G 139 30.51 -7.19 1.46
C GLY G 139 29.72 -7.35 2.75
N LEU G 140 30.44 -7.37 3.88
CA LEU G 140 29.79 -7.52 5.18
C LEU G 140 29.25 -6.19 5.75
N TYR G 141 29.44 -5.12 4.98
CA TYR G 141 28.75 -3.86 5.23
C TYR G 141 27.34 -3.95 4.64
N ARG G 142 27.25 -4.63 3.49
CA ARG G 142 25.98 -4.87 2.79
C ARG G 142 25.06 -5.80 3.58
N VAL G 143 25.62 -6.92 4.03
CA VAL G 143 24.88 -7.93 4.79
C VAL G 143 24.59 -7.42 6.22
N GLY G 144 25.46 -6.56 6.73
CA GLY G 144 25.32 -6.01 8.07
C GLY G 144 24.35 -4.84 8.19
N ARG G 145 23.31 -4.85 7.36
CA ARG G 145 22.26 -3.83 7.40
C ARG G 145 20.86 -4.43 7.32
N THR G 146 20.78 -5.77 7.45
CA THR G 146 19.52 -6.49 7.37
C THR G 146 19.43 -7.54 8.49
N GLN G 147 18.29 -7.57 9.17
CA GLN G 147 18.04 -8.54 10.25
C GLN G 147 16.85 -9.45 9.91
N MET G 148 15.95 -8.97 9.07
CA MET G 148 14.81 -9.74 8.58
C MET G 148 15.28 -10.70 7.47
N PRO G 149 14.80 -11.96 7.48
CA PRO G 149 15.21 -13.00 6.52
C PRO G 149 15.31 -12.51 5.07
N GLU G 150 16.50 -12.07 4.68
CA GLU G 150 16.78 -11.55 3.34
C GLU G 150 18.29 -11.62 3.06
N TYR G 151 19.08 -11.57 4.13
CA TYR G 151 20.55 -11.66 4.06
C TYR G 151 21.06 -13.01 3.56
N ARG G 152 20.16 -13.99 3.52
CA ARG G 152 20.43 -15.31 2.95
C ARG G 152 20.59 -15.20 1.42
N LYS G 153 19.85 -14.26 0.82
CA LYS G 153 19.98 -13.94 -0.59
C LYS G 153 21.11 -12.95 -0.85
N LYS G 154 21.45 -12.15 0.18
CA LYS G 154 22.52 -11.16 0.10
C LYS G 154 23.91 -11.79 0.20
N LEU G 155 24.02 -12.83 1.03
CA LEU G 155 25.24 -13.62 1.16
C LEU G 155 25.47 -14.46 -0.09
N MET G 156 24.38 -14.72 -0.82
CA MET G 156 24.41 -15.43 -2.10
C MET G 156 25.06 -14.57 -3.19
N ASP G 157 24.89 -13.26 -3.09
CA ASP G 157 25.48 -12.29 -4.04
C ASP G 157 27.00 -12.21 -3.91
N GLY G 158 27.50 -12.41 -2.69
CA GLY G 158 28.94 -12.39 -2.41
C GLY G 158 29.66 -13.65 -2.84
N LEU G 159 28.90 -14.73 -3.04
CA LEU G 159 29.44 -16.02 -3.49
C LEU G 159 29.64 -16.08 -5.01
N THR G 160 29.05 -15.12 -5.72
CA THR G 160 29.18 -15.01 -7.18
C THR G 160 30.60 -14.60 -7.58
N ASN G 161 31.20 -13.74 -6.75
CA ASN G 161 32.57 -13.27 -6.96
C ASN G 161 33.63 -14.21 -6.37
N GLN G 162 33.19 -15.11 -5.50
CA GLN G 162 34.05 -16.11 -4.87
C GLN G 162 34.62 -17.10 -5.88
N CYS G 163 33.78 -17.54 -6.81
CA CYS G 163 34.11 -18.61 -7.75
C CYS G 163 34.70 -18.11 -9.07
N LYS G 164 35.34 -16.95 -9.04
CA LYS G 164 35.99 -16.40 -10.22
C LYS G 164 37.38 -17.02 -10.47
N MET G 165 37.98 -17.56 -9.42
CA MET G 165 39.26 -18.27 -9.52
C MET G 165 39.36 -19.48 -8.58
N ILE G 166 39.03 -19.30 -7.31
CA ILE G 166 39.11 -20.36 -6.31
C ILE G 166 37.71 -20.89 -5.94
N ASN G 167 37.68 -22.07 -5.32
CA ASN G 167 36.43 -22.77 -4.98
C ASN G 167 35.44 -22.01 -4.08
N GLU G 168 34.22 -22.54 -3.98
CA GLU G 168 33.15 -21.95 -3.18
C GLU G 168 33.44 -22.12 -1.68
N GLN G 169 33.63 -21.00 -0.99
CA GLN G 169 33.93 -21.03 0.45
C GLN G 169 33.11 -20.06 1.27
N PHE G 170 32.78 -20.50 2.50
CA PHE G 170 32.02 -19.70 3.45
C PHE G 170 32.86 -19.47 4.71
N GLU G 171 32.62 -18.36 5.39
CA GLU G 171 33.38 -18.02 6.60
C GLU G 171 32.52 -17.80 7.86
N PRO G 172 31.49 -16.92 7.79
CA PRO G 172 30.74 -16.61 9.00
C PRO G 172 29.79 -17.73 9.42
N LEU G 173 29.44 -17.74 10.71
CA LEU G 173 28.55 -18.76 11.27
C LEU G 173 27.16 -18.68 10.67
N VAL G 174 26.49 -19.83 10.57
CA VAL G 174 25.19 -19.92 9.92
C VAL G 174 23.99 -19.59 10.84
N PRO G 175 23.85 -20.30 11.98
CA PRO G 175 22.63 -20.11 12.78
C PRO G 175 22.60 -18.82 13.60
N GLU G 176 23.49 -18.71 14.59
CA GLU G 176 23.47 -17.59 15.54
C GLU G 176 24.41 -16.45 15.18
N GLY G 177 25.53 -16.77 14.52
CA GLY G 177 26.52 -15.77 14.14
C GLY G 177 26.05 -14.89 12.99
N ARG G 178 25.16 -13.96 13.29
CA ARG G 178 24.59 -13.06 12.29
C ARG G 178 24.86 -11.60 12.66
N ASP G 179 25.02 -11.34 13.95
CA ASP G 179 25.32 -10.00 14.46
C ASP G 179 26.84 -9.75 14.54
N ILE G 180 27.62 -10.77 14.20
CA ILE G 180 29.09 -10.67 14.22
C ILE G 180 29.65 -9.71 13.16
N PHE G 181 28.79 -9.28 12.24
CA PHE G 181 29.16 -8.27 11.24
C PHE G 181 28.21 -7.06 11.21
N ASP G 182 27.13 -7.15 11.98
CA ASP G 182 26.18 -6.03 12.15
C ASP G 182 26.82 -4.88 12.93
N VAL G 183 27.63 -5.23 13.94
CA VAL G 183 28.25 -4.25 14.83
C VAL G 183 29.57 -3.71 14.23
N TRP G 184 29.87 -4.11 12.99
CA TRP G 184 31.05 -3.64 12.26
C TRP G 184 30.94 -2.17 11.89
N GLY G 185 29.76 -1.77 11.40
CA GLY G 185 29.50 -0.40 10.97
C GLY G 185 29.48 0.63 12.09
N ASN G 186 29.97 0.25 13.27
CA ASN G 186 30.10 1.16 14.40
C ASN G 186 31.45 1.85 14.44
N ASP G 187 32.48 1.16 13.93
CA ASP G 187 33.83 1.71 13.85
C ASP G 187 33.94 2.67 12.67
N SER G 188 34.26 3.92 12.97
CA SER G 188 34.37 4.96 11.95
C SER G 188 35.53 4.71 10.98
N ASN G 189 36.52 3.93 11.43
CA ASN G 189 37.64 3.54 10.59
C ASN G 189 37.25 2.56 9.48
N TYR G 190 36.41 1.57 9.82
CA TYR G 190 35.91 0.60 8.86
C TYR G 190 35.03 1.25 7.79
N THR G 191 34.15 2.15 8.22
CA THR G 191 33.23 2.84 7.32
C THR G 191 33.97 3.71 6.31
N LYS G 192 35.06 4.33 6.76
CA LYS G 192 35.89 5.19 5.92
C LYS G 192 36.61 4.41 4.82
N ILE G 193 37.03 3.19 5.14
CA ILE G 193 37.66 2.31 4.15
C ILE G 193 36.64 1.90 3.09
N VAL G 194 35.51 1.35 3.56
CA VAL G 194 34.40 0.91 2.71
C VAL G 194 33.92 1.99 1.74
N ALA G 195 33.78 3.21 2.25
CA ALA G 195 33.35 4.35 1.45
C ALA G 195 34.39 4.76 0.42
N ALA G 196 35.66 4.70 0.81
CA ALA G 196 36.78 5.10 -0.05
C ALA G 196 36.97 4.14 -1.22
N VAL G 197 36.69 2.86 -0.98
CA VAL G 197 36.75 1.85 -2.02
C VAL G 197 35.74 2.19 -3.13
N ASP G 198 34.51 2.45 -2.73
CA ASP G 198 33.43 2.76 -3.66
C ASP G 198 33.71 4.06 -4.43
N MET G 199 34.13 5.10 -3.72
CA MET G 199 34.44 6.39 -4.35
C MET G 199 35.57 6.26 -5.37
N PHE G 200 36.52 5.37 -5.08
CA PHE G 200 37.61 5.09 -6.00
C PHE G 200 37.10 4.47 -7.31
N PHE G 201 36.37 3.36 -7.19
CA PHE G 201 35.91 2.62 -8.36
C PHE G 201 34.66 3.20 -9.03
N HIS G 202 34.06 4.21 -8.40
CA HIS G 202 33.01 5.00 -9.08
C HIS G 202 33.68 5.93 -10.08
N MET G 203 34.88 6.40 -9.73
CA MET G 203 35.70 7.20 -10.64
C MET G 203 36.25 6.32 -11.76
N PHE G 204 36.85 5.19 -11.40
CA PHE G 204 37.39 4.25 -12.37
C PHE G 204 36.37 3.14 -12.64
N LYS G 205 35.53 3.37 -13.64
CA LYS G 205 34.44 2.45 -14.00
C LYS G 205 34.94 1.12 -14.57
N LYS G 206 35.96 1.18 -15.43
CA LYS G 206 36.42 0.01 -16.16
C LYS G 206 37.78 -0.53 -15.69
N HIS G 207 38.07 -0.37 -14.40
CA HIS G 207 39.29 -0.93 -13.81
C HIS G 207 39.14 -2.45 -13.61
N GLU G 208 40.27 -3.15 -13.52
CA GLU G 208 40.29 -4.61 -13.38
C GLU G 208 39.69 -5.10 -12.06
N CYS G 209 39.82 -4.28 -11.02
CA CYS G 209 39.28 -4.60 -9.70
C CYS G 209 38.08 -3.70 -9.36
N ALA G 210 37.29 -3.35 -10.37
CA ALA G 210 36.08 -2.56 -10.18
C ALA G 210 34.90 -3.41 -9.73
N SER G 211 35.05 -4.73 -9.85
CA SER G 211 34.02 -5.68 -9.40
C SER G 211 33.98 -5.79 -7.88
N PHE G 212 34.84 -5.02 -7.21
CA PHE G 212 34.83 -4.91 -5.75
C PHE G 212 33.66 -4.07 -5.26
N ARG G 213 33.01 -3.35 -6.18
CA ARG G 213 31.83 -2.53 -5.87
C ARG G 213 30.61 -3.40 -5.55
N TYR G 214 30.64 -4.66 -5.98
CA TYR G 214 29.60 -5.63 -5.65
C TYR G 214 29.50 -5.89 -4.15
N GLY G 215 30.41 -5.30 -3.39
CA GLY G 215 30.37 -5.36 -1.92
C GLY G 215 30.08 -4.02 -1.27
N THR G 216 30.48 -2.92 -1.92
CA THR G 216 30.44 -1.59 -1.31
C THR G 216 29.48 -0.60 -1.97
N ILE G 217 28.73 -1.04 -2.98
CA ILE G 217 27.82 -0.15 -3.73
C ILE G 217 26.69 0.40 -2.84
N VAL G 218 26.23 -0.41 -1.89
CA VAL G 218 25.11 -0.04 -1.02
C VAL G 218 25.42 1.17 -0.13
N SER G 219 26.70 1.50 -0.03
CA SER G 219 27.14 2.63 0.76
C SER G 219 26.90 3.95 0.04
N ARG G 220 26.83 3.90 -1.29
CA ARG G 220 26.68 5.11 -2.09
C ARG G 220 25.26 5.65 -1.99
N PHE G 221 25.15 6.89 -1.51
CA PHE G 221 23.85 7.57 -1.29
C PHE G 221 23.01 6.97 -0.17
N LYS G 222 23.57 6.00 0.55
CA LYS G 222 23.04 5.62 1.86
C LYS G 222 23.12 6.88 2.72
N ASP G 223 22.07 7.15 3.48
CA ASP G 223 21.94 8.38 4.27
C ASP G 223 21.40 9.58 3.45
N CYS G 224 21.15 9.35 2.17
CA CYS G 224 20.56 10.38 1.30
C CYS G 224 19.20 9.94 0.74
N ALA G 225 18.40 9.32 1.60
CA ALA G 225 17.10 8.78 1.22
C ALA G 225 16.09 9.85 0.80
N ALA G 226 16.11 11.01 1.45
CA ALA G 226 15.19 12.08 1.12
C ALA G 226 15.36 12.51 -0.34
N LEU G 227 16.60 12.43 -0.84
CA LEU G 227 16.87 12.78 -2.23
C LEU G 227 16.38 11.71 -3.20
N ALA G 228 16.40 10.45 -2.76
CA ALA G 228 15.83 9.35 -3.55
C ALA G 228 14.31 9.49 -3.70
N THR G 229 13.64 9.91 -2.62
CA THR G 229 12.20 10.21 -2.69
C THR G 229 11.93 11.26 -3.79
N PHE G 230 12.71 12.33 -3.76
CA PHE G 230 12.57 13.42 -4.72
C PHE G 230 12.80 12.92 -6.15
N GLY G 231 13.87 12.16 -6.35
CA GLY G 231 14.16 11.52 -7.63
C GLY G 231 13.08 10.56 -8.09
N HIS G 232 12.51 9.81 -7.15
CA HIS G 232 11.44 8.85 -7.42
C HIS G 232 10.14 9.55 -7.83
N LEU G 233 9.88 10.70 -7.20
CA LEU G 233 8.71 11.52 -7.51
C LEU G 233 8.79 12.06 -8.94
N CYS G 234 9.98 12.53 -9.33
CA CYS G 234 10.16 13.07 -10.68
C CYS G 234 9.95 12.01 -11.75
N LYS G 235 10.53 10.83 -11.55
CA LYS G 235 10.34 9.70 -12.46
C LYS G 235 8.89 9.21 -12.55
N ILE G 236 8.15 9.30 -11.44
CA ILE G 236 6.78 8.79 -11.40
C ILE G 236 5.75 9.77 -11.98
N THR G 237 5.98 11.06 -11.74
CA THR G 237 5.11 12.10 -12.28
C THR G 237 5.55 12.46 -13.68
N GLY G 238 6.78 12.08 -14.02
CA GLY G 238 7.36 12.39 -15.31
C GLY G 238 7.65 13.86 -15.51
N MET G 239 7.72 14.61 -14.41
CA MET G 239 7.98 16.04 -14.47
C MET G 239 9.43 16.31 -14.08
N SER G 240 9.86 17.53 -14.33
CA SER G 240 11.21 17.97 -13.97
C SER G 240 11.27 18.23 -12.47
N THR G 241 12.48 18.51 -11.98
CA THR G 241 12.66 18.84 -10.57
C THR G 241 12.04 20.19 -10.25
N GLU G 242 12.08 21.09 -11.22
CA GLU G 242 11.55 22.44 -11.06
C GLU G 242 10.02 22.45 -10.96
N ASP G 243 9.37 21.65 -11.81
CA ASP G 243 7.91 21.54 -11.81
C ASP G 243 7.35 20.80 -10.59
N VAL G 244 8.08 19.80 -10.10
CA VAL G 244 7.70 19.08 -8.88
C VAL G 244 7.73 20.05 -7.70
N THR G 245 8.83 20.79 -7.59
CA THR G 245 9.00 21.82 -6.55
C THR G 245 7.79 22.76 -6.49
N THR G 246 7.25 23.11 -7.65
CA THR G 246 6.19 24.08 -7.78
C THR G 246 4.85 23.54 -7.26
N TRP G 247 4.77 22.21 -7.14
CA TRP G 247 3.57 21.55 -6.62
C TRP G 247 3.58 21.32 -5.11
N ILE G 248 4.64 21.77 -4.43
CA ILE G 248 4.69 21.74 -2.98
C ILE G 248 3.67 22.74 -2.40
N LEU G 249 2.69 22.22 -1.65
CA LEU G 249 1.59 23.04 -1.15
C LEU G 249 1.51 23.17 0.38
N ASN G 250 2.54 22.69 1.07
CA ASN G 250 2.64 22.81 2.52
C ASN G 250 3.94 23.47 2.98
N ARG G 251 3.83 24.37 3.96
CA ARG G 251 4.96 25.12 4.48
C ARG G 251 6.09 24.28 5.07
N GLU G 252 5.74 23.20 5.77
CA GLU G 252 6.74 22.32 6.38
C GLU G 252 7.54 21.56 5.33
N VAL G 253 6.88 21.20 4.23
CA VAL G 253 7.57 20.53 3.11
C VAL G 253 8.54 21.52 2.48
N ALA G 254 8.05 22.74 2.22
CA ALA G 254 8.84 23.83 1.69
C ALA G 254 10.10 24.12 2.51
N ASP G 255 9.93 24.24 3.83
CA ASP G 255 11.04 24.42 4.76
C ASP G 255 12.05 23.29 4.66
N GLU G 256 11.54 22.07 4.55
CA GLU G 256 12.38 20.89 4.41
C GLU G 256 13.08 20.86 3.05
N MET G 257 12.38 21.33 2.02
CA MET G 257 12.93 21.41 0.68
C MET G 257 14.07 22.42 0.57
N VAL G 258 13.92 23.55 1.26
CA VAL G 258 14.96 24.58 1.29
C VAL G 258 16.18 24.04 2.06
N GLN G 259 15.93 23.30 3.13
CA GLN G 259 16.98 22.69 3.93
C GLN G 259 17.85 21.76 3.09
N MET G 260 17.24 20.83 2.35
CA MET G 260 18.01 19.86 1.57
C MET G 260 18.56 20.40 0.24
N MET G 261 18.20 21.64 -0.09
CA MET G 261 18.67 22.27 -1.32
C MET G 261 19.64 23.43 -1.09
N LEU G 262 20.48 23.30 -0.07
CA LEU G 262 21.55 24.28 0.13
C LEU G 262 22.47 24.31 -1.10
N PRO G 263 22.76 25.53 -1.60
CA PRO G 263 23.48 25.80 -2.84
C PRO G 263 24.78 25.04 -3.09
N GLY G 264 25.57 24.78 -2.05
CA GLY G 264 26.92 24.26 -2.27
C GLY G 264 27.31 22.99 -1.56
N GLN G 265 26.63 21.89 -1.88
CA GLN G 265 26.93 20.61 -1.23
C GLN G 265 27.38 19.52 -2.21
N GLU G 266 27.47 19.87 -3.48
CA GLU G 266 27.88 18.96 -4.56
C GLU G 266 26.91 17.78 -4.71
N ILE G 267 25.62 18.09 -4.80
CA ILE G 267 24.59 17.08 -5.01
C ILE G 267 24.71 16.51 -6.43
N ASP G 268 24.74 17.39 -7.42
CA ASP G 268 24.76 16.99 -8.82
C ASP G 268 26.15 16.70 -9.39
N LYS G 269 27.17 16.73 -8.53
CA LYS G 269 28.54 16.47 -8.96
C LYS G 269 28.79 14.97 -9.14
N ALA G 270 29.48 14.62 -10.22
CA ALA G 270 29.81 13.24 -10.55
C ALA G 270 30.52 12.49 -9.43
N ASP G 271 31.82 12.75 -9.25
CA ASP G 271 32.62 12.08 -8.24
C ASP G 271 32.98 13.03 -7.10
N SER G 272 32.26 12.90 -6.00
CA SER G 272 32.37 13.82 -4.86
C SER G 272 32.40 13.06 -3.53
N TYR G 273 32.65 13.80 -2.45
CA TYR G 273 32.56 13.28 -1.08
C TYR G 273 31.11 13.11 -0.62
N MET G 274 30.24 14.00 -1.09
CA MET G 274 28.84 14.08 -0.65
C MET G 274 28.10 12.75 -0.45
N PRO G 275 28.15 11.81 -1.43
CA PRO G 275 27.39 10.55 -1.31
C PRO G 275 27.68 9.72 -0.05
N TYR G 276 28.83 9.96 0.58
CA TYR G 276 29.27 9.17 1.73
C TYR G 276 29.49 10.03 2.96
N LEU G 277 28.68 11.08 3.11
CA LEU G 277 28.86 12.10 4.15
C LEU G 277 28.91 11.58 5.60
N ILE G 278 28.18 10.51 5.89
CA ILE G 278 28.20 9.94 7.24
C ILE G 278 29.39 8.99 7.43
N ASP G 279 29.61 8.10 6.47
CA ASP G 279 30.70 7.11 6.51
C ASP G 279 32.09 7.75 6.58
N PHE G 280 32.23 8.94 6.01
CA PHE G 280 33.50 9.68 6.04
C PHE G 280 33.61 10.63 7.23
N GLY G 281 32.61 10.61 8.10
CA GLY G 281 32.62 11.45 9.30
C GLY G 281 32.42 12.95 9.08
N LEU G 282 32.00 13.32 7.88
CA LEU G 282 31.74 14.74 7.56
C LEU G 282 30.50 15.25 8.27
N SER G 283 29.62 14.35 8.65
CA SER G 283 28.35 14.70 9.27
C SER G 283 27.94 13.66 10.31
N SER G 284 27.25 14.10 11.35
CA SER G 284 26.66 13.18 12.33
C SER G 284 25.14 13.26 12.31
N LYS G 285 24.60 14.10 11.42
CA LYS G 285 23.18 14.39 11.35
C LYS G 285 22.85 14.83 9.93
N SER G 286 22.54 13.87 9.07
CA SER G 286 22.39 14.11 7.64
C SER G 286 21.18 14.98 7.30
N PRO G 287 21.38 16.02 6.49
CA PRO G 287 20.27 16.84 6.01
C PRO G 287 19.38 16.08 5.01
N TYR G 288 19.86 14.93 4.54
CA TYR G 288 19.21 14.18 3.48
C TYR G 288 18.58 12.87 3.99
N TRP G 289 18.51 12.74 5.31
CA TRP G 289 17.78 11.66 5.95
C TRP G 289 16.29 11.92 5.85
N SER G 290 15.53 10.88 5.50
CA SER G 290 14.07 10.96 5.50
C SER G 290 13.55 11.48 6.83
N VAL G 291 14.17 11.03 7.90
CA VAL G 291 13.80 11.39 9.27
C VAL G 291 13.95 12.90 9.54
N LYS G 292 14.81 13.56 8.76
CA LYS G 292 15.00 15.01 8.90
C LYS G 292 14.09 15.79 7.95
N ASN G 293 13.44 15.06 7.06
CA ASN G 293 12.45 15.63 6.14
C ASN G 293 11.15 14.82 6.19
N PRO G 294 10.49 14.77 7.37
CA PRO G 294 9.35 13.88 7.59
C PRO G 294 8.15 14.24 6.72
N ALA G 295 7.80 15.52 6.72
CA ALA G 295 6.66 16.03 5.95
C ALA G 295 6.84 15.75 4.46
N PHE G 296 8.04 16.00 3.95
CA PHE G 296 8.35 15.78 2.54
C PHE G 296 8.26 14.31 2.16
N HIS G 297 8.83 13.43 3.00
CA HIS G 297 8.80 11.99 2.80
C HIS G 297 7.36 11.48 2.67
N PHE G 298 6.53 11.84 3.65
CA PHE G 298 5.14 11.42 3.66
C PHE G 298 4.43 11.92 2.41
N TRP G 299 4.58 13.21 2.12
CA TRP G 299 3.94 13.81 0.95
C TRP G 299 4.45 13.19 -0.37
N GLY G 300 5.75 12.96 -0.44
CA GLY G 300 6.37 12.39 -1.65
C GLY G 300 5.90 10.98 -1.93
N GLN G 301 6.05 10.09 -0.94
CA GLN G 301 5.68 8.69 -1.09
C GLN G 301 4.18 8.50 -1.30
N LEU G 302 3.36 9.28 -0.60
CA LEU G 302 1.91 9.20 -0.77
C LEU G 302 1.48 9.53 -2.20
N THR G 303 2.06 10.58 -2.77
CA THR G 303 1.75 10.96 -4.15
C THR G 303 2.15 9.85 -5.12
N ALA G 304 3.39 9.38 -4.99
CA ALA G 304 3.88 8.28 -5.81
C ALA G 304 2.97 7.05 -5.73
N LEU G 305 2.57 6.68 -4.51
CA LEU G 305 1.66 5.55 -4.31
C LEU G 305 0.40 5.67 -5.13
N LEU G 306 -0.25 6.83 -5.06
CA LEU G 306 -1.49 7.07 -5.79
C LEU G 306 -1.25 7.08 -7.30
N LEU G 307 0.01 7.22 -7.67
CA LEU G 307 0.43 7.20 -9.07
C LEU G 307 1.00 5.84 -9.49
N ARG G 308 0.64 4.80 -8.73
CA ARG G 308 0.95 3.40 -9.06
C ARG G 308 2.38 2.92 -8.72
N SER G 309 3.04 3.61 -7.79
CA SER G 309 4.44 3.32 -7.43
C SER G 309 4.63 1.99 -6.71
N THR G 310 5.53 1.16 -7.25
CA THR G 310 5.83 -0.16 -6.68
C THR G 310 6.66 -0.07 -5.40
N ARG G 311 7.31 1.06 -5.17
CA ARG G 311 8.22 1.22 -4.02
C ARG G 311 7.52 1.83 -2.80
N ALA G 312 6.56 2.71 -3.04
CA ALA G 312 5.94 3.52 -1.98
C ALA G 312 5.09 2.72 -0.99
N ARG G 313 4.59 1.56 -1.40
CA ARG G 313 3.75 0.71 -0.53
C ARG G 313 4.38 0.51 0.85
N ASN G 314 5.67 0.14 0.86
CA ASN G 314 6.34 -0.24 2.10
C ASN G 314 7.20 0.85 2.76
N ALA G 315 7.03 2.10 2.32
CA ALA G 315 7.72 3.23 2.95
C ALA G 315 7.03 3.53 4.27
N ARG G 316 7.80 3.82 5.31
CA ARG G 316 7.22 3.99 6.64
C ARG G 316 6.57 5.34 6.85
N GLN G 317 5.64 5.40 7.81
CA GLN G 317 4.91 6.61 8.14
C GLN G 317 5.57 7.32 9.33
N PRO G 318 6.05 8.56 9.12
CA PRO G 318 6.64 9.37 10.19
C PRO G 318 5.65 9.77 11.28
N ASP G 319 6.19 10.17 12.44
CA ASP G 319 5.40 10.75 13.52
C ASP G 319 5.46 12.29 13.47
N ASP G 320 4.51 12.94 14.15
CA ASP G 320 4.55 14.39 14.44
C ASP G 320 4.54 15.29 13.18
N ILE G 321 3.68 14.96 12.23
CA ILE G 321 3.50 15.76 11.01
C ILE G 321 2.02 15.96 10.71
N GLU G 322 1.71 16.91 9.84
CA GLU G 322 0.34 17.27 9.53
C GLU G 322 -0.32 16.33 8.52
N TYR G 323 -0.60 15.10 8.93
CA TYR G 323 -1.21 14.11 8.01
C TYR G 323 -2.37 14.69 7.20
N THR G 324 -3.38 15.24 7.88
CA THR G 324 -4.58 15.69 7.18
C THR G 324 -4.22 16.63 6.04
N SER G 325 -3.47 17.68 6.37
CA SER G 325 -3.08 18.71 5.43
C SER G 325 -2.19 18.18 4.29
N LEU G 326 -1.35 17.19 4.60
CA LEU G 326 -0.43 16.63 3.63
C LEU G 326 -1.07 15.68 2.63
N THR G 327 -2.12 14.96 3.04
CA THR G 327 -2.78 14.03 2.13
C THR G 327 -3.69 14.73 1.13
N THR G 328 -4.39 15.79 1.57
CA THR G 328 -5.16 16.64 0.67
C THR G 328 -4.24 17.11 -0.46
N ALA G 329 -3.11 17.71 -0.07
CA ALA G 329 -2.09 18.16 -1.02
C ALA G 329 -1.67 17.05 -1.97
N GLY G 330 -1.19 15.93 -1.41
CA GLY G 330 -0.81 14.76 -2.19
C GLY G 330 -1.87 14.27 -3.16
N LEU G 331 -3.13 14.24 -2.72
CA LEU G 331 -4.25 13.81 -3.56
C LEU G 331 -4.44 14.73 -4.78
N LEU G 332 -4.48 16.03 -4.53
CA LEU G 332 -4.68 17.00 -5.61
C LEU G 332 -3.60 16.86 -6.68
N TYR G 333 -2.35 16.75 -6.23
CA TYR G 333 -1.21 16.57 -7.11
C TYR G 333 -1.36 15.29 -7.93
N ALA G 334 -1.56 14.17 -7.24
CA ALA G 334 -1.69 12.87 -7.88
C ALA G 334 -2.85 12.83 -8.88
N TYR G 335 -3.97 13.44 -8.49
CA TYR G 335 -5.14 13.54 -9.36
C TYR G 335 -4.81 14.32 -10.64
N ALA G 336 -4.04 15.40 -10.50
CA ALA G 336 -3.65 16.22 -11.65
C ALA G 336 -2.83 15.46 -12.67
N VAL G 337 -1.85 14.70 -12.19
CA VAL G 337 -1.01 13.86 -13.04
C VAL G 337 -1.82 12.75 -13.72
N GLY G 338 -2.69 12.10 -12.95
CA GLY G 338 -3.47 10.95 -13.43
C GLY G 338 -4.64 11.30 -14.32
N SER G 339 -5.16 12.53 -14.19
CA SER G 339 -6.27 12.99 -15.03
C SER G 339 -5.78 13.69 -16.30
N SER G 340 -4.48 13.96 -16.36
CA SER G 340 -3.92 14.74 -17.46
C SER G 340 -2.60 14.15 -17.98
N ALA G 341 -2.69 13.04 -18.71
CA ALA G 341 -1.54 12.42 -19.38
C ALA G 341 -0.95 13.34 -20.46
N ASP G 342 0.36 13.23 -20.68
CA ASP G 342 1.04 14.05 -21.71
C ASP G 342 0.41 13.78 -23.09
N LEU G 343 0.69 12.60 -23.64
CA LEU G 343 0.09 12.10 -24.88
C LEU G 343 0.15 13.03 -26.07
N ALA G 344 1.31 13.07 -26.71
CA ALA G 344 1.53 13.79 -27.96
C ALA G 344 2.24 12.85 -28.93
N GLN G 345 2.11 13.13 -30.23
CA GLN G 345 2.75 12.32 -31.26
C GLN G 345 4.27 12.50 -31.22
N GLN G 346 5.02 11.46 -31.58
CA GLN G 346 6.48 11.50 -31.49
C GLN G 346 7.14 11.31 -32.85
N PHE G 347 6.53 10.49 -33.71
CA PHE G 347 7.08 10.16 -35.02
C PHE G 347 5.97 10.24 -36.06
N CYS G 348 6.34 10.55 -37.30
CA CYS G 348 5.35 10.71 -38.37
C CYS G 348 5.84 10.22 -39.73
N VAL G 349 4.96 10.30 -40.73
CA VAL G 349 5.25 9.94 -42.12
C VAL G 349 4.90 11.11 -43.07
N GLY G 350 4.37 12.19 -42.48
CA GLY G 350 3.79 13.30 -43.24
C GLY G 350 2.48 13.67 -42.56
N ASP G 351 1.82 12.66 -42.00
CA ASP G 351 0.64 12.81 -41.16
C ASP G 351 1.04 13.27 -39.77
N ASN G 352 0.71 14.52 -39.45
CA ASN G 352 1.01 15.11 -38.15
C ASN G 352 -0.29 15.48 -37.42
N LYS G 353 -0.20 15.69 -36.12
CA LYS G 353 -1.36 16.14 -35.33
C LYS G 353 -1.07 17.44 -34.61
N TYR G 354 -1.97 18.41 -34.78
CA TYR G 354 -1.87 19.71 -34.12
C TYR G 354 -3.12 19.99 -33.27
N THR G 355 -3.10 21.12 -32.56
CA THR G 355 -4.22 21.57 -31.74
C THR G 355 -4.06 23.04 -31.30
N PRO G 356 -4.14 24.00 -32.26
CA PRO G 356 -3.77 25.39 -31.97
C PRO G 356 -4.87 26.21 -31.27
N ASP G 357 -5.63 26.99 -32.04
CA ASP G 357 -6.81 27.72 -31.55
C ASP G 357 -7.95 26.73 -31.23
N ASP G 358 -7.57 25.53 -30.80
CA ASP G 358 -8.47 24.39 -30.73
C ASP G 358 -9.38 24.39 -29.48
N SER G 359 -9.08 23.48 -28.55
CA SER G 359 -9.88 23.32 -27.33
C SER G 359 -9.68 24.50 -26.38
N THR G 360 -10.56 25.49 -26.50
CA THR G 360 -10.48 26.71 -25.72
C THR G 360 -11.83 27.14 -25.16
N GLY G 361 -12.57 27.94 -25.92
CA GLY G 361 -13.79 28.61 -25.45
C GLY G 361 -15.05 27.78 -25.38
N GLY G 362 -15.01 26.69 -24.61
CA GLY G 362 -16.20 25.89 -24.32
C GLY G 362 -16.76 26.30 -22.97
N LEU G 363 -17.89 26.99 -22.99
CA LEU G 363 -18.51 27.57 -21.78
C LEU G 363 -18.86 26.52 -20.72
N THR G 364 -19.53 25.44 -21.15
CA THR G 364 -19.88 24.36 -20.26
C THR G 364 -18.63 23.55 -19.92
N THR G 365 -18.00 23.91 -18.80
CA THR G 365 -16.78 23.26 -18.34
C THR G 365 -17.09 22.15 -17.34
N ASN G 366 -17.20 22.51 -16.07
CA ASN G 366 -17.32 21.55 -14.96
C ASN G 366 -16.09 20.66 -14.87
N ALA G 367 -15.28 20.68 -15.93
CA ALA G 367 -14.11 19.81 -16.05
C ALA G 367 -12.88 20.40 -15.37
N PRO G 368 -12.01 19.53 -14.83
CA PRO G 368 -10.72 19.95 -14.28
C PRO G 368 -9.80 20.53 -15.36
N PRO G 369 -8.76 21.30 -14.96
CA PRO G 369 -7.84 21.88 -15.93
C PRO G 369 -7.25 20.85 -16.88
N GLN G 370 -6.96 21.29 -18.10
CA GLN G 370 -6.45 20.42 -19.17
C GLN G 370 -5.05 19.87 -18.90
N GLY G 371 -4.20 20.67 -18.27
CA GLY G 371 -2.80 20.30 -18.06
C GLY G 371 -2.42 20.03 -16.61
N ARG G 372 -1.17 20.34 -16.29
CA ARG G 372 -0.60 20.11 -14.95
C ARG G 372 -0.07 21.40 -14.33
N ASP G 373 -0.63 22.54 -14.75
CA ASP G 373 -0.30 23.85 -14.20
C ASP G 373 -0.88 23.97 -12.79
N VAL G 374 -0.01 24.13 -11.80
CA VAL G 374 -0.42 24.17 -10.40
C VAL G 374 -1.40 25.33 -10.11
N VAL G 375 -1.18 26.47 -10.75
CA VAL G 375 -2.01 27.66 -10.49
C VAL G 375 -3.43 27.47 -11.05
N GLU G 376 -3.55 26.77 -12.17
CA GLU G 376 -4.84 26.38 -12.72
C GLU G 376 -5.59 25.45 -11.77
N TRP G 377 -4.87 24.46 -11.23
CA TRP G 377 -5.45 23.50 -10.29
C TRP G 377 -5.77 24.10 -8.93
N LEU G 378 -4.93 25.02 -8.47
CA LEU G 378 -5.20 25.72 -7.22
C LEU G 378 -6.47 26.55 -7.33
N GLY G 379 -6.64 27.21 -8.48
CA GLY G 379 -7.86 27.97 -8.78
C GLY G 379 -9.08 27.07 -8.88
N TRP G 380 -8.89 25.92 -9.54
CA TRP G 380 -9.95 24.92 -9.70
C TRP G 380 -10.37 24.33 -8.36
N PHE G 381 -9.40 24.16 -7.45
CA PHE G 381 -9.67 23.64 -6.12
C PHE G 381 -10.53 24.61 -5.30
N GLU G 382 -10.32 25.90 -5.51
CA GLU G 382 -11.16 26.94 -4.92
C GLU G 382 -12.62 26.89 -5.41
N ASP G 383 -12.81 26.43 -6.65
CA ASP G 383 -14.16 26.23 -7.18
C ASP G 383 -14.88 25.05 -6.53
N GLN G 384 -14.10 24.14 -5.93
CA GLN G 384 -14.63 22.99 -5.19
C GLN G 384 -14.52 23.22 -3.68
N ASN G 385 -14.68 24.47 -3.27
CA ASN G 385 -14.62 24.90 -1.85
C ASN G 385 -13.45 24.32 -1.03
N ARG G 386 -12.33 24.06 -1.71
CA ARG G 386 -11.12 23.50 -1.11
C ARG G 386 -11.45 22.18 -0.37
N LYS G 387 -12.18 21.31 -1.09
CA LYS G 387 -12.66 20.05 -0.57
C LYS G 387 -12.65 19.04 -1.72
N PRO G 388 -11.90 17.93 -1.56
CA PRO G 388 -11.79 16.91 -2.61
C PRO G 388 -13.13 16.50 -3.20
N THR G 389 -13.20 16.50 -4.53
CA THR G 389 -14.42 16.12 -5.25
C THR G 389 -14.65 14.61 -5.16
N PRO G 390 -15.91 14.16 -5.35
CA PRO G 390 -16.21 12.74 -5.46
C PRO G 390 -15.25 12.00 -6.40
N ASP G 391 -14.91 12.61 -7.52
CA ASP G 391 -14.06 11.97 -8.52
C ASP G 391 -12.59 11.84 -8.07
N MET G 392 -12.15 12.78 -7.24
CA MET G 392 -10.82 12.69 -6.61
C MET G 392 -10.78 11.50 -5.65
N MET G 393 -11.83 11.35 -4.85
CA MET G 393 -11.92 10.26 -3.87
C MET G 393 -12.00 8.89 -4.54
N GLN G 394 -12.75 8.81 -5.64
CA GLN G 394 -12.88 7.57 -6.39
C GLN G 394 -11.56 7.20 -7.09
N TYR G 395 -10.80 8.21 -7.49
CA TYR G 395 -9.52 7.99 -8.11
C TYR G 395 -8.56 7.37 -7.11
N ALA G 396 -8.56 7.91 -5.89
CA ALA G 396 -7.69 7.43 -4.83
C ALA G 396 -8.10 6.02 -4.40
N LYS G 397 -9.40 5.76 -4.36
CA LYS G 397 -9.92 4.45 -4.03
C LYS G 397 -9.40 3.40 -5.02
N ARG G 398 -9.54 3.70 -6.32
CA ARG G 398 -9.05 2.83 -7.40
C ARG G 398 -7.55 2.58 -7.28
N ALA G 399 -6.83 3.53 -6.71
CA ALA G 399 -5.37 3.46 -6.60
C ALA G 399 -4.91 2.55 -5.47
N VAL G 400 -5.76 2.35 -4.46
CA VAL G 400 -5.36 1.60 -3.26
C VAL G 400 -6.12 0.29 -3.03
N MET G 401 -7.26 0.12 -3.67
CA MET G 401 -8.15 -1.01 -3.37
C MET G 401 -7.60 -2.40 -3.67
N SER G 402 -6.71 -2.49 -4.66
CA SER G 402 -6.10 -3.76 -5.04
C SER G 402 -4.87 -4.13 -4.21
N LEU G 403 -4.40 -3.20 -3.40
CA LEU G 403 -3.19 -3.41 -2.59
C LEU G 403 -3.29 -4.67 -1.72
N GLN G 404 -2.21 -5.45 -1.71
CA GLN G 404 -2.13 -6.73 -1.00
C GLN G 404 -1.02 -6.76 0.04
N GLY G 405 -1.28 -7.40 1.17
CA GLY G 405 -0.27 -7.67 2.19
C GLY G 405 0.49 -6.46 2.70
N LEU G 406 -0.25 -5.50 3.25
CA LEU G 406 0.34 -4.25 3.74
C LEU G 406 0.91 -4.40 5.15
N ARG G 407 2.15 -3.98 5.30
CA ARG G 407 2.82 -3.96 6.60
C ARG G 407 2.37 -2.72 7.38
N GLU G 408 2.14 -2.89 8.67
CA GLU G 408 1.64 -1.80 9.51
C GLU G 408 2.63 -0.64 9.65
N LYS G 409 2.10 0.56 9.87
CA LYS G 409 2.90 1.79 9.99
C LYS G 409 3.66 2.20 8.72
N THR G 410 3.11 1.82 7.57
CA THR G 410 3.63 2.26 6.28
C THR G 410 2.65 3.28 5.69
N ILE G 411 3.09 4.01 4.66
CA ILE G 411 2.19 4.93 3.98
C ILE G 411 1.16 4.14 3.14
N GLY G 412 1.53 2.90 2.80
CA GLY G 412 0.64 1.97 2.11
C GLY G 412 -0.60 1.62 2.92
N LYS G 413 -0.39 1.20 4.17
CA LYS G 413 -1.49 0.95 5.09
C LYS G 413 -2.27 2.22 5.42
N TYR G 414 -1.60 3.36 5.41
CA TYR G 414 -2.25 4.65 5.68
C TYR G 414 -3.27 4.99 4.58
N ALA G 415 -2.82 4.92 3.33
CA ALA G 415 -3.65 5.27 2.18
C ALA G 415 -4.80 4.31 1.92
N LYS G 416 -4.64 3.05 2.33
CA LYS G 416 -5.73 2.10 2.24
C LYS G 416 -6.78 2.41 3.31
N SER G 417 -6.31 2.75 4.52
CA SER G 417 -7.19 3.17 5.60
C SER G 417 -7.92 4.46 5.27
N GLU G 418 -7.27 5.31 4.48
CA GLU G 418 -7.76 6.65 4.14
C GLU G 418 -8.76 6.65 2.99
N PHE G 419 -8.45 5.96 1.89
CA PHE G 419 -9.26 6.06 0.69
C PHE G 419 -10.01 4.77 0.34
N ASP G 420 -10.09 3.86 1.31
CA ASP G 420 -10.85 2.63 1.15
C ASP G 420 -11.45 2.17 2.48
N LYS G 421 -12.24 3.06 3.09
CA LYS G 421 -12.85 2.78 4.38
C LYS G 421 -13.92 1.70 4.27
N SER H 1 -23.63 30.21 44.31
CA SER H 1 -24.34 29.04 44.93
C SER H 1 -23.67 28.63 46.24
N VAL H 2 -24.42 28.79 47.34
CA VAL H 2 -23.95 28.39 48.66
C VAL H 2 -25.06 27.60 49.37
N THR H 3 -26.16 28.28 49.69
CA THR H 3 -27.27 27.65 50.42
C THR H 3 -28.23 26.89 49.50
N VAL H 4 -28.46 25.62 49.84
CA VAL H 4 -29.41 24.77 49.12
C VAL H 4 -30.54 24.37 50.06
N LYS H 5 -31.77 24.73 49.69
CA LYS H 5 -32.95 24.36 50.47
C LYS H 5 -33.63 23.15 49.86
N ARG H 6 -34.23 22.32 50.71
CA ARG H 6 -35.11 21.27 50.25
C ARG H 6 -36.51 21.85 50.14
N ILE H 7 -37.15 21.65 48.98
CA ILE H 7 -38.43 22.30 48.69
C ILE H 7 -39.59 21.83 49.58
N ILE H 8 -39.50 20.59 50.05
CA ILE H 8 -40.62 19.93 50.72
C ILE H 8 -40.87 20.45 52.13
N ASP H 9 -39.86 20.37 52.99
CA ASP H 9 -40.01 20.78 54.38
C ASP H 9 -39.22 22.06 54.73
N ASN H 10 -38.61 22.65 53.72
CA ASN H 10 -37.80 23.87 53.87
C ASN H 10 -36.64 23.71 54.88
N THR H 11 -35.97 22.56 54.80
CA THR H 11 -34.78 22.29 55.58
C THR H 11 -33.56 22.66 54.76
N VAL H 12 -32.51 23.13 55.43
CA VAL H 12 -31.25 23.47 54.78
C VAL H 12 -30.34 22.24 54.69
N ILE H 13 -29.85 21.96 53.49
CA ILE H 13 -28.86 20.92 53.27
C ILE H 13 -27.53 21.54 52.85
N VAL H 14 -26.43 21.05 53.42
CA VAL H 14 -25.10 21.50 53.02
C VAL H 14 -24.37 20.34 52.33
N PRO H 15 -24.38 20.33 50.99
CA PRO H 15 -23.63 19.32 50.23
C PRO H 15 -22.12 19.50 50.38
N LYS H 16 -21.45 18.44 50.81
CA LYS H 16 -20.00 18.45 51.01
C LYS H 16 -19.39 17.15 50.50
N LEU H 17 -18.07 17.16 50.31
CA LEU H 17 -17.34 15.96 49.88
C LEU H 17 -16.03 15.79 50.63
N PRO H 18 -15.54 14.54 50.73
CA PRO H 18 -14.19 14.27 51.22
C PRO H 18 -13.13 15.08 50.48
N ALA H 19 -12.17 15.63 51.24
CA ALA H 19 -11.09 16.41 50.66
C ALA H 19 -10.00 15.48 50.13
N ASN H 20 -9.80 15.54 48.81
CA ASN H 20 -8.70 14.84 48.17
C ASN H 20 -7.80 15.88 47.50
N GLU H 21 -6.82 16.36 48.25
CA GLU H 21 -5.99 17.50 47.83
C GLU H 21 -4.52 17.26 48.14
N ASP H 22 -3.76 16.92 47.09
CA ASP H 22 -2.30 16.81 47.19
C ASP H 22 -1.64 17.80 46.24
N PRO H 23 -1.10 18.91 46.79
CA PRO H 23 -0.50 19.98 46.00
C PRO H 23 0.73 19.52 45.24
N VAL H 24 0.76 19.80 43.94
CA VAL H 24 1.85 19.45 43.05
C VAL H 24 3.19 20.07 43.48
N GLU H 25 4.30 19.38 43.20
CA GLU H 25 5.63 19.84 43.60
C GLU H 25 6.49 20.30 42.42
N TYR H 26 6.77 21.60 42.38
CA TYR H 26 7.54 22.21 41.29
C TYR H 26 9.04 22.08 41.49
N PRO H 27 9.81 21.94 40.39
CA PRO H 27 11.27 21.73 40.48
C PRO H 27 12.01 22.88 41.16
N ALA H 28 11.64 24.11 40.82
CA ALA H 28 12.32 25.31 41.34
C ALA H 28 12.25 25.41 42.86
N ASP H 29 11.17 24.88 43.44
CA ASP H 29 10.94 24.95 44.88
C ASP H 29 11.94 24.13 45.70
N TYR H 30 12.56 23.13 45.08
CA TYR H 30 13.58 22.31 45.75
C TYR H 30 14.78 23.13 46.14
N PHE H 31 15.19 24.02 45.22
CA PHE H 31 16.37 24.86 45.40
C PHE H 31 16.06 26.11 46.24
N ARG H 32 14.85 26.14 46.81
CA ARG H 32 14.45 27.20 47.72
C ARG H 32 14.88 26.85 49.15
N LYS H 33 15.13 25.57 49.39
CA LYS H 33 15.49 25.06 50.72
C LYS H 33 16.87 24.40 50.75
N SER H 34 17.24 23.74 49.64
CA SER H 34 18.52 23.05 49.54
C SER H 34 19.35 23.55 48.35
N LYS H 35 20.67 23.47 48.48
CA LYS H 35 21.58 23.95 47.45
C LYS H 35 22.41 22.83 46.81
N GLU H 36 22.12 21.60 47.21
CA GLU H 36 22.86 20.44 46.69
C GLU H 36 22.00 19.19 46.57
N ILE H 37 22.22 18.44 45.50
CA ILE H 37 21.54 17.17 45.27
C ILE H 37 22.47 16.04 45.73
N PRO H 38 22.19 15.45 46.91
CA PRO H 38 23.11 14.48 47.49
C PRO H 38 23.05 13.13 46.79
N LEU H 39 24.22 12.61 46.45
CA LEU H 39 24.35 11.30 45.83
C LEU H 39 25.02 10.35 46.81
N TYR H 40 24.23 9.72 47.67
CA TYR H 40 24.74 8.82 48.71
C TYR H 40 25.26 7.53 48.09
N ILE H 41 26.49 7.59 47.59
CA ILE H 41 27.11 6.50 46.85
C ILE H 41 27.66 5.42 47.77
N ASN H 42 27.66 5.69 49.07
CA ASN H 42 28.14 4.76 50.10
C ASN H 42 29.49 4.14 49.71
N THR H 43 29.57 2.81 49.84
CA THR H 43 30.79 2.04 49.58
C THR H 43 31.48 2.43 48.28
N THR H 44 32.80 2.54 48.36
CA THR H 44 33.65 2.81 47.20
C THR H 44 34.99 2.08 47.38
N LYS H 45 34.94 0.75 47.36
CA LYS H 45 36.09 -0.10 47.71
C LYS H 45 36.34 -1.22 46.69
N SER H 46 37.38 -1.05 45.89
CA SER H 46 37.87 -2.04 44.92
C SER H 46 36.92 -2.32 43.75
N LEU H 47 37.30 -1.84 42.55
CA LEU H 47 36.51 -2.06 41.35
C LEU H 47 36.52 -3.53 40.92
N SER H 48 37.66 -4.19 41.09
CA SER H 48 37.83 -5.58 40.70
C SER H 48 36.91 -6.50 41.51
N ASP H 49 36.72 -6.17 42.79
CA ASP H 49 35.78 -6.88 43.66
C ASP H 49 34.34 -6.61 43.25
N LEU H 50 33.99 -5.34 43.11
CA LEU H 50 32.65 -4.93 42.70
C LEU H 50 32.24 -5.57 41.38
N ARG H 51 33.18 -5.63 40.44
CA ARG H 51 32.97 -6.30 39.16
C ARG H 51 32.49 -7.73 39.35
N GLY H 52 33.14 -8.47 40.24
CA GLY H 52 32.79 -9.86 40.55
C GLY H 52 31.48 -10.03 41.29
N TYR H 53 31.20 -9.14 42.24
CA TYR H 53 29.95 -9.15 42.99
C TYR H 53 28.74 -8.91 42.07
N VAL H 54 28.91 -7.98 41.13
CA VAL H 54 27.85 -7.61 40.20
C VAL H 54 27.62 -8.71 39.16
N TYR H 55 28.69 -9.18 38.54
CA TYR H 55 28.62 -10.18 37.46
C TYR H 55 27.86 -11.44 37.86
N GLN H 56 28.15 -11.96 39.05
CA GLN H 56 27.45 -13.14 39.57
C GLN H 56 26.05 -12.80 40.10
N GLY H 57 25.90 -11.57 40.59
CA GLY H 57 24.63 -11.10 41.15
C GLY H 57 23.53 -11.03 40.11
N LEU H 58 23.90 -10.65 38.89
CA LEU H 58 22.96 -10.60 37.77
C LEU H 58 22.68 -12.00 37.22
N LYS H 59 23.71 -12.84 37.22
CA LYS H 59 23.58 -14.23 36.78
C LYS H 59 22.75 -15.06 37.75
N SER H 60 22.96 -14.85 39.05
CA SER H 60 22.24 -15.57 40.10
C SER H 60 20.91 -14.90 40.47
N GLY H 61 20.64 -13.74 39.87
CA GLY H 61 19.42 -12.99 40.13
C GLY H 61 19.32 -12.45 41.54
N ASN H 62 20.47 -12.09 42.12
CA ASN H 62 20.54 -11.54 43.46
C ASN H 62 21.71 -10.58 43.59
N VAL H 63 21.49 -9.32 43.23
CA VAL H 63 22.54 -8.31 43.28
C VAL H 63 22.10 -7.11 44.09
N SER H 64 22.96 -6.67 45.02
CA SER H 64 22.70 -5.49 45.82
C SER H 64 22.83 -4.24 44.97
N ILE H 65 21.89 -3.31 45.13
CA ILE H 65 21.92 -2.03 44.43
C ILE H 65 23.10 -1.17 44.89
N ILE H 66 23.53 -1.36 46.13
CA ILE H 66 24.70 -0.66 46.67
C ILE H 66 25.96 -1.05 45.88
N HIS H 67 26.13 -2.36 45.65
CA HIS H 67 27.23 -2.87 44.82
C HIS H 67 27.18 -2.31 43.39
N VAL H 68 25.99 -2.26 42.81
CA VAL H 68 25.79 -1.73 41.46
C VAL H 68 26.16 -0.24 41.39
N ASN H 69 25.70 0.53 42.39
CA ASN H 69 26.00 1.96 42.48
C ASN H 69 27.50 2.23 42.59
N SER H 70 28.16 1.46 43.44
CA SER H 70 29.59 1.58 43.66
C SER H 70 30.39 1.21 42.42
N TYR H 71 29.93 0.18 41.70
CA TYR H 71 30.58 -0.24 40.47
C TYR H 71 30.44 0.83 39.38
N LEU H 72 29.22 1.31 39.19
CA LEU H 72 28.93 2.35 38.21
C LEU H 72 29.70 3.64 38.48
N TYR H 73 29.84 4.00 39.76
CA TYR H 73 30.59 5.19 40.13
C TYR H 73 32.03 5.06 39.67
N GLY H 74 32.68 3.96 40.05
CA GLY H 74 34.08 3.72 39.74
C GLY H 74 34.40 3.56 38.26
N ALA H 75 33.39 3.20 37.47
CA ALA H 75 33.57 3.00 36.03
C ALA H 75 33.44 4.31 35.25
N LEU H 76 32.57 5.20 35.72
CA LEU H 76 32.30 6.47 35.06
C LEU H 76 33.00 7.63 35.77
N LYS H 77 33.63 7.32 36.89
CA LYS H 77 34.32 8.27 37.77
C LYS H 77 35.19 9.29 37.01
N ASP H 78 35.93 8.82 36.01
CA ASP H 78 36.98 9.62 35.36
C ASP H 78 36.58 10.33 34.08
N ILE H 79 35.36 10.08 33.58
CA ILE H 79 34.83 10.75 32.39
C ILE H 79 34.89 12.27 32.55
N ARG H 80 35.58 12.95 31.63
CA ARG H 80 35.71 14.41 31.70
C ARG H 80 35.22 15.14 30.44
N GLY H 81 34.67 16.34 30.65
CA GLY H 81 34.23 17.19 29.55
C GLY H 81 34.57 18.66 29.80
N LYS H 82 35.13 19.31 28.77
CA LYS H 82 35.56 20.70 28.88
C LYS H 82 34.45 21.63 28.41
N LEU H 83 34.00 22.52 29.30
CA LEU H 83 32.92 23.44 28.99
C LEU H 83 33.38 24.64 28.16
N ASP H 84 32.49 25.13 27.30
CA ASP H 84 32.75 26.36 26.54
C ASP H 84 32.10 27.54 27.25
N LYS H 85 30.82 27.38 27.58
CA LYS H 85 30.07 28.39 28.31
C LYS H 85 29.87 27.99 29.77
N ASP H 86 29.28 28.89 30.55
CA ASP H 86 28.90 28.61 31.93
C ASP H 86 27.74 27.62 31.96
N TRP H 87 27.63 26.89 33.07
CA TRP H 87 26.52 25.96 33.27
C TRP H 87 25.85 26.23 34.62
N SER H 88 24.62 26.72 34.54
CA SER H 88 23.80 26.94 35.73
C SER H 88 22.40 26.42 35.52
N SER H 89 21.80 25.91 36.58
CA SER H 89 20.42 25.46 36.57
C SER H 89 19.79 25.77 37.94
N PHE H 90 18.65 26.45 37.92
CA PHE H 90 17.94 26.85 39.13
C PHE H 90 18.87 27.53 40.15
N GLY H 91 19.65 28.49 39.67
CA GLY H 91 20.56 29.25 40.53
C GLY H 91 21.89 28.58 40.80
N ILE H 92 21.87 27.26 40.97
CA ILE H 92 23.05 26.49 41.32
C ILE H 92 24.06 26.42 40.18
N ASN H 93 25.23 27.01 40.38
CA ASN H 93 26.30 27.01 39.39
C ASN H 93 27.07 25.69 39.35
N ILE H 94 27.00 25.01 38.20
CA ILE H 94 27.64 23.70 38.02
C ILE H 94 29.09 23.86 37.56
N GLY H 95 29.29 24.64 36.50
CA GLY H 95 30.62 24.83 35.92
C GLY H 95 30.84 26.26 35.45
N LYS H 96 32.10 26.63 35.30
CA LYS H 96 32.48 27.96 34.85
C LYS H 96 33.26 27.92 33.55
N ALA H 97 33.07 28.96 32.74
CA ALA H 97 33.88 29.25 31.54
C ALA H 97 34.50 28.03 30.85
N GLY H 98 35.77 27.74 31.17
CA GLY H 98 36.50 26.64 30.54
C GLY H 98 36.94 25.57 31.50
N ASP H 99 36.02 25.12 32.36
CA ASP H 99 36.31 24.07 33.33
C ASP H 99 36.21 22.67 32.74
N THR H 100 37.01 21.76 33.27
CA THR H 100 36.95 20.37 32.90
C THR H 100 36.19 19.62 33.99
N ILE H 101 35.06 19.04 33.59
CA ILE H 101 34.04 18.55 34.51
C ILE H 101 33.74 17.06 34.29
N GLY H 102 33.47 16.36 35.37
CA GLY H 102 33.04 14.96 35.32
C GLY H 102 31.54 14.84 35.52
N ILE H 103 30.98 13.67 35.21
CA ILE H 103 29.53 13.48 35.31
C ILE H 103 29.03 13.59 36.75
N PHE H 104 29.89 13.28 37.70
CA PHE H 104 29.49 13.24 39.11
C PHE H 104 29.77 14.54 39.85
N ASP H 105 30.07 15.59 39.10
CA ASP H 105 30.22 16.93 39.68
C ASP H 105 28.85 17.54 40.00
N LEU H 106 28.00 16.71 40.61
CA LEU H 106 26.67 17.09 41.06
C LEU H 106 26.46 16.52 42.47
N VAL H 107 27.42 16.82 43.35
CA VAL H 107 27.39 16.58 44.81
C VAL H 107 27.36 15.11 45.27
N SER H 108 28.46 14.69 45.88
CA SER H 108 28.66 13.30 46.31
C SER H 108 28.95 13.20 47.81
N LEU H 109 28.42 12.15 48.44
CA LEU H 109 28.57 11.93 49.89
C LEU H 109 28.71 10.45 50.25
N LYS H 110 28.85 10.17 51.55
CA LYS H 110 28.82 8.80 52.09
C LYS H 110 27.70 8.68 53.12
N ALA H 111 27.17 7.48 53.31
CA ALA H 111 26.09 7.25 54.28
C ALA H 111 26.17 5.91 55.03
N LEU H 112 24.99 5.43 55.46
CA LEU H 112 24.84 4.24 56.31
C LEU H 112 25.88 3.13 56.13
N ASP H 113 26.47 2.72 57.25
CA ASP H 113 27.41 1.60 57.29
C ASP H 113 26.65 0.27 57.35
N GLY H 114 26.90 -0.58 56.36
CA GLY H 114 26.24 -1.88 56.27
C GLY H 114 26.35 -2.48 54.89
N VAL H 115 27.56 -2.94 54.54
CA VAL H 115 27.82 -3.55 53.25
C VAL H 115 27.26 -4.97 53.22
N LEU H 116 26.47 -5.27 52.20
CA LEU H 116 25.89 -6.60 52.01
C LEU H 116 26.98 -7.65 51.79
N PRO H 117 26.87 -8.81 52.46
CA PRO H 117 27.88 -9.88 52.41
C PRO H 117 28.17 -10.41 50.99
N ASP H 118 29.18 -11.28 50.90
CA ASP H 118 29.66 -11.84 49.63
C ASP H 118 28.54 -12.19 48.66
N GLY H 119 27.62 -13.04 49.10
CA GLY H 119 26.54 -13.53 48.24
C GLY H 119 27.08 -14.42 47.15
N VAL H 120 27.43 -13.80 46.02
CA VAL H 120 27.98 -14.51 44.87
C VAL H 120 28.99 -13.64 44.14
N SER H 121 30.16 -14.23 43.83
CA SER H 121 31.23 -13.53 43.13
C SER H 121 32.12 -14.51 42.38
N ASP H 122 32.95 -13.98 41.48
CA ASP H 122 34.05 -14.73 40.85
C ASP H 122 35.14 -13.82 40.34
N ALA H 123 36.39 -14.15 40.68
CA ALA H 123 37.55 -13.35 40.30
C ALA H 123 37.96 -13.56 38.84
N SER H 124 37.41 -14.59 38.22
CA SER H 124 37.76 -14.97 36.84
C SER H 124 37.57 -13.86 35.80
N ARG H 125 36.73 -12.88 36.11
CA ARG H 125 36.42 -11.80 35.18
C ARG H 125 37.54 -10.78 35.02
N THR H 126 37.85 -10.44 33.77
CA THR H 126 38.99 -9.59 33.41
C THR H 126 38.72 -8.09 33.60
N SER H 127 38.96 -7.27 32.58
CA SER H 127 38.81 -5.81 32.68
C SER H 127 37.74 -5.23 31.77
N ALA H 128 36.74 -6.03 31.42
CA ALA H 128 35.65 -5.57 30.54
C ALA H 128 34.66 -4.64 31.28
N ASP H 129 35.18 -3.49 31.70
CA ASP H 129 34.41 -2.47 32.41
C ASP H 129 33.82 -1.49 31.40
N ASP H 130 34.57 -0.41 31.10
CA ASP H 130 34.21 0.60 30.08
C ASP H 130 33.69 -0.06 28.80
N LYS H 131 33.79 -1.38 28.74
CA LYS H 131 33.49 -2.19 27.56
C LYS H 131 31.99 -2.40 27.36
N TRP H 132 31.32 -2.97 28.36
CA TRP H 132 29.89 -3.29 28.23
C TRP H 132 29.08 -3.33 29.54
N LEU H 133 29.73 -3.65 30.66
CA LEU H 133 29.01 -3.93 31.91
C LEU H 133 28.26 -2.74 32.54
N PRO H 134 28.89 -1.55 32.62
CA PRO H 134 28.18 -0.38 33.17
C PRO H 134 27.02 0.10 32.29
N LEU H 135 27.18 0.00 30.97
CA LEU H 135 26.12 0.35 30.02
C LEU H 135 24.90 -0.56 30.23
N TYR H 136 25.17 -1.82 30.51
CA TYR H 136 24.15 -2.81 30.81
C TYR H 136 23.35 -2.40 32.05
N LEU H 137 24.07 -1.98 33.10
CA LEU H 137 23.47 -1.58 34.36
C LEU H 137 22.70 -0.26 34.26
N LEU H 138 22.98 0.51 33.22
CA LEU H 138 22.26 1.75 32.94
C LEU H 138 21.08 1.49 32.00
N GLY H 139 21.26 0.52 31.11
CA GLY H 139 20.24 0.15 30.12
C GLY H 139 19.07 -0.66 30.66
N LEU H 140 19.26 -1.24 31.85
CA LEU H 140 18.21 -2.03 32.52
C LEU H 140 17.23 -1.14 33.30
N TYR H 141 17.48 0.16 33.28
CA TYR H 141 16.54 1.17 33.76
C TYR H 141 15.32 1.18 32.83
N ARG H 142 15.60 1.11 31.53
CA ARG H 142 14.58 1.06 30.48
C ARG H 142 13.79 -0.26 30.52
N VAL H 143 14.52 -1.37 30.62
CA VAL H 143 13.93 -2.71 30.58
C VAL H 143 12.97 -2.97 31.75
N GLY H 144 13.44 -2.69 32.97
CA GLY H 144 12.63 -2.85 34.18
C GLY H 144 11.77 -1.62 34.44
N ARG H 145 10.74 -1.45 33.62
CA ARG H 145 9.84 -0.30 33.71
C ARG H 145 8.51 -0.61 33.02
N THR H 146 8.58 -1.21 31.84
CA THR H 146 7.41 -1.48 31.00
C THR H 146 6.55 -2.64 31.52
N GLN H 147 5.23 -2.46 31.45
CA GLN H 147 4.26 -3.47 31.88
C GLN H 147 3.94 -4.47 30.75
N MET H 148 3.73 -3.92 29.55
CA MET H 148 3.51 -4.73 28.35
C MET H 148 4.79 -5.45 27.92
N PRO H 149 4.66 -6.67 27.34
CA PRO H 149 5.83 -7.43 26.88
C PRO H 149 6.65 -6.69 25.82
N GLU H 150 7.57 -5.84 26.29
CA GLU H 150 8.47 -5.09 25.41
C GLU H 150 9.92 -5.29 25.87
N TYR H 151 10.07 -6.00 26.99
CA TYR H 151 11.38 -6.41 27.50
C TYR H 151 12.06 -7.42 26.60
N ARG H 152 11.27 -8.09 25.76
CA ARG H 152 11.78 -9.01 24.74
C ARG H 152 12.10 -8.25 23.44
N LYS H 153 12.22 -6.93 23.56
CA LYS H 153 12.63 -6.05 22.46
C LYS H 153 13.66 -5.04 22.97
N LYS H 154 13.61 -4.78 24.27
CA LYS H 154 14.52 -3.83 24.94
C LYS H 154 15.81 -4.50 25.42
N LEU H 155 15.69 -5.70 25.98
CA LEU H 155 16.85 -6.50 26.38
C LEU H 155 17.60 -6.99 25.15
N MET H 156 16.85 -7.24 24.07
CA MET H 156 17.42 -7.62 22.77
C MET H 156 18.11 -6.44 22.10
N ASP H 157 17.66 -5.23 22.41
CA ASP H 157 18.28 -3.99 21.94
C ASP H 157 19.66 -3.78 22.55
N GLY H 158 19.80 -4.19 23.81
CA GLY H 158 21.08 -4.12 24.52
C GLY H 158 22.07 -5.19 24.09
N LEU H 159 22.18 -5.37 22.77
CA LEU H 159 23.12 -6.33 22.17
C LEU H 159 23.78 -5.74 20.92
N THR H 160 23.08 -4.82 20.26
CA THR H 160 23.62 -4.13 19.09
C THR H 160 24.64 -3.07 19.54
N ASN H 161 24.27 -2.34 20.58
CA ASN H 161 25.10 -1.25 21.11
C ASN H 161 26.05 -1.72 22.21
N GLN H 162 25.78 -2.92 22.72
CA GLN H 162 26.57 -3.51 23.81
C GLN H 162 27.91 -4.05 23.31
N CYS H 163 27.87 -4.71 22.16
CA CYS H 163 29.02 -5.44 21.63
C CYS H 163 29.86 -4.62 20.65
N LYS H 164 29.89 -3.30 20.87
CA LYS H 164 30.71 -2.40 20.07
C LYS H 164 32.20 -2.56 20.41
N MET H 165 32.47 -3.11 21.59
CA MET H 165 33.84 -3.21 22.09
C MET H 165 34.37 -4.65 22.05
N ILE H 166 33.67 -5.58 22.70
CA ILE H 166 34.07 -7.00 22.71
C ILE H 166 32.92 -7.97 22.34
N ASN H 167 32.92 -9.15 22.97
CA ASN H 167 32.00 -10.24 22.65
C ASN H 167 30.53 -10.02 23.05
N GLU H 168 29.72 -11.07 22.91
CA GLU H 168 28.28 -11.00 23.17
C GLU H 168 27.90 -11.82 24.40
N GLN H 169 27.19 -11.20 25.33
CA GLN H 169 26.71 -11.86 26.56
C GLN H 169 25.46 -11.19 27.14
N PHE H 170 24.52 -12.01 27.61
CA PHE H 170 23.34 -11.54 28.35
C PHE H 170 23.20 -12.30 29.68
N GLU H 171 23.05 -11.56 30.77
CA GLU H 171 23.12 -12.14 32.12
C GLU H 171 21.77 -12.55 32.73
N PRO H 172 20.79 -11.61 32.86
CA PRO H 172 19.50 -11.98 33.43
C PRO H 172 18.75 -12.99 32.56
N LEU H 173 18.06 -13.93 33.21
CA LEU H 173 17.35 -15.00 32.51
C LEU H 173 16.05 -14.53 31.84
N VAL H 174 15.36 -15.47 31.20
CA VAL H 174 14.14 -15.18 30.43
C VAL H 174 12.89 -14.95 31.31
N PRO H 175 12.52 -15.94 32.16
CA PRO H 175 11.22 -15.82 32.82
C PRO H 175 11.23 -14.96 34.09
N GLU H 176 11.62 -15.55 35.22
CA GLU H 176 11.60 -14.87 36.51
C GLU H 176 12.82 -13.96 36.76
N GLY H 177 13.81 -14.06 35.87
CA GLY H 177 15.00 -13.21 35.94
C GLY H 177 14.76 -11.84 35.34
N ARG H 178 13.77 -11.12 35.88
CA ARG H 178 13.38 -9.81 35.39
C ARG H 178 13.08 -8.85 36.55
N ASP H 179 12.56 -9.40 37.63
CA ASP H 179 12.16 -8.62 38.81
C ASP H 179 13.35 -8.01 39.57
N ILE H 180 14.55 -8.45 39.22
CA ILE H 180 15.78 -7.99 39.87
C ILE H 180 16.12 -6.52 39.56
N PHE H 181 15.90 -6.12 38.31
CA PHE H 181 16.15 -4.74 37.89
C PHE H 181 14.88 -3.87 37.89
N ASP H 182 13.75 -4.49 38.20
CA ASP H 182 12.47 -3.80 38.38
C ASP H 182 12.52 -2.86 39.60
N VAL H 183 13.13 -3.35 40.68
CA VAL H 183 13.19 -2.64 41.95
C VAL H 183 14.14 -1.43 41.93
N TRP H 184 15.20 -1.52 41.12
CA TRP H 184 16.25 -0.49 41.07
C TRP H 184 15.71 0.94 41.03
N GLY H 185 14.69 1.16 40.20
CA GLY H 185 14.07 2.48 40.04
C GLY H 185 13.33 2.98 41.28
N ASN H 186 13.64 2.39 42.44
CA ASN H 186 13.11 2.82 43.72
C ASN H 186 14.23 3.21 44.68
N ASP H 187 15.47 2.88 44.30
CA ASP H 187 16.66 3.35 45.02
C ASP H 187 17.10 4.70 44.44
N SER H 188 16.82 5.77 45.19
CA SER H 188 16.99 7.13 44.71
C SER H 188 18.43 7.50 44.32
N ASN H 189 19.40 6.75 44.82
CA ASN H 189 20.78 6.92 44.39
C ASN H 189 21.02 6.44 42.95
N TYR H 190 20.47 5.27 42.62
CA TYR H 190 20.60 4.72 41.26
C TYR H 190 20.01 5.65 40.20
N THR H 191 18.78 6.11 40.43
CA THR H 191 18.10 7.01 39.51
C THR H 191 18.88 8.31 39.32
N LYS H 192 19.59 8.75 40.37
CA LYS H 192 20.43 9.94 40.29
C LYS H 192 21.65 9.73 39.39
N ILE H 193 22.16 8.50 39.35
CA ILE H 193 23.29 8.16 38.48
C ILE H 193 22.86 8.17 37.01
N VAL H 194 21.69 7.58 36.73
CA VAL H 194 21.16 7.49 35.37
C VAL H 194 20.84 8.87 34.80
N ALA H 195 20.25 9.73 35.65
CA ALA H 195 19.92 11.10 35.26
C ALA H 195 21.16 11.96 35.04
N ALA H 196 22.17 11.78 35.89
CA ALA H 196 23.42 12.54 35.78
C ALA H 196 24.16 12.20 34.50
N VAL H 197 24.33 10.90 34.23
CA VAL H 197 24.97 10.43 33.00
C VAL H 197 24.30 11.08 31.80
N ASP H 198 22.98 10.99 31.74
CA ASP H 198 22.19 11.53 30.65
C ASP H 198 22.36 13.04 30.51
N MET H 199 22.16 13.76 31.60
CA MET H 199 22.28 15.22 31.62
C MET H 199 23.69 15.67 31.17
N PHE H 200 24.69 14.93 31.63
CA PHE H 200 26.08 15.17 31.23
C PHE H 200 26.29 15.01 29.74
N PHE H 201 25.76 13.94 29.16
CA PHE H 201 25.94 13.66 27.74
C PHE H 201 24.97 14.42 26.83
N HIS H 202 23.90 14.98 27.40
CA HIS H 202 23.03 15.88 26.65
C HIS H 202 23.73 17.22 26.42
N MET H 203 24.60 17.58 27.37
CA MET H 203 25.44 18.77 27.26
C MET H 203 26.62 18.46 26.32
N PHE H 204 27.41 17.46 26.68
CA PHE H 204 28.56 17.05 25.89
C PHE H 204 28.17 16.00 24.86
N LYS H 205 27.35 16.43 23.89
CA LYS H 205 26.82 15.50 22.88
C LYS H 205 27.89 15.01 21.90
N LYS H 206 29.03 15.70 21.89
CA LYS H 206 30.11 15.42 20.96
C LYS H 206 31.19 14.50 21.56
N HIS H 207 31.05 14.21 22.86
CA HIS H 207 31.99 13.35 23.59
C HIS H 207 32.04 11.93 23.03
N GLU H 208 33.19 11.26 23.17
CA GLU H 208 33.39 9.91 22.66
C GLU H 208 32.52 8.87 23.38
N CYS H 209 32.23 9.13 24.66
CA CYS H 209 31.45 8.22 25.48
C CYS H 209 29.94 8.55 25.49
N ALA H 210 29.51 9.38 24.54
CA ALA H 210 28.11 9.79 24.44
C ALA H 210 27.14 8.63 24.15
N SER H 211 27.70 7.47 23.81
CA SER H 211 26.88 6.29 23.51
C SER H 211 26.35 5.59 24.77
N PHE H 212 26.83 6.02 25.94
CA PHE H 212 26.28 5.57 27.23
C PHE H 212 24.82 6.00 27.35
N ARG H 213 24.43 6.89 26.45
CA ARG H 213 23.07 7.43 26.41
C ARG H 213 22.08 6.42 25.84
N TYR H 214 22.57 5.41 25.13
CA TYR H 214 21.73 4.33 24.62
C TYR H 214 21.02 3.56 25.74
N GLY H 215 21.47 3.75 26.97
CA GLY H 215 20.81 3.18 28.15
C GLY H 215 20.05 4.21 28.97
N THR H 216 20.54 5.44 28.97
CA THR H 216 20.01 6.50 29.86
C THR H 216 19.01 7.45 29.20
N ILE H 217 18.87 7.36 27.88
CA ILE H 217 18.12 8.35 27.09
C ILE H 217 16.65 8.50 27.47
N VAL H 218 16.01 7.41 27.88
CA VAL H 218 14.59 7.41 28.24
C VAL H 218 14.33 7.96 29.64
N SER H 219 15.41 8.32 30.33
CA SER H 219 15.33 8.99 31.63
C SER H 219 14.90 10.46 31.48
N ARG H 220 15.07 10.99 30.27
CA ARG H 220 14.82 12.40 30.01
C ARG H 220 13.37 12.64 29.57
N PHE H 221 12.70 13.54 30.28
CA PHE H 221 11.29 13.89 30.07
C PHE H 221 10.32 12.73 30.33
N LYS H 222 10.86 11.64 30.87
CA LYS H 222 10.07 10.67 31.60
C LYS H 222 9.51 11.47 32.77
N ASP H 223 8.29 11.17 33.18
CA ASP H 223 7.61 11.96 34.22
C ASP H 223 7.16 13.34 33.73
N CYS H 224 7.35 13.61 32.45
CA CYS H 224 6.84 14.82 31.82
C CYS H 224 6.03 14.50 30.56
N ALA H 225 5.17 13.49 30.67
CA ALA H 225 4.37 13.00 29.54
C ALA H 225 3.34 14.03 29.03
N ALA H 226 2.80 14.84 29.95
CA ALA H 226 1.81 15.84 29.58
C ALA H 226 2.39 16.86 28.60
N LEU H 227 3.64 17.26 28.82
CA LEU H 227 4.33 18.18 27.91
C LEU H 227 4.50 17.57 26.53
N ALA H 228 4.73 16.25 26.49
CA ALA H 228 4.90 15.54 25.23
C ALA H 228 3.63 15.56 24.40
N THR H 229 2.48 15.37 25.04
CA THR H 229 1.20 15.37 24.33
C THR H 229 0.85 16.77 23.84
N PHE H 230 1.20 17.78 24.64
CA PHE H 230 1.07 19.18 24.20
C PHE H 230 1.90 19.44 22.95
N GLY H 231 3.16 18.99 22.98
CA GLY H 231 4.05 19.06 21.83
C GLY H 231 3.55 18.27 20.64
N HIS H 232 3.03 17.06 20.92
CA HIS H 232 2.50 16.17 19.88
C HIS H 232 1.31 16.81 19.19
N LEU H 233 0.52 17.55 19.96
CA LEU H 233 -0.68 18.21 19.44
C LEU H 233 -0.34 19.39 18.53
N CYS H 234 0.71 20.13 18.89
CA CYS H 234 1.23 21.21 18.04
C CYS H 234 1.71 20.67 16.70
N LYS H 235 2.51 19.59 16.74
CA LYS H 235 3.07 18.98 15.54
C LYS H 235 2.01 18.38 14.59
N ILE H 236 0.92 17.87 15.15
CA ILE H 236 -0.10 17.21 14.33
C ILE H 236 -1.17 18.16 13.79
N THR H 237 -1.36 19.29 14.47
CA THR H 237 -2.23 20.37 13.99
C THR H 237 -1.46 21.28 13.04
N GLY H 238 -0.16 21.46 13.31
CA GLY H 238 0.68 22.39 12.56
C GLY H 238 0.57 23.82 13.07
N MET H 239 -0.03 23.98 14.25
CA MET H 239 -0.24 25.28 14.86
C MET H 239 0.80 25.58 15.92
N SER H 240 0.91 26.85 16.29
CA SER H 240 1.82 27.28 17.35
C SER H 240 1.29 26.89 18.72
N THR H 241 2.18 26.86 19.71
CA THR H 241 1.79 26.67 21.11
C THR H 241 0.75 27.68 21.53
N GLU H 242 0.86 28.91 21.00
CA GLU H 242 -0.09 29.96 21.30
C GLU H 242 -1.47 29.72 20.67
N ASP H 243 -1.49 29.28 19.41
CA ASP H 243 -2.76 28.95 18.72
C ASP H 243 -3.49 27.76 19.37
N VAL H 244 -2.76 26.70 19.69
CA VAL H 244 -3.33 25.53 20.36
C VAL H 244 -4.02 25.93 21.65
N THR H 245 -3.35 26.77 22.43
CA THR H 245 -3.88 27.27 23.71
C THR H 245 -5.20 28.03 23.53
N THR H 246 -5.35 28.75 22.42
CA THR H 246 -6.60 29.45 22.15
C THR H 246 -7.75 28.47 21.88
N TRP H 247 -7.39 27.22 21.55
CA TRP H 247 -8.40 26.18 21.32
C TRP H 247 -8.82 25.36 22.54
N ILE H 248 -8.43 25.78 23.75
CA ILE H 248 -8.95 25.18 24.98
C ILE H 248 -10.39 25.65 25.18
N LEU H 249 -11.35 24.72 25.20
CA LEU H 249 -12.76 25.08 25.33
C LEU H 249 -13.42 24.54 26.60
N ASN H 250 -12.61 23.95 27.48
CA ASN H 250 -13.10 23.40 28.73
C ASN H 250 -12.31 23.96 29.91
N ARG H 251 -13.01 24.35 30.98
CA ARG H 251 -12.37 24.97 32.14
C ARG H 251 -11.34 24.06 32.83
N GLU H 252 -11.66 22.78 32.94
CA GLU H 252 -10.77 21.78 33.54
C GLU H 252 -9.43 21.74 32.83
N VAL H 253 -9.47 21.82 31.50
CA VAL H 253 -8.27 21.73 30.67
C VAL H 253 -7.44 22.99 30.83
N ALA H 254 -8.12 24.13 30.93
CA ALA H 254 -7.48 25.42 31.14
C ALA H 254 -6.72 25.44 32.47
N ASP H 255 -7.39 24.96 33.52
CA ASP H 255 -6.79 24.83 34.85
C ASP H 255 -5.50 24.04 34.80
N GLU H 256 -5.51 22.98 33.99
CA GLU H 256 -4.36 22.10 33.86
C GLU H 256 -3.25 22.75 33.05
N MET H 257 -3.64 23.54 32.06
CA MET H 257 -2.70 24.25 31.22
C MET H 257 -1.94 25.32 32.01
N VAL H 258 -2.65 26.03 32.88
CA VAL H 258 -2.05 27.05 33.74
C VAL H 258 -1.05 26.40 34.71
N GLN H 259 -1.42 25.24 35.24
CA GLN H 259 -0.56 24.45 36.11
C GLN H 259 0.77 24.07 35.45
N MET H 260 0.70 23.57 34.22
CA MET H 260 1.90 23.16 33.48
C MET H 260 2.78 24.36 33.15
N MET H 261 2.15 25.47 32.76
CA MET H 261 2.86 26.67 32.34
C MET H 261 3.04 27.67 33.50
N LEU H 262 3.60 27.21 34.61
CA LEU H 262 3.95 28.11 35.69
C LEU H 262 5.33 28.70 35.38
N PRO H 263 5.47 30.04 35.50
CA PRO H 263 6.75 30.67 35.20
C PRO H 263 7.89 30.19 36.11
N GLY H 264 9.13 30.28 35.60
CA GLY H 264 10.34 30.02 36.38
C GLY H 264 10.67 28.57 36.69
N GLN H 265 10.31 27.65 35.78
CA GLN H 265 10.60 26.23 35.98
C GLN H 265 11.60 25.68 34.97
N GLU H 266 12.19 26.58 34.16
CA GLU H 266 13.22 26.24 33.17
C GLU H 266 12.81 25.09 32.23
N ILE H 267 11.57 25.08 31.78
CA ILE H 267 11.11 23.98 30.91
C ILE H 267 11.72 24.08 29.51
N ASP H 268 11.84 25.31 28.99
CA ASP H 268 12.37 25.54 27.65
C ASP H 268 13.87 25.83 27.65
N LYS H 269 14.52 25.56 28.78
CA LYS H 269 15.96 25.71 28.91
C LYS H 269 16.69 24.57 28.18
N ALA H 270 17.89 24.86 27.71
CA ALA H 270 18.67 23.90 26.91
C ALA H 270 19.22 22.73 27.75
N ASP H 271 19.86 23.04 28.87
CA ASP H 271 20.53 22.03 29.71
C ASP H 271 20.18 22.22 31.20
N SER H 272 18.94 21.88 31.56
CA SER H 272 18.46 22.10 32.93
C SER H 272 18.36 20.81 33.75
N TYR H 273 18.02 20.97 35.03
CA TYR H 273 17.76 19.84 35.92
C TYR H 273 16.33 19.30 35.78
N MET H 274 15.43 20.11 35.23
CA MET H 274 13.99 19.79 35.24
C MET H 274 13.53 18.56 34.44
N PRO H 275 14.22 18.20 33.35
CA PRO H 275 13.82 16.97 32.64
C PRO H 275 14.02 15.68 33.46
N TYR H 276 14.51 15.82 34.70
CA TYR H 276 14.78 14.68 35.58
C TYR H 276 14.31 14.98 37.02
N LEU H 277 13.29 15.82 37.18
CA LEU H 277 12.82 16.25 38.50
C LEU H 277 12.52 15.14 39.50
N ILE H 278 11.99 14.01 39.02
CA ILE H 278 11.67 12.89 39.91
C ILE H 278 12.94 12.11 40.28
N ASP H 279 13.71 11.73 39.26
CA ASP H 279 14.92 10.91 39.44
C ASP H 279 15.99 11.59 40.29
N PHE H 280 16.08 12.91 40.18
CA PHE H 280 17.02 13.70 41.01
C PHE H 280 16.45 14.04 42.39
N GLY H 281 15.22 13.61 42.65
CA GLY H 281 14.58 13.84 43.95
C GLY H 281 14.18 15.29 44.20
N LEU H 282 14.19 16.11 43.14
CA LEU H 282 13.78 17.51 43.22
C LEU H 282 12.28 17.60 43.52
N SER H 283 11.53 16.63 43.01
CA SER H 283 10.08 16.60 43.17
C SER H 283 9.62 15.16 43.40
N SER H 284 8.52 15.02 44.13
CA SER H 284 7.89 13.71 44.33
C SER H 284 6.52 13.65 43.65
N LYS H 285 5.96 14.82 43.34
CA LYS H 285 4.71 14.92 42.60
C LYS H 285 4.85 15.83 41.39
N SER H 286 5.16 15.24 40.24
CA SER H 286 5.42 15.99 39.00
C SER H 286 4.20 16.74 38.49
N PRO H 287 4.34 18.05 38.27
CA PRO H 287 3.29 18.91 37.71
C PRO H 287 2.94 18.54 36.27
N TYR H 288 3.80 17.73 35.65
CA TYR H 288 3.73 17.44 34.22
C TYR H 288 3.43 15.97 33.91
N TRP H 289 2.94 15.24 34.91
CA TRP H 289 2.40 13.90 34.73
C TRP H 289 1.07 13.99 34.01
N SER H 290 0.78 12.99 33.17
CA SER H 290 -0.54 12.88 32.55
C SER H 290 -1.62 12.70 33.61
N VAL H 291 -1.25 12.02 34.69
CA VAL H 291 -2.13 11.74 35.83
C VAL H 291 -2.60 13.02 36.53
N LYS H 292 -1.75 14.04 36.56
CA LYS H 292 -2.09 15.31 37.21
C LYS H 292 -2.73 16.32 36.24
N ASN H 293 -2.85 15.91 34.99
CA ASN H 293 -3.56 16.69 33.97
C ASN H 293 -4.46 15.78 33.12
N PRO H 294 -5.48 15.15 33.75
CA PRO H 294 -6.28 14.11 33.09
C PRO H 294 -7.11 14.62 31.92
N ALA H 295 -7.73 15.79 32.10
CA ALA H 295 -8.63 16.36 31.12
C ALA H 295 -7.88 16.74 29.84
N PHE H 296 -6.75 17.42 30.00
CA PHE H 296 -5.88 17.81 28.89
C PHE H 296 -5.39 16.59 28.11
N HIS H 297 -4.96 15.56 28.85
CA HIS H 297 -4.53 14.30 28.25
C HIS H 297 -5.61 13.74 27.32
N PHE H 298 -6.82 13.58 27.84
CA PHE H 298 -7.92 13.07 27.07
C PHE H 298 -8.18 13.97 25.86
N TRP H 299 -8.41 15.26 26.11
CA TRP H 299 -8.69 16.24 25.07
C TRP H 299 -7.61 16.25 23.98
N GLY H 300 -6.36 16.18 24.40
CA GLY H 300 -5.22 16.25 23.49
C GLY H 300 -5.08 15.01 22.64
N GLN H 301 -5.08 13.84 23.27
CA GLN H 301 -4.91 12.57 22.57
C GLN H 301 -6.06 12.27 21.59
N LEU H 302 -7.30 12.54 22.01
CA LEU H 302 -8.46 12.33 21.15
C LEU H 302 -8.38 13.17 19.89
N THR H 303 -8.05 14.46 20.07
CA THR H 303 -7.89 15.36 18.94
C THR H 303 -6.81 14.83 17.99
N ALA H 304 -5.68 14.43 18.55
CA ALA H 304 -4.59 13.85 17.78
C ALA H 304 -5.03 12.58 17.04
N LEU H 305 -5.82 11.75 17.71
CA LEU H 305 -6.31 10.50 17.10
C LEU H 305 -7.20 10.78 15.89
N LEU H 306 -8.15 11.71 16.06
CA LEU H 306 -9.05 12.07 14.97
C LEU H 306 -8.28 12.74 13.84
N LEU H 307 -7.03 13.14 14.13
CA LEU H 307 -6.12 13.71 13.14
C LEU H 307 -5.06 12.72 12.66
N ARG H 308 -5.32 11.44 12.86
CA ARG H 308 -4.52 10.32 12.30
C ARG H 308 -3.23 10.02 13.08
N SER H 309 -3.20 10.37 14.36
CA SER H 309 -2.05 10.10 15.21
C SER H 309 -1.74 8.61 15.30
N THR H 310 -0.46 8.27 15.24
CA THR H 310 -0.01 6.89 15.44
C THR H 310 0.43 6.62 16.88
N ARG H 311 0.29 7.61 17.76
CA ARG H 311 0.58 7.44 19.19
C ARG H 311 -0.71 7.24 19.99
N ALA H 312 -1.74 7.99 19.61
CA ALA H 312 -2.95 8.15 20.41
C ALA H 312 -3.81 6.90 20.59
N ARG H 313 -3.77 5.99 19.62
CA ARG H 313 -4.55 4.74 19.69
C ARG H 313 -4.44 4.08 21.07
N ASN H 314 -3.22 3.98 21.58
CA ASN H 314 -2.94 3.23 22.80
C ASN H 314 -2.79 4.10 24.05
N ALA H 315 -3.09 5.39 23.92
CA ALA H 315 -3.03 6.33 25.03
C ALA H 315 -4.11 6.02 26.06
N ARG H 316 -3.70 5.97 27.32
CA ARG H 316 -4.58 5.58 28.42
C ARG H 316 -5.73 6.57 28.60
N GLN H 317 -6.94 6.04 28.60
CA GLN H 317 -8.12 6.83 28.95
C GLN H 317 -8.12 7.06 30.46
N PRO H 318 -8.11 8.33 30.89
CA PRO H 318 -8.18 8.65 32.31
C PRO H 318 -9.59 8.42 32.83
N ASP H 319 -9.76 8.39 34.15
CA ASP H 319 -11.12 8.44 34.70
C ASP H 319 -11.40 9.67 35.55
N ASP H 320 -12.67 9.83 35.91
CA ASP H 320 -13.16 10.98 36.70
C ASP H 320 -13.02 12.32 35.97
N ILE H 321 -13.33 12.33 34.68
CA ILE H 321 -13.33 13.55 33.88
C ILE H 321 -14.59 13.71 33.04
N GLU H 322 -14.82 14.93 32.58
CA GLU H 322 -16.02 15.31 31.84
C GLU H 322 -15.94 14.89 30.37
N TYR H 323 -16.02 13.57 30.12
CA TYR H 323 -15.80 13.00 28.77
C TYR H 323 -16.64 13.63 27.68
N THR H 324 -17.92 13.84 27.96
CA THR H 324 -18.85 14.33 26.94
C THR H 324 -18.46 15.71 26.38
N SER H 325 -18.13 16.64 27.27
CA SER H 325 -17.77 18.00 26.87
C SER H 325 -16.43 17.99 26.16
N LEU H 326 -15.48 17.26 26.74
CA LEU H 326 -14.16 17.10 26.18
C LEU H 326 -14.23 16.52 24.77
N THR H 327 -15.02 15.47 24.58
CA THR H 327 -15.19 14.84 23.28
C THR H 327 -15.68 15.83 22.21
N THR H 328 -16.70 16.61 22.53
CA THR H 328 -17.25 17.57 21.59
C THR H 328 -16.22 18.64 21.21
N ALA H 329 -15.53 19.17 22.21
CA ALA H 329 -14.48 20.17 21.99
C ALA H 329 -13.34 19.61 21.13
N GLY H 330 -12.94 18.39 21.44
CA GLY H 330 -11.94 17.67 20.64
C GLY H 330 -12.37 17.47 19.20
N LEU H 331 -13.62 17.06 18.99
CA LEU H 331 -14.15 16.85 17.65
C LEU H 331 -14.17 18.13 16.84
N LEU H 332 -14.71 19.20 17.42
CA LEU H 332 -14.79 20.50 16.78
C LEU H 332 -13.41 20.95 16.31
N TYR H 333 -12.44 20.87 17.21
CA TYR H 333 -11.07 21.22 16.90
C TYR H 333 -10.53 20.34 15.78
N ALA H 334 -10.64 19.01 15.97
CA ALA H 334 -10.20 18.07 14.95
C ALA H 334 -10.79 18.39 13.57
N TYR H 335 -12.09 18.69 13.54
CA TYR H 335 -12.82 18.96 12.31
C TYR H 335 -12.37 20.28 11.68
N ALA H 336 -12.15 21.28 12.52
CA ALA H 336 -11.64 22.58 12.07
C ALA H 336 -10.36 22.44 11.25
N VAL H 337 -9.38 21.72 11.77
CA VAL H 337 -8.08 21.61 11.10
C VAL H 337 -8.14 20.62 9.93
N GLY H 338 -8.98 19.60 10.07
CA GLY H 338 -9.17 18.59 9.02
C GLY H 338 -9.95 19.09 7.82
N SER H 339 -10.66 20.21 7.98
CA SER H 339 -11.40 20.83 6.89
C SER H 339 -10.62 21.99 6.28
N SER H 340 -9.66 22.51 7.05
CA SER H 340 -8.93 23.68 6.66
C SER H 340 -7.44 23.37 6.54
N ALA H 341 -7.09 22.68 5.46
CA ALA H 341 -5.69 22.39 5.13
C ALA H 341 -4.87 23.67 4.92
N ASP H 342 -5.54 24.70 4.40
CA ASP H 342 -4.90 25.98 4.08
C ASP H 342 -3.73 25.81 3.10
N LEU H 343 -3.98 25.06 2.03
CA LEU H 343 -2.99 24.87 0.98
C LEU H 343 -2.71 26.19 0.29
N ALA H 344 -1.42 26.46 0.07
CA ALA H 344 -0.96 27.67 -0.59
C ALA H 344 0.28 27.33 -1.39
N GLN H 345 0.46 28.02 -2.51
CA GLN H 345 1.64 27.83 -3.33
C GLN H 345 2.86 28.30 -2.56
N GLN H 346 3.94 27.52 -2.62
CA GLN H 346 5.17 27.84 -1.89
C GLN H 346 6.29 28.32 -2.82
N PHE H 347 6.29 27.81 -4.05
CA PHE H 347 7.30 28.16 -5.06
C PHE H 347 6.66 28.52 -6.39
N CYS H 348 7.30 29.43 -7.12
CA CYS H 348 6.85 29.83 -8.45
C CYS H 348 8.00 29.93 -9.44
N VAL H 349 7.69 29.82 -10.72
CA VAL H 349 8.67 30.03 -11.79
C VAL H 349 8.54 31.43 -12.42
N GLY H 350 7.37 32.05 -12.23
CA GLY H 350 7.09 33.40 -12.75
C GLY H 350 5.62 33.75 -12.56
N ASP H 351 4.81 32.74 -12.21
CA ASP H 351 3.38 32.89 -12.01
C ASP H 351 2.89 32.11 -10.78
N ASN H 352 2.14 32.79 -9.93
CA ASN H 352 1.54 32.14 -8.76
C ASN H 352 0.05 32.45 -8.62
N LYS H 353 -0.70 31.48 -8.09
CA LYS H 353 -2.12 31.68 -7.83
C LYS H 353 -2.31 32.73 -6.74
N TYR H 354 -3.18 33.70 -7.03
CA TYR H 354 -3.46 34.76 -6.08
C TYR H 354 -4.79 34.53 -5.38
N THR H 355 -4.77 34.72 -4.07
CA THR H 355 -5.97 34.67 -3.23
C THR H 355 -6.31 36.05 -2.63
N PRO H 356 -5.31 36.94 -2.45
CA PRO H 356 -5.58 38.28 -1.91
C PRO H 356 -6.53 39.16 -2.75
N ASP H 357 -7.03 38.61 -3.87
CA ASP H 357 -8.02 39.30 -4.70
C ASP H 357 -9.44 38.78 -4.47
N ASP H 358 -9.55 37.52 -4.04
CA ASP H 358 -10.84 36.92 -3.71
C ASP H 358 -10.70 35.81 -2.66
N SER H 359 -11.50 35.91 -1.61
CA SER H 359 -11.54 34.88 -0.56
C SER H 359 -12.98 34.49 -0.22
N THR H 360 -13.89 35.44 -0.34
CA THR H 360 -15.31 35.23 -0.06
C THR H 360 -16.19 36.11 -0.96
N GLY H 361 -17.08 35.45 -1.70
CA GLY H 361 -18.02 36.16 -2.58
C GLY H 361 -19.40 36.29 -1.95
N GLY H 362 -20.32 36.91 -2.69
CA GLY H 362 -21.69 37.13 -2.21
C GLY H 362 -22.55 35.88 -2.24
N LEU H 363 -23.04 35.50 -1.06
CA LEU H 363 -24.00 34.38 -0.87
C LEU H 363 -23.43 32.96 -1.00
N THR H 364 -22.40 32.79 -1.83
CA THR H 364 -21.83 31.47 -2.09
C THR H 364 -21.14 30.91 -0.84
N THR H 365 -21.93 30.27 0.01
CA THR H 365 -21.47 29.79 1.31
C THR H 365 -22.14 28.47 1.75
N ASN H 366 -22.89 28.52 2.86
CA ASN H 366 -23.44 27.33 3.52
C ASN H 366 -22.39 26.27 3.84
N ALA H 367 -21.18 26.75 4.17
CA ALA H 367 -20.03 25.90 4.43
C ALA H 367 -19.27 26.39 5.67
N PRO H 368 -18.42 25.52 6.27
CA PRO H 368 -17.67 25.91 7.46
C PRO H 368 -16.58 26.97 7.16
N PRO H 369 -16.14 27.72 8.20
CA PRO H 369 -15.04 28.68 8.03
C PRO H 369 -13.79 28.02 7.46
N GLN H 370 -13.06 28.75 6.61
CA GLN H 370 -11.89 28.16 5.95
C GLN H 370 -10.57 28.35 6.71
N GLY H 371 -10.60 29.18 7.74
CA GLY H 371 -9.43 29.33 8.61
C GLY H 371 -9.51 28.39 9.80
N ARG H 372 -8.66 28.64 10.80
CA ARG H 372 -8.67 27.87 12.04
C ARG H 372 -8.77 28.77 13.27
N ASP H 373 -9.39 29.93 13.10
CA ASP H 373 -9.64 30.87 14.18
C ASP H 373 -10.76 30.35 15.08
N VAL H 374 -10.49 30.26 16.38
CA VAL H 374 -11.49 29.82 17.36
C VAL H 374 -12.78 30.63 17.29
N VAL H 375 -12.63 31.94 17.12
CA VAL H 375 -13.76 32.86 17.21
C VAL H 375 -14.79 32.61 16.11
N GLU H 376 -14.32 32.43 14.88
CA GLU H 376 -15.20 32.12 13.73
C GLU H 376 -15.87 30.76 13.90
N TRP H 377 -15.10 29.79 14.38
CA TRP H 377 -15.61 28.43 14.59
C TRP H 377 -16.60 28.34 15.76
N LEU H 378 -16.31 29.06 16.86
CA LEU H 378 -17.26 29.18 17.97
C LEU H 378 -18.56 29.83 17.51
N GLY H 379 -18.44 30.82 16.62
CA GLY H 379 -19.60 31.47 16.03
C GLY H 379 -20.39 30.51 15.16
N TRP H 380 -19.67 29.73 14.34
CA TRP H 380 -20.29 28.76 13.45
C TRP H 380 -20.97 27.65 14.24
N PHE H 381 -20.32 27.20 15.32
CA PHE H 381 -20.84 26.12 16.15
C PHE H 381 -22.15 26.49 16.86
N GLU H 382 -22.28 27.76 17.26
CA GLU H 382 -23.49 28.23 17.93
C GLU H 382 -24.65 28.38 16.95
N ASP H 383 -24.32 28.65 15.69
CA ASP H 383 -25.31 28.65 14.62
C ASP H 383 -25.79 27.21 14.37
N GLN H 384 -24.89 26.25 14.57
CA GLN H 384 -25.23 24.84 14.45
C GLN H 384 -25.87 24.28 15.74
N ASN H 385 -26.44 25.19 16.54
CA ASN H 385 -27.13 24.87 17.80
C ASN H 385 -26.30 24.11 18.83
N ARG H 386 -24.97 24.23 18.72
CA ARG H 386 -24.02 23.63 19.67
C ARG H 386 -24.03 22.10 19.70
N LYS H 387 -24.63 21.49 18.66
CA LYS H 387 -24.63 20.06 18.50
C LYS H 387 -23.86 19.71 17.24
N PRO H 388 -22.94 18.73 17.32
CA PRO H 388 -22.17 18.31 16.16
C PRO H 388 -23.06 17.97 14.96
N THR H 389 -22.55 18.24 13.77
CA THR H 389 -23.29 18.06 12.52
C THR H 389 -23.12 16.64 11.98
N PRO H 390 -24.07 16.16 11.15
CA PRO H 390 -23.88 14.88 10.48
C PRO H 390 -22.49 14.75 9.84
N ASP H 391 -22.01 15.84 9.24
CA ASP H 391 -20.71 15.86 8.57
C ASP H 391 -19.55 15.80 9.56
N MET H 392 -19.70 16.46 10.70
CA MET H 392 -18.74 16.35 11.80
C MET H 392 -18.68 14.90 12.26
N MET H 393 -19.86 14.27 12.34
CA MET H 393 -19.97 12.87 12.78
C MET H 393 -19.35 11.90 11.76
N GLN H 394 -19.63 12.11 10.47
CA GLN H 394 -19.06 11.24 9.43
C GLN H 394 -17.55 11.36 9.33
N TYR H 395 -17.05 12.57 9.60
CA TYR H 395 -15.61 12.81 9.68
C TYR H 395 -14.99 11.92 10.76
N ALA H 396 -15.54 11.96 11.97
CA ALA H 396 -15.04 11.16 13.08
C ALA H 396 -15.16 9.67 12.80
N LYS H 397 -16.32 9.26 12.26
CA LYS H 397 -16.55 7.89 11.82
C LYS H 397 -15.42 7.40 10.91
N ARG H 398 -15.09 8.19 9.90
CA ARG H 398 -14.05 7.83 8.93
C ARG H 398 -12.65 7.76 9.55
N ALA H 399 -12.44 8.56 10.60
CA ALA H 399 -11.15 8.64 11.29
C ALA H 399 -10.87 7.42 12.16
N VAL H 400 -11.92 6.75 12.62
CA VAL H 400 -11.78 5.63 13.57
C VAL H 400 -12.20 4.25 13.04
N MET H 401 -12.95 4.21 11.94
CA MET H 401 -13.52 2.95 11.45
C MET H 401 -12.49 1.92 10.95
N SER H 402 -11.28 2.36 10.67
CA SER H 402 -10.27 1.49 10.07
C SER H 402 -9.25 0.93 11.05
N LEU H 403 -9.29 1.36 12.31
CA LEU H 403 -8.31 0.90 13.30
C LEU H 403 -8.74 -0.35 14.05
N GLN H 404 -7.83 -1.32 14.09
CA GLN H 404 -8.10 -2.64 14.65
C GLN H 404 -7.10 -2.97 15.76
N GLY H 405 -7.47 -3.93 16.61
CA GLY H 405 -6.61 -4.38 17.70
C GLY H 405 -6.46 -3.35 18.81
N LEU H 406 -7.57 -2.80 19.26
CA LEU H 406 -7.57 -1.80 20.33
C LEU H 406 -7.61 -2.45 21.70
N ARG H 407 -6.86 -1.88 22.64
CA ARG H 407 -6.81 -2.38 24.02
C ARG H 407 -7.90 -1.71 24.86
N GLU H 408 -8.15 -2.26 26.05
CA GLU H 408 -9.14 -1.69 26.96
C GLU H 408 -8.66 -0.39 27.62
N LYS H 409 -9.61 0.49 27.94
CA LYS H 409 -9.35 1.72 28.68
C LYS H 409 -8.36 2.64 27.95
N THR H 410 -8.49 2.71 26.62
CA THR H 410 -7.64 3.56 25.79
C THR H 410 -8.47 4.60 25.03
N ILE H 411 -7.80 5.67 24.59
CA ILE H 411 -8.43 6.72 23.77
C ILE H 411 -8.95 6.15 22.44
N GLY H 412 -8.22 5.17 21.90
CA GLY H 412 -8.60 4.51 20.66
C GLY H 412 -9.91 3.74 20.76
N LYS H 413 -10.03 2.92 21.80
CA LYS H 413 -11.25 2.16 22.03
C LYS H 413 -12.43 3.08 22.30
N TYR H 414 -12.19 4.16 23.04
CA TYR H 414 -13.23 5.14 23.32
C TYR H 414 -13.76 5.78 22.04
N ALA H 415 -12.85 6.28 21.20
CA ALA H 415 -13.25 6.96 19.97
C ALA H 415 -13.99 6.03 19.01
N LYS H 416 -13.49 4.81 18.85
CA LYS H 416 -14.13 3.84 17.96
C LYS H 416 -15.55 3.49 18.44
N SER H 417 -15.68 3.26 19.74
CA SER H 417 -16.98 2.98 20.36
C SER H 417 -17.80 4.24 20.65
N GLU H 418 -17.48 5.34 19.96
CA GLU H 418 -18.24 6.58 20.08
C GLU H 418 -18.62 7.13 18.72
N PHE H 419 -17.79 6.83 17.72
CA PHE H 419 -17.97 7.41 16.40
C PHE H 419 -18.24 6.41 15.28
N ASP H 420 -17.85 5.16 15.47
CA ASP H 420 -18.13 4.14 14.47
C ASP H 420 -19.44 3.42 14.79
N LYS H 421 -20.52 4.03 14.32
CA LYS H 421 -21.87 3.44 14.37
C LYS H 421 -22.84 4.23 13.48
N SER I 1 -55.44 9.70 53.73
CA SER I 1 -55.22 8.44 52.94
C SER I 1 -54.70 7.30 53.84
N VAL I 2 -55.47 6.98 54.87
CA VAL I 2 -55.09 5.96 55.84
C VAL I 2 -56.04 4.76 55.75
N THR I 3 -57.34 5.00 55.91
CA THR I 3 -58.35 3.94 55.89
C THR I 3 -58.61 3.38 54.50
N VAL I 4 -58.52 2.05 54.38
CA VAL I 4 -58.79 1.35 53.13
C VAL I 4 -60.03 0.46 53.27
N LYS I 5 -60.95 0.58 52.33
CA LYS I 5 -62.20 -0.19 52.35
C LYS I 5 -62.25 -1.20 51.20
N ARG I 6 -62.76 -2.38 51.48
CA ARG I 6 -63.09 -3.34 50.43
C ARG I 6 -64.47 -3.04 49.86
N ILE I 7 -64.56 -2.94 48.55
CA ILE I 7 -65.80 -2.49 47.89
C ILE I 7 -66.97 -3.46 48.07
N ILE I 8 -66.84 -4.68 47.56
CA ILE I 8 -67.93 -5.67 47.60
C ILE I 8 -68.47 -5.90 49.02
N ASP I 9 -67.57 -6.04 49.99
CA ASP I 9 -67.90 -6.32 51.39
C ASP I 9 -68.31 -5.05 52.14
N ASN I 10 -67.79 -3.91 51.70
CA ASN I 10 -67.87 -2.64 52.44
C ASN I 10 -67.19 -2.77 53.81
N THR I 11 -66.01 -3.40 53.82
CA THR I 11 -65.30 -3.72 55.04
C THR I 11 -63.91 -3.09 55.04
N VAL I 12 -63.46 -2.63 56.20
CA VAL I 12 -62.13 -2.04 56.33
C VAL I 12 -61.04 -3.10 56.29
N ILE I 13 -59.92 -2.72 55.67
CA ILE I 13 -58.71 -3.53 55.66
C ILE I 13 -57.54 -2.63 56.05
N VAL I 14 -56.61 -3.18 56.84
CA VAL I 14 -55.41 -2.45 57.22
C VAL I 14 -54.20 -3.11 56.57
N PRO I 15 -53.78 -2.61 55.39
CA PRO I 15 -52.55 -3.11 54.79
C PRO I 15 -51.34 -2.76 55.66
N LYS I 16 -50.56 -3.77 56.02
CA LYS I 16 -49.37 -3.57 56.84
C LYS I 16 -48.25 -4.59 56.56
N LEU I 17 -47.01 -4.20 56.85
CA LEU I 17 -45.85 -5.04 56.60
C LEU I 17 -44.95 -5.14 57.83
N PRO I 18 -44.13 -6.21 57.92
CA PRO I 18 -43.09 -6.32 58.93
C PRO I 18 -42.25 -5.05 59.04
N ALA I 19 -41.89 -4.69 60.27
CA ALA I 19 -41.12 -3.48 60.55
C ALA I 19 -39.67 -3.61 60.05
N ASN I 20 -39.10 -2.49 59.62
CA ASN I 20 -37.67 -2.41 59.30
C ASN I 20 -37.00 -1.20 59.97
N GLU I 21 -36.38 -1.45 61.11
CA GLU I 21 -35.82 -0.39 61.95
C GLU I 21 -34.33 -0.60 62.25
N ASP I 22 -33.52 -0.47 61.20
CA ASP I 22 -32.06 -0.51 61.33
C ASP I 22 -31.45 0.86 61.02
N PRO I 23 -31.29 1.71 62.06
CA PRO I 23 -30.76 3.05 61.88
C PRO I 23 -29.26 3.02 61.62
N VAL I 24 -28.75 4.04 60.95
CA VAL I 24 -27.31 4.17 60.73
C VAL I 24 -26.64 4.77 61.96
N GLU I 25 -25.37 4.45 62.17
CA GLU I 25 -24.62 4.99 63.29
C GLU I 25 -23.66 6.09 62.83
N TYR I 26 -23.94 7.32 63.25
CA TYR I 26 -23.11 8.47 62.90
C TYR I 26 -21.88 8.56 63.81
N PRO I 27 -20.70 8.84 63.21
CA PRO I 27 -19.43 8.99 63.93
C PRO I 27 -19.50 9.87 65.17
N ALA I 28 -20.21 11.00 65.07
CA ALA I 28 -20.28 11.98 66.15
C ALA I 28 -20.99 11.45 67.39
N ASP I 29 -21.91 10.51 67.21
CA ASP I 29 -22.68 9.94 68.32
C ASP I 29 -21.87 8.96 69.17
N TYR I 30 -20.74 8.50 68.64
CA TYR I 30 -19.82 7.64 69.40
C TYR I 30 -19.12 8.44 70.49
N PHE I 31 -18.57 9.59 70.12
CA PHE I 31 -17.87 10.48 71.05
C PHE I 31 -18.82 11.17 72.02
N ARG I 32 -20.12 11.06 71.73
CA ARG I 32 -21.17 11.63 72.56
C ARG I 32 -21.36 10.78 73.83
N LYS I 33 -20.98 9.50 73.74
CA LYS I 33 -20.97 8.59 74.88
C LYS I 33 -19.56 8.24 75.34
N SER I 34 -18.79 7.59 74.47
CA SER I 34 -17.42 7.17 74.77
C SER I 34 -16.42 8.22 74.28
N LYS I 35 -15.57 8.71 75.18
CA LYS I 35 -14.64 9.80 74.86
C LYS I 35 -13.20 9.32 74.58
N GLU I 36 -13.05 8.01 74.40
CA GLU I 36 -11.75 7.41 74.04
C GLU I 36 -11.89 6.09 73.29
N ILE I 37 -11.01 5.86 72.33
CA ILE I 37 -11.03 4.63 71.52
C ILE I 37 -10.18 3.54 72.19
N PRO I 38 -10.82 2.42 72.56
CA PRO I 38 -10.12 1.31 73.23
C PRO I 38 -9.27 0.48 72.26
N LEU I 39 -8.06 0.14 72.69
CA LEU I 39 -7.16 -0.73 71.93
C LEU I 39 -6.47 -1.69 72.89
N TYR I 40 -6.86 -2.96 72.83
CA TYR I 40 -6.38 -3.98 73.77
C TYR I 40 -5.28 -4.87 73.18
N ILE I 41 -4.05 -4.58 73.57
CA ILE I 41 -2.87 -5.34 73.14
C ILE I 41 -2.12 -5.86 74.35
N ASN I 42 -1.77 -7.14 74.32
CA ASN I 42 -1.00 -7.76 75.39
C ASN I 42 0.48 -7.88 75.02
N THR I 43 1.33 -7.21 75.79
CA THR I 43 2.78 -7.31 75.64
C THR I 43 3.36 -8.16 76.76
N THR I 44 3.46 -9.46 76.50
CA THR I 44 4.08 -10.40 77.44
C THR I 44 5.36 -10.98 76.83
N LYS I 45 5.35 -11.15 75.51
CA LYS I 45 6.49 -11.68 74.78
C LYS I 45 7.34 -10.57 74.17
N SER I 46 8.64 -10.84 74.02
CA SER I 46 9.57 -9.88 73.43
C SER I 46 9.38 -9.76 71.91
N LEU I 47 10.13 -8.86 71.30
CA LEU I 47 10.07 -8.64 69.84
C LEU I 47 10.55 -9.88 69.06
N SER I 48 11.63 -10.49 69.54
CA SER I 48 12.22 -11.65 68.88
C SER I 48 11.32 -12.88 68.90
N ASP I 49 10.66 -13.12 70.04
CA ASP I 49 9.78 -14.27 70.22
C ASP I 49 8.47 -14.15 69.44
N LEU I 50 7.91 -12.94 69.40
CA LEU I 50 6.69 -12.66 68.64
C LEU I 50 6.90 -12.80 67.14
N ARG I 51 8.13 -12.53 66.70
CA ARG I 51 8.54 -12.66 65.30
C ARG I 51 8.53 -14.12 64.84
N GLY I 52 8.76 -15.04 65.78
CA GLY I 52 8.86 -16.47 65.48
C GLY I 52 7.55 -17.15 65.13
N TYR I 53 6.49 -16.86 65.88
CA TYR I 53 5.18 -17.47 65.69
C TYR I 53 4.53 -17.09 64.36
N VAL I 54 4.79 -15.87 63.91
CA VAL I 54 4.20 -15.34 62.66
C VAL I 54 4.88 -15.94 61.43
N TYR I 55 6.21 -15.96 61.44
CA TYR I 55 7.03 -16.48 60.34
C TYR I 55 6.57 -17.85 59.87
N GLN I 56 6.37 -18.77 60.83
CA GLN I 56 5.91 -20.12 60.54
C GLN I 56 4.38 -20.20 60.46
N GLY I 57 3.72 -19.22 61.07
CA GLY I 57 2.26 -19.16 61.11
C GLY I 57 1.61 -18.85 59.77
N LEU I 58 2.32 -18.10 58.93
CA LEU I 58 1.86 -17.78 57.59
C LEU I 58 2.10 -18.94 56.62
N LYS I 59 3.21 -19.65 56.82
CA LYS I 59 3.55 -20.83 56.02
C LYS I 59 2.59 -21.97 56.31
N SER I 60 2.47 -22.36 57.58
CA SER I 60 1.60 -23.44 58.02
C SER I 60 0.12 -23.10 57.92
N GLY I 61 -0.19 -21.80 57.87
CA GLY I 61 -1.57 -21.32 57.80
C GLY I 61 -2.21 -21.19 59.17
N ASN I 62 -1.43 -21.47 60.22
CA ASN I 62 -1.91 -21.42 61.60
C ASN I 62 -1.27 -20.25 62.35
N VAL I 63 -1.90 -19.08 62.26
CA VAL I 63 -1.37 -17.88 62.89
C VAL I 63 -2.42 -17.20 63.78
N SER I 64 -2.06 -16.97 65.03
CA SER I 64 -2.92 -16.25 65.97
C SER I 64 -2.84 -14.75 65.73
N ILE I 65 -3.99 -14.08 65.79
CA ILE I 65 -4.06 -12.64 65.59
C ILE I 65 -3.46 -11.86 66.77
N ILE I 66 -3.58 -12.44 67.98
CA ILE I 66 -3.01 -11.84 69.18
C ILE I 66 -1.50 -11.63 69.03
N HIS I 67 -0.82 -12.64 68.48
CA HIS I 67 0.62 -12.56 68.21
C HIS I 67 0.95 -11.48 67.18
N VAL I 68 0.10 -11.36 66.16
CA VAL I 68 0.27 -10.36 65.10
C VAL I 68 0.06 -8.95 65.65
N ASN I 69 -1.00 -8.76 66.44
CA ASN I 69 -1.33 -7.47 67.02
C ASN I 69 -0.28 -6.98 68.00
N SER I 70 0.29 -7.91 68.76
CA SER I 70 1.38 -7.59 69.68
C SER I 70 2.66 -7.24 68.92
N TYR I 71 2.95 -8.01 67.87
CA TYR I 71 4.12 -7.75 67.02
C TYR I 71 4.03 -6.41 66.29
N LEU I 72 2.83 -6.08 65.82
CA LEU I 72 2.60 -4.82 65.12
C LEU I 72 2.76 -3.61 66.05
N TYR I 73 2.37 -3.77 67.31
CA TYR I 73 2.57 -2.73 68.30
C TYR I 73 4.06 -2.57 68.60
N GLY I 74 4.75 -3.69 68.84
CA GLY I 74 6.17 -3.68 69.19
C GLY I 74 7.11 -3.25 68.08
N ALA I 75 6.63 -3.25 66.85
CA ALA I 75 7.43 -2.86 65.69
C ALA I 75 7.08 -1.45 65.18
N LEU I 76 6.06 -0.83 65.78
CA LEU I 76 5.62 0.50 65.38
C LEU I 76 5.50 1.47 66.57
N LYS I 77 6.26 1.21 67.63
CA LYS I 77 6.27 2.05 68.83
C LYS I 77 6.90 3.42 68.62
N ASP I 78 7.40 3.68 67.42
CA ASP I 78 8.11 4.91 67.10
C ASP I 78 7.27 6.17 67.33
N ILE I 79 7.84 7.10 68.10
CA ILE I 79 7.16 8.34 68.48
C ILE I 79 7.51 9.48 67.50
N ARG I 80 7.96 9.10 66.30
CA ARG I 80 8.39 10.04 65.28
C ARG I 80 7.23 10.85 64.72
N GLY I 81 7.45 12.16 64.53
CA GLY I 81 6.44 13.03 63.96
C GLY I 81 6.13 14.23 64.83
N LYS I 82 6.56 15.41 64.37
CA LYS I 82 6.35 16.66 65.08
C LYS I 82 5.22 17.45 64.42
N LEU I 83 4.21 17.82 65.22
CA LEU I 83 3.07 18.60 64.73
C LEU I 83 3.36 20.09 64.74
N ASP I 84 2.90 20.78 63.71
CA ASP I 84 3.06 22.23 63.59
C ASP I 84 1.76 22.98 63.89
N LYS I 85 0.66 22.25 63.92
CA LYS I 85 -0.66 22.79 64.27
C LYS I 85 -1.42 21.86 65.21
N ASP I 86 -2.53 22.34 65.75
CA ASP I 86 -3.38 21.56 66.64
C ASP I 86 -4.10 20.44 65.89
N TRP I 87 -4.11 19.25 66.49
CA TRP I 87 -4.84 18.12 65.94
C TRP I 87 -5.93 17.65 66.90
N SER I 88 -7.18 17.86 66.47
CA SER I 88 -8.34 17.53 67.27
C SER I 88 -9.49 17.05 66.38
N SER I 89 -10.12 15.95 66.77
CA SER I 89 -11.26 15.41 66.05
C SER I 89 -12.40 15.07 67.01
N PHE I 90 -13.55 15.72 66.79
CA PHE I 90 -14.75 15.57 67.62
C PHE I 90 -14.53 15.96 69.09
N GLY I 91 -13.87 17.09 69.30
CA GLY I 91 -13.60 17.61 70.64
C GLY I 91 -12.56 16.82 71.42
N ILE I 92 -11.73 16.06 70.71
CA ILE I 92 -10.69 15.26 71.33
C ILE I 92 -9.31 15.81 70.95
N ASN I 93 -8.74 16.62 71.84
CA ASN I 93 -7.43 17.22 71.62
C ASN I 93 -6.31 16.22 71.88
N ILE I 94 -5.95 15.46 70.84
CA ILE I 94 -4.92 14.43 70.97
C ILE I 94 -3.51 15.01 70.90
N GLY I 95 -3.36 16.16 70.25
CA GLY I 95 -2.06 16.81 70.10
C GLY I 95 -2.12 18.32 70.04
N LYS I 96 -1.02 18.97 70.37
CA LYS I 96 -0.89 20.43 70.26
C LYS I 96 0.26 20.83 69.34
N ALA I 97 0.61 22.11 69.36
CA ALA I 97 1.58 22.68 68.43
C ALA I 97 3.04 22.31 68.72
N GLY I 98 3.30 21.72 69.89
CA GLY I 98 4.67 21.44 70.30
C GLY I 98 5.10 19.98 70.29
N ASP I 99 4.16 19.08 70.57
CA ASP I 99 4.46 17.66 70.81
C ASP I 99 5.05 16.90 69.62
N THR I 100 6.07 16.10 69.90
CA THR I 100 6.58 15.11 68.96
C THR I 100 5.88 13.80 69.29
N ILE I 101 4.85 13.49 68.50
CA ILE I 101 3.93 12.41 68.81
C ILE I 101 4.07 11.23 67.84
N GLY I 102 3.56 10.06 68.25
CA GLY I 102 3.57 8.87 67.40
C GLY I 102 2.19 8.26 67.24
N ILE I 103 2.15 7.04 66.70
CA ILE I 103 0.91 6.27 66.58
C ILE I 103 0.55 5.72 67.96
N PHE I 104 -0.64 5.14 68.08
CA PHE I 104 -1.15 4.57 69.34
C PHE I 104 -1.39 5.64 70.42
N ASP I 105 -1.16 6.90 70.07
CA ASP I 105 -1.43 8.02 70.97
C ASP I 105 -2.90 8.43 70.90
N LEU I 106 -3.77 7.44 71.16
CA LEU I 106 -5.21 7.61 71.22
C LEU I 106 -5.64 7.22 72.63
N VAL I 107 -5.83 5.92 72.83
CA VAL I 107 -5.94 5.30 74.16
C VAL I 107 -5.47 3.86 74.08
N SER I 108 -4.45 3.52 74.87
CA SER I 108 -3.85 2.20 74.85
C SER I 108 -4.10 1.45 76.16
N LEU I 109 -4.67 0.24 76.03
CA LEU I 109 -4.94 -0.62 77.18
C LEU I 109 -4.42 -2.04 76.90
N LYS I 110 -4.56 -2.93 77.89
CA LYS I 110 -4.00 -4.27 77.76
C LYS I 110 -5.07 -5.36 77.75
N ALA I 111 -4.84 -6.39 76.91
CA ALA I 111 -5.74 -7.53 76.79
C ALA I 111 -5.35 -8.62 77.78
N LEU I 112 -6.35 -9.35 78.28
CA LEU I 112 -6.15 -10.41 79.28
C LEU I 112 -5.26 -11.54 78.76
N ASP I 113 -4.31 -11.95 79.61
CA ASP I 113 -3.41 -13.07 79.30
C ASP I 113 -4.15 -14.40 79.30
N GLY I 114 -3.75 -15.28 78.40
CA GLY I 114 -4.37 -16.60 78.26
C GLY I 114 -4.30 -17.12 76.84
N VAL I 115 -3.30 -16.65 76.10
CA VAL I 115 -3.06 -17.08 74.73
C VAL I 115 -2.60 -18.54 74.70
N LEU I 116 -3.47 -19.43 74.26
CA LEU I 116 -3.26 -20.88 74.35
C LEU I 116 -2.35 -21.53 73.28
N PRO I 117 -2.31 -20.97 72.04
CA PRO I 117 -1.43 -21.57 71.01
C PRO I 117 0.05 -21.59 71.39
N ASP I 118 0.74 -20.46 71.19
CA ASP I 118 2.18 -20.33 71.47
C ASP I 118 3.05 -21.45 70.90
N GLY I 119 2.58 -22.06 69.81
CA GLY I 119 3.27 -23.19 69.18
C GLY I 119 3.90 -22.84 67.85
N VAL I 120 4.71 -23.78 67.34
CA VAL I 120 5.43 -23.64 66.06
C VAL I 120 6.26 -22.33 66.01
N SER I 121 7.40 -22.35 66.68
CA SER I 121 8.26 -21.17 66.80
C SER I 121 9.60 -21.37 66.08
N ASP I 122 10.20 -20.26 65.65
CA ASP I 122 11.48 -20.28 64.94
C ASP I 122 12.33 -19.06 65.31
N ALA I 123 13.56 -19.29 65.74
CA ALA I 123 14.47 -18.22 66.13
C ALA I 123 15.51 -17.91 65.04
N SER I 124 15.14 -18.19 63.80
CA SER I 124 16.04 -17.98 62.66
C SER I 124 16.19 -16.52 62.29
N ARG I 125 15.07 -15.86 62.00
CA ARG I 125 15.07 -14.44 61.62
C ARG I 125 15.34 -13.53 62.81
N THR I 126 16.16 -12.51 62.58
CA THR I 126 16.50 -11.51 63.61
C THR I 126 16.46 -10.08 63.07
N SER I 127 16.95 -9.90 61.85
CA SER I 127 17.06 -8.57 61.24
C SER I 127 15.90 -8.24 60.31
N ALA I 128 14.86 -9.08 60.32
CA ALA I 128 13.67 -8.87 59.51
C ALA I 128 12.55 -8.16 60.29
N ASP I 129 12.96 -7.23 61.15
CA ASP I 129 12.03 -6.46 61.97
C ASP I 129 11.32 -5.38 61.14
N ASP I 130 11.69 -4.13 61.34
CA ASP I 130 11.09 -3.00 60.62
C ASP I 130 11.57 -2.94 59.17
N LYS I 131 11.27 -3.99 58.40
CA LYS I 131 11.69 -4.09 57.01
C LYS I 131 10.55 -4.54 56.09
N TRP I 132 10.26 -5.83 56.08
CA TRP I 132 9.32 -6.39 55.10
C TRP I 132 8.13 -7.15 55.71
N LEU I 133 8.30 -7.67 56.93
CA LEU I 133 7.26 -8.47 57.58
C LEU I 133 6.03 -7.67 58.04
N PRO I 134 6.22 -6.56 58.78
CA PRO I 134 5.06 -5.82 59.30
C PRO I 134 4.25 -5.13 58.20
N LEU I 135 4.93 -4.71 57.13
CA LEU I 135 4.27 -4.07 55.99
C LEU I 135 3.43 -5.08 55.20
N TYR I 136 3.82 -6.34 55.25
CA TYR I 136 3.08 -7.41 54.59
C TYR I 136 1.83 -7.84 55.36
N LEU I 137 1.88 -7.68 56.68
CA LEU I 137 0.73 -7.96 57.55
C LEU I 137 -0.40 -6.97 57.28
N LEU I 138 -0.03 -5.71 57.05
CA LEU I 138 -0.98 -4.65 56.71
C LEU I 138 -1.50 -4.82 55.27
N GLY I 139 -0.65 -5.36 54.40
CA GLY I 139 -0.99 -5.56 52.99
C GLY I 139 -2.02 -6.64 52.74
N LEU I 140 -2.07 -7.63 53.63
CA LEU I 140 -3.04 -8.73 53.52
C LEU I 140 -4.46 -8.32 53.91
N TYR I 141 -4.57 -7.13 54.50
CA TYR I 141 -5.87 -6.50 54.78
C TYR I 141 -6.58 -6.13 53.48
N ARG I 142 -5.78 -5.76 52.47
CA ARG I 142 -6.28 -5.43 51.14
C ARG I 142 -6.68 -6.69 50.37
N VAL I 143 -5.83 -7.71 50.43
CA VAL I 143 -6.01 -8.96 49.69
C VAL I 143 -7.22 -9.77 50.18
N GLY I 144 -7.43 -9.76 51.50
CA GLY I 144 -8.52 -10.51 52.13
C GLY I 144 -9.91 -9.97 51.87
N ARG I 145 -10.01 -8.66 51.70
CA ARG I 145 -11.30 -7.98 51.48
C ARG I 145 -11.96 -8.33 50.15
N THR I 146 -11.17 -8.27 49.07
CA THR I 146 -11.68 -8.56 47.73
C THR I 146 -11.96 -10.06 47.54
N GLN I 147 -13.23 -10.38 47.29
CA GLN I 147 -13.67 -11.74 47.00
C GLN I 147 -13.73 -11.99 45.49
N MET I 148 -13.29 -11.00 44.72
CA MET I 148 -13.21 -11.09 43.26
C MET I 148 -12.06 -12.01 42.85
N PRO I 149 -12.13 -12.59 41.63
CA PRO I 149 -10.98 -13.33 41.07
C PRO I 149 -9.81 -12.38 40.78
N GLU I 150 -9.18 -11.89 41.85
CA GLU I 150 -8.16 -10.85 41.76
C GLU I 150 -7.17 -10.99 42.93
N TYR I 151 -6.96 -12.22 43.38
CA TYR I 151 -6.06 -12.52 44.50
C TYR I 151 -4.58 -12.31 44.18
N ARG I 152 -4.19 -12.66 42.95
CA ARG I 152 -2.81 -12.51 42.50
C ARG I 152 -2.43 -11.05 42.23
N LYS I 153 -3.38 -10.30 41.65
CA LYS I 153 -3.17 -8.89 41.32
C LYS I 153 -3.02 -8.01 42.56
N LYS I 154 -3.71 -8.39 43.64
CA LYS I 154 -3.60 -7.71 44.93
C LYS I 154 -2.40 -8.21 45.74
N LEU I 155 -1.82 -9.33 45.30
CA LEU I 155 -0.62 -9.89 45.90
C LEU I 155 0.62 -9.67 45.01
N MET I 156 0.41 -8.96 43.89
CA MET I 156 1.49 -8.55 43.00
C MET I 156 2.19 -7.30 43.52
N ASP I 157 1.41 -6.23 43.70
CA ASP I 157 1.94 -4.94 44.17
C ASP I 157 2.03 -4.88 45.71
N GLY I 158 1.45 -5.87 46.38
CA GLY I 158 1.55 -6.00 47.84
C GLY I 158 2.60 -7.02 48.24
N LEU I 159 3.69 -7.06 47.48
CA LEU I 159 4.80 -8.00 47.71
C LEU I 159 6.10 -7.45 47.11
N THR I 160 5.98 -6.84 45.92
CA THR I 160 7.12 -6.25 45.20
C THR I 160 7.66 -5.01 45.91
N ASN I 161 6.79 -4.33 46.65
CA ASN I 161 7.16 -3.15 47.43
C ASN I 161 8.01 -3.48 48.66
N GLN I 162 7.96 -4.75 49.09
CA GLN I 162 8.67 -5.23 50.26
C GLN I 162 10.06 -5.77 49.91
N CYS I 163 10.27 -6.04 48.63
CA CYS I 163 11.55 -6.55 48.12
C CYS I 163 12.64 -5.47 48.14
N LYS I 164 12.22 -4.21 48.28
CA LYS I 164 13.14 -3.07 48.29
C LYS I 164 13.95 -2.97 49.59
N MET I 165 13.63 -3.83 50.55
CA MET I 165 14.28 -3.81 51.86
C MET I 165 15.49 -4.75 51.97
N ILE I 166 15.23 -6.06 51.89
CA ILE I 166 16.31 -7.06 52.01
C ILE I 166 16.27 -8.20 50.98
N ASN I 167 15.20 -8.98 50.99
CA ASN I 167 15.09 -10.16 50.13
C ASN I 167 13.74 -10.30 49.42
N GLU I 168 13.75 -10.96 48.27
CA GLU I 168 12.55 -11.18 47.47
C GLU I 168 11.90 -12.52 47.84
N GLN I 169 10.97 -12.48 48.79
CA GLN I 169 10.33 -13.69 49.31
C GLN I 169 8.83 -13.54 49.58
N PHE I 170 8.12 -14.67 49.60
CA PHE I 170 6.70 -14.73 49.93
C PHE I 170 6.39 -15.93 50.81
N GLU I 171 5.45 -15.75 51.75
CA GLU I 171 5.16 -16.78 52.76
C GLU I 171 3.85 -17.56 52.58
N PRO I 172 2.70 -16.86 52.48
CA PRO I 172 1.43 -17.58 52.35
C PRO I 172 1.34 -18.44 51.09
N LEU I 173 0.57 -19.53 51.19
CA LEU I 173 0.44 -20.50 50.11
C LEU I 173 -0.34 -19.94 48.92
N VAL I 174 -0.23 -20.61 47.78
CA VAL I 174 -0.92 -20.20 46.56
C VAL I 174 -2.43 -20.51 46.60
N PRO I 175 -2.81 -21.79 46.88
CA PRO I 175 -4.25 -22.08 46.92
C PRO I 175 -4.90 -21.86 48.29
N GLU I 176 -4.47 -22.63 49.29
CA GLU I 176 -5.09 -22.61 50.63
C GLU I 176 -4.62 -21.44 51.51
N GLY I 177 -3.53 -20.79 51.09
CA GLY I 177 -3.00 -19.63 51.80
C GLY I 177 -3.64 -18.33 51.35
N ARG I 178 -4.97 -18.36 51.19
CA ARG I 178 -5.75 -17.20 50.77
C ARG I 178 -6.95 -16.99 51.69
N ASP I 179 -7.35 -18.07 52.37
CA ASP I 179 -8.51 -18.05 53.28
C ASP I 179 -8.11 -17.76 54.73
N ILE I 180 -6.80 -17.76 54.99
CA ILE I 180 -6.28 -17.57 56.35
C ILE I 180 -6.37 -16.13 56.86
N PHE I 181 -6.09 -15.17 55.98
CA PHE I 181 -6.11 -13.75 56.35
C PHE I 181 -7.46 -13.07 56.12
N ASP I 182 -8.48 -13.88 55.82
CA ASP I 182 -9.87 -13.41 55.75
C ASP I 182 -10.47 -13.35 57.15
N VAL I 183 -9.83 -14.05 58.09
CA VAL I 183 -10.20 -14.05 59.51
C VAL I 183 -9.72 -12.77 60.19
N TRP I 184 -8.67 -12.18 59.62
CA TRP I 184 -7.99 -11.00 60.17
C TRP I 184 -8.88 -9.77 60.30
N GLY I 185 -9.66 -9.49 59.25
CA GLY I 185 -10.56 -8.34 59.20
C GLY I 185 -11.73 -8.41 60.18
N ASN I 186 -12.00 -9.61 60.68
CA ASN I 186 -13.05 -9.82 61.68
C ASN I 186 -12.60 -9.41 63.09
N ASP I 187 -11.29 -9.44 63.31
CA ASP I 187 -10.71 -9.07 64.60
C ASP I 187 -10.73 -7.56 64.81
N SER I 188 -11.38 -7.15 65.89
CA SER I 188 -11.59 -5.73 66.21
C SER I 188 -10.30 -4.95 66.41
N ASN I 189 -9.32 -5.57 67.07
CA ASN I 189 -8.07 -4.91 67.43
C ASN I 189 -7.11 -4.67 66.26
N TYR I 190 -6.99 -5.66 65.39
CA TYR I 190 -6.11 -5.58 64.21
C TYR I 190 -6.54 -4.45 63.28
N THR I 191 -7.85 -4.32 63.09
CA THR I 191 -8.43 -3.30 62.21
C THR I 191 -8.22 -1.90 62.79
N LYS I 192 -8.18 -1.80 64.12
CA LYS I 192 -7.88 -0.55 64.80
C LYS I 192 -6.45 -0.10 64.57
N ILE I 193 -5.53 -1.07 64.44
CA ILE I 193 -4.13 -0.79 64.16
C ILE I 193 -3.96 -0.30 62.71
N VAL I 194 -4.59 -1.00 61.76
CA VAL I 194 -4.53 -0.67 60.34
C VAL I 194 -5.01 0.76 60.06
N ALA I 195 -6.11 1.16 60.71
CA ALA I 195 -6.64 2.51 60.57
C ALA I 195 -5.76 3.55 61.26
N ALA I 196 -5.16 3.19 62.39
CA ALA I 196 -4.32 4.11 63.17
C ALA I 196 -3.01 4.45 62.47
N VAL I 197 -2.40 3.45 61.83
CA VAL I 197 -1.20 3.65 61.04
C VAL I 197 -1.51 4.59 59.87
N ASP I 198 -2.54 4.23 59.10
CA ASP I 198 -2.91 4.96 57.89
C ASP I 198 -3.37 6.39 58.18
N MET I 199 -4.03 6.60 59.31
CA MET I 199 -4.45 7.92 59.73
C MET I 199 -3.23 8.76 60.09
N PHE I 200 -2.31 8.15 60.83
CA PHE I 200 -1.10 8.82 61.28
C PHE I 200 -0.25 9.30 60.13
N PHE I 201 -0.05 8.42 59.13
CA PHE I 201 0.78 8.76 57.98
C PHE I 201 0.07 9.63 56.94
N HIS I 202 -1.25 9.74 57.07
CA HIS I 202 -2.01 10.71 56.26
C HIS I 202 -1.79 12.12 56.79
N MET I 203 -1.55 12.22 58.10
CA MET I 203 -1.16 13.49 58.72
C MET I 203 0.28 13.80 58.34
N PHE I 204 1.19 12.90 58.71
CA PHE I 204 2.62 13.07 58.44
C PHE I 204 3.00 12.48 57.07
N LYS I 205 2.61 13.21 56.03
CA LYS I 205 2.75 12.79 54.63
C LYS I 205 4.20 12.62 54.20
N LYS I 206 5.06 13.55 54.64
CA LYS I 206 6.44 13.62 54.20
C LYS I 206 7.42 12.72 54.99
N HIS I 207 6.94 12.13 56.08
CA HIS I 207 7.76 11.23 56.91
C HIS I 207 8.25 10.03 56.10
N GLU I 208 9.52 9.66 56.29
CA GLU I 208 10.15 8.61 55.46
C GLU I 208 9.60 7.20 55.66
N CYS I 209 8.84 7.00 56.75
CA CYS I 209 8.19 5.71 57.00
C CYS I 209 6.72 5.68 56.58
N ALA I 210 6.34 6.63 55.72
CA ALA I 210 4.98 6.68 55.17
C ALA I 210 4.73 5.59 54.13
N SER I 211 5.80 4.88 53.77
CA SER I 211 5.73 3.77 52.82
C SER I 211 4.83 2.63 53.31
N PHE I 212 4.57 2.62 54.62
CA PHE I 212 3.68 1.64 55.24
C PHE I 212 2.25 1.70 54.68
N ARG I 213 1.88 2.86 54.15
CA ARG I 213 0.53 3.09 53.62
C ARG I 213 0.15 2.17 52.46
N TYR I 214 1.13 1.60 51.77
CA TYR I 214 0.86 0.60 50.74
C TYR I 214 0.21 -0.63 51.37
N GLY I 215 -1.02 -0.90 51.00
CA GLY I 215 -1.80 -1.98 51.59
C GLY I 215 -2.65 -1.51 52.77
N THR I 216 -2.33 -0.32 53.28
CA THR I 216 -3.02 0.29 54.42
C THR I 216 -3.93 1.41 53.95
N ILE I 217 -3.66 1.92 52.75
CA ILE I 217 -4.37 3.06 52.16
C ILE I 217 -5.82 2.74 51.80
N VAL I 218 -6.11 1.44 51.60
CA VAL I 218 -7.46 1.00 51.22
C VAL I 218 -8.45 1.02 52.38
N SER I 219 -7.96 1.33 53.58
CA SER I 219 -8.80 1.44 54.77
C SER I 219 -9.51 2.80 54.84
N ARG I 220 -8.96 3.79 54.14
CA ARG I 220 -9.51 5.14 54.15
C ARG I 220 -10.74 5.25 53.26
N PHE I 221 -11.84 5.72 53.85
CA PHE I 221 -13.16 5.80 53.19
C PHE I 221 -13.61 4.45 52.62
N LYS I 222 -13.03 3.37 53.13
CA LYS I 222 -13.33 2.01 52.70
C LYS I 222 -14.83 1.69 52.76
N ASP I 223 -15.49 2.23 53.77
CA ASP I 223 -16.91 2.02 53.96
C ASP I 223 -17.76 3.10 53.28
N CYS I 224 -17.11 4.18 52.86
CA CYS I 224 -17.82 5.36 52.36
C CYS I 224 -17.99 5.38 50.84
N ALA I 225 -18.59 4.31 50.31
CA ALA I 225 -18.82 4.19 48.87
C ALA I 225 -19.86 5.19 48.35
N ALA I 226 -20.81 5.55 49.22
CA ALA I 226 -21.85 6.52 48.87
C ALA I 226 -21.29 7.93 48.68
N LEU I 227 -20.22 8.26 49.39
CA LEU I 227 -19.55 9.54 49.21
C LEU I 227 -18.73 9.52 47.92
N ALA I 228 -18.14 8.36 47.63
CA ALA I 228 -17.36 8.18 46.41
C ALA I 228 -18.24 8.33 45.16
N THR I 229 -19.37 7.64 45.13
CA THR I 229 -20.28 7.69 43.98
C THR I 229 -20.73 9.14 43.69
N PHE I 230 -21.01 9.89 44.74
CA PHE I 230 -21.35 11.31 44.65
C PHE I 230 -20.19 12.12 44.11
N GLY I 231 -18.99 11.82 44.61
CA GLY I 231 -17.78 12.48 44.15
C GLY I 231 -17.55 12.22 42.67
N HIS I 232 -17.73 10.96 42.29
CA HIS I 232 -17.53 10.51 40.91
C HIS I 232 -18.53 11.14 39.93
N LEU I 233 -19.74 11.42 40.40
CA LEU I 233 -20.78 12.03 39.57
C LEU I 233 -20.49 13.50 39.32
N CYS I 234 -19.95 14.17 40.33
CA CYS I 234 -19.54 15.57 40.18
C CYS I 234 -18.43 15.74 39.15
N LYS I 235 -17.48 14.81 39.13
CA LYS I 235 -16.38 14.87 38.17
C LYS I 235 -16.82 14.49 36.76
N ILE I 236 -17.73 13.51 36.66
CA ILE I 236 -18.20 13.02 35.38
C ILE I 236 -19.11 14.04 34.66
N THR I 237 -19.76 14.91 35.43
CA THR I 237 -20.62 15.95 34.88
C THR I 237 -19.94 17.32 34.86
N GLY I 238 -18.97 17.51 35.75
CA GLY I 238 -18.28 18.79 35.88
C GLY I 238 -19.09 19.85 36.59
N MET I 239 -20.11 19.43 37.31
CA MET I 239 -20.97 20.33 38.08
C MET I 239 -20.58 20.30 39.56
N SER I 240 -20.95 21.36 40.29
CA SER I 240 -20.66 21.45 41.72
C SER I 240 -21.57 20.54 42.55
N THR I 241 -21.16 20.28 43.80
CA THR I 241 -21.98 19.50 44.73
C THR I 241 -23.39 20.08 44.84
N GLU I 242 -23.46 21.40 45.03
CA GLU I 242 -24.73 22.10 45.18
C GLU I 242 -25.65 21.89 43.98
N ASP I 243 -25.08 21.98 42.78
CA ASP I 243 -25.87 21.86 41.55
C ASP I 243 -26.26 20.43 41.18
N VAL I 244 -25.42 19.46 41.53
CA VAL I 244 -25.75 18.04 41.32
C VAL I 244 -26.91 17.62 42.24
N THR I 245 -26.96 18.23 43.43
CA THR I 245 -28.05 18.03 44.39
C THR I 245 -29.41 18.40 43.78
N THR I 246 -29.44 19.48 42.99
CA THR I 246 -30.70 19.99 42.42
C THR I 246 -31.21 19.14 41.25
N TRP I 247 -30.38 18.23 40.76
CA TRP I 247 -30.81 17.32 39.71
C TRP I 247 -31.31 15.98 40.27
N ILE I 248 -31.45 15.91 41.59
CA ILE I 248 -32.12 14.79 42.23
C ILE I 248 -33.63 14.96 42.00
N LEU I 249 -34.23 14.00 41.31
CA LEU I 249 -35.63 14.09 40.93
C LEU I 249 -36.50 12.97 41.53
N ASN I 250 -35.93 12.23 42.48
CA ASN I 250 -36.65 11.15 43.16
C ASN I 250 -36.58 11.29 44.68
N ARG I 251 -37.73 11.11 45.33
CA ARG I 251 -37.87 11.29 46.78
C ARG I 251 -36.96 10.37 47.60
N GLU I 252 -36.84 9.11 47.18
CA GLU I 252 -35.96 8.16 47.87
C GLU I 252 -34.49 8.59 47.83
N VAL I 253 -34.08 9.16 46.70
CA VAL I 253 -32.71 9.66 46.53
C VAL I 253 -32.50 10.88 47.42
N ALA I 254 -33.52 11.74 47.52
CA ALA I 254 -33.45 12.95 48.32
C ALA I 254 -33.31 12.63 49.82
N ASP I 255 -34.09 11.66 50.31
CA ASP I 255 -33.99 11.20 51.70
C ASP I 255 -32.60 10.68 52.01
N GLU I 256 -32.06 9.90 51.07
CA GLU I 256 -30.73 9.33 51.20
C GLU I 256 -29.64 10.40 51.24
N MET I 257 -29.76 11.40 50.35
CA MET I 257 -28.84 12.53 50.32
C MET I 257 -28.83 13.31 51.63
N VAL I 258 -30.01 13.55 52.19
CA VAL I 258 -30.16 14.21 53.51
C VAL I 258 -29.46 13.40 54.61
N GLN I 259 -29.64 12.07 54.57
CA GLN I 259 -29.01 11.15 55.50
C GLN I 259 -27.48 11.28 55.46
N MET I 260 -26.93 11.28 54.24
CA MET I 260 -25.47 11.36 54.02
C MET I 260 -24.86 12.68 54.46
N MET I 261 -25.63 13.76 54.34
CA MET I 261 -25.11 15.12 54.56
C MET I 261 -25.45 15.70 55.93
N LEU I 262 -25.65 14.83 56.92
CA LEU I 262 -25.96 15.27 58.27
C LEU I 262 -24.79 16.07 58.85
N PRO I 263 -25.06 17.31 59.28
CA PRO I 263 -24.05 18.23 59.84
C PRO I 263 -23.32 17.65 61.04
N GLY I 264 -22.02 17.94 61.13
CA GLY I 264 -21.20 17.59 62.29
C GLY I 264 -20.51 16.24 62.27
N GLN I 265 -20.17 15.77 61.08
CA GLN I 265 -19.50 14.47 60.94
C GLN I 265 -18.06 14.59 60.43
N GLU I 266 -17.61 15.81 60.22
CA GLU I 266 -16.23 16.10 59.81
C GLU I 266 -15.85 15.49 58.45
N ILE I 267 -16.83 15.29 57.58
CA ILE I 267 -16.61 14.67 56.28
C ILE I 267 -15.65 15.45 55.37
N ASP I 268 -15.76 16.79 55.41
CA ASP I 268 -15.01 17.64 54.49
C ASP I 268 -13.60 17.99 54.96
N LYS I 269 -13.36 17.96 56.27
CA LYS I 269 -12.03 18.24 56.81
C LYS I 269 -11.09 17.04 56.65
N ALA I 270 -9.80 17.32 56.52
CA ALA I 270 -8.81 16.29 56.20
C ALA I 270 -8.57 15.30 57.36
N ASP I 271 -7.67 15.65 58.27
CA ASP I 271 -7.23 14.74 59.32
C ASP I 271 -8.31 14.52 60.38
N SER I 272 -9.07 13.45 60.19
CA SER I 272 -10.19 13.10 61.08
C SER I 272 -10.29 11.58 61.27
N TYR I 273 -11.05 11.15 62.27
CA TYR I 273 -11.30 9.74 62.53
C TYR I 273 -12.30 9.13 61.56
N MET I 274 -13.19 9.96 61.03
CA MET I 274 -14.38 9.49 60.30
C MET I 274 -14.13 8.63 59.04
N PRO I 275 -13.05 8.89 58.27
CA PRO I 275 -12.80 8.02 57.11
C PRO I 275 -12.63 6.53 57.47
N TYR I 276 -12.40 6.25 58.77
CA TYR I 276 -12.25 4.88 59.25
C TYR I 276 -13.26 4.56 60.35
N LEU I 277 -14.52 4.91 60.14
CA LEU I 277 -15.56 4.74 61.17
C LEU I 277 -15.73 3.31 61.66
N ILE I 278 -15.81 2.36 60.74
CA ILE I 278 -16.01 0.95 61.09
C ILE I 278 -14.71 0.35 61.64
N ASP I 279 -13.60 0.65 60.98
CA ASP I 279 -12.28 0.12 61.34
C ASP I 279 -11.91 0.46 62.79
N PHE I 280 -12.21 1.69 63.21
CA PHE I 280 -11.97 2.12 64.59
C PHE I 280 -13.07 1.64 65.52
N GLY I 281 -14.21 1.26 64.94
CA GLY I 281 -15.35 0.79 65.71
C GLY I 281 -16.18 1.93 66.23
N LEU I 282 -16.02 3.11 65.63
CA LEU I 282 -16.85 4.28 65.94
C LEU I 282 -18.30 4.02 65.53
N SER I 283 -18.46 3.18 64.50
CA SER I 283 -19.76 2.81 63.98
C SER I 283 -19.84 1.31 63.72
N SER I 284 -21.05 0.79 63.68
CA SER I 284 -21.30 -0.61 63.35
C SER I 284 -22.27 -0.71 62.17
N LYS I 285 -22.79 0.45 61.76
CA LYS I 285 -23.73 0.55 60.66
C LYS I 285 -23.53 1.92 60.00
N SER I 286 -22.66 1.96 58.99
CA SER I 286 -22.22 3.23 58.39
C SER I 286 -23.26 3.91 57.50
N PRO I 287 -23.49 5.22 57.72
CA PRO I 287 -24.44 6.00 56.92
C PRO I 287 -23.96 6.22 55.49
N TYR I 288 -22.72 5.86 55.21
CA TYR I 288 -22.08 6.15 53.93
C TYR I 288 -21.81 4.92 53.09
N TRP I 289 -22.40 3.79 53.49
CA TRP I 289 -22.38 2.58 52.67
C TRP I 289 -23.32 2.78 51.49
N SER I 290 -23.03 2.10 50.38
CA SER I 290 -23.89 2.18 49.21
C SER I 290 -25.02 1.14 49.23
N VAL I 291 -25.17 0.43 50.34
CA VAL I 291 -26.35 -0.42 50.54
C VAL I 291 -27.38 0.31 51.40
N LYS I 292 -26.95 1.34 52.10
CA LYS I 292 -27.83 2.19 52.91
C LYS I 292 -28.28 3.41 52.11
N ASN I 293 -27.70 3.55 50.91
CA ASN I 293 -28.14 4.57 49.95
C ASN I 293 -28.37 3.92 48.58
N PRO I 294 -29.30 2.96 48.49
CA PRO I 294 -29.45 2.13 47.28
C PRO I 294 -29.95 2.91 46.07
N ALA I 295 -30.96 3.76 46.28
CA ALA I 295 -31.56 4.56 45.22
C ALA I 295 -30.58 5.59 44.65
N PHE I 296 -29.90 6.32 45.53
CA PHE I 296 -28.87 7.26 45.10
C PHE I 296 -27.73 6.55 44.37
N HIS I 297 -27.33 5.39 44.89
CA HIS I 297 -26.30 4.57 44.25
C HIS I 297 -26.68 4.20 42.82
N PHE I 298 -27.89 3.65 42.65
CA PHE I 298 -28.37 3.27 41.32
C PHE I 298 -28.43 4.47 40.37
N TRP I 299 -29.10 5.54 40.81
CA TRP I 299 -29.27 6.75 40.00
C TRP I 299 -27.94 7.42 39.68
N GLY I 300 -26.99 7.31 40.61
CA GLY I 300 -25.67 7.91 40.45
C GLY I 300 -24.85 7.22 39.38
N GLN I 301 -24.75 5.90 39.49
CA GLN I 301 -23.93 5.08 38.62
C GLN I 301 -24.47 5.04 37.20
N LEU I 302 -25.79 4.85 37.08
CA LEU I 302 -26.46 4.81 35.78
C LEU I 302 -26.22 6.08 34.98
N THR I 303 -26.42 7.24 35.62
CA THR I 303 -26.17 8.53 34.99
C THR I 303 -24.70 8.64 34.59
N ALA I 304 -23.81 8.20 35.48
CA ALA I 304 -22.38 8.21 35.16
C ALA I 304 -22.05 7.29 33.99
N LEU I 305 -22.69 6.13 33.93
CA LEU I 305 -22.50 5.18 32.81
C LEU I 305 -22.93 5.75 31.46
N LEU I 306 -24.09 6.41 31.44
CA LEU I 306 -24.60 7.04 30.22
C LEU I 306 -23.71 8.22 29.81
N LEU I 307 -22.90 8.69 30.74
CA LEU I 307 -21.92 9.75 30.46
C LEU I 307 -20.51 9.20 30.29
N ARG I 308 -20.42 7.91 29.95
CA ARG I 308 -19.17 7.24 29.55
C ARG I 308 -18.22 6.87 30.70
N SER I 309 -18.76 6.70 31.90
CA SER I 309 -17.95 6.29 33.06
C SER I 309 -17.28 4.95 32.82
N THR I 310 -16.02 4.84 33.18
CA THR I 310 -15.24 3.62 32.96
C THR I 310 -15.41 2.62 34.09
N ARG I 311 -16.03 3.06 35.19
CA ARG I 311 -16.14 2.25 36.39
C ARG I 311 -17.57 1.85 36.74
N ALA I 312 -18.55 2.49 36.11
CA ALA I 312 -19.96 2.23 36.40
C ALA I 312 -20.49 0.89 35.85
N ARG I 313 -19.82 0.33 34.86
CA ARG I 313 -20.22 -0.97 34.28
C ARG I 313 -20.38 -2.06 35.32
N ASN I 314 -19.37 -2.19 36.18
CA ASN I 314 -19.32 -3.28 37.15
C ASN I 314 -19.86 -2.88 38.53
N ALA I 315 -20.57 -1.76 38.59
CA ALA I 315 -21.19 -1.31 39.82
C ALA I 315 -22.38 -2.18 40.19
N ARG I 316 -22.71 -2.20 41.48
CA ARG I 316 -23.74 -3.07 42.03
C ARG I 316 -25.13 -2.55 41.68
N GLN I 317 -25.97 -3.43 41.13
CA GLN I 317 -27.38 -3.13 40.97
C GLN I 317 -28.09 -3.50 42.26
N PRO I 318 -28.58 -2.48 43.00
CA PRO I 318 -29.25 -2.75 44.28
C PRO I 318 -30.62 -3.40 44.08
N ASP I 319 -31.06 -4.14 45.08
CA ASP I 319 -32.39 -4.74 45.11
C ASP I 319 -33.44 -3.75 45.60
N ASP I 320 -34.70 -4.08 45.37
CA ASP I 320 -35.86 -3.39 45.99
C ASP I 320 -35.87 -1.87 45.89
N ILE I 321 -35.65 -1.34 44.70
CA ILE I 321 -35.72 0.09 44.46
C ILE I 321 -36.66 0.40 43.29
N GLU I 322 -37.00 1.67 43.13
CA GLU I 322 -37.95 2.09 42.11
C GLU I 322 -37.23 2.32 40.78
N TYR I 323 -36.79 1.22 40.15
CA TYR I 323 -35.99 1.29 38.92
C TYR I 323 -36.54 2.24 37.87
N THR I 324 -37.74 1.98 37.39
CA THR I 324 -38.29 2.71 36.24
C THR I 324 -38.13 4.23 36.36
N SER I 325 -38.64 4.81 37.45
CA SER I 325 -38.57 6.26 37.66
C SER I 325 -37.15 6.76 37.92
N LEU I 326 -36.31 5.92 38.54
CA LEU I 326 -34.92 6.26 38.73
C LEU I 326 -34.18 6.29 37.39
N THR I 327 -34.60 5.43 36.47
CA THR I 327 -34.00 5.35 35.14
C THR I 327 -34.35 6.57 34.30
N THR I 328 -35.61 6.97 34.31
CA THR I 328 -36.04 8.18 33.60
C THR I 328 -35.32 9.43 34.14
N ALA I 329 -35.23 9.54 35.46
CA ALA I 329 -34.53 10.65 36.10
C ALA I 329 -33.06 10.70 35.70
N GLY I 330 -32.42 9.53 35.70
CA GLY I 330 -31.03 9.38 35.27
C GLY I 330 -30.82 9.70 33.81
N LEU I 331 -31.66 9.14 32.95
CA LEU I 331 -31.63 9.41 31.51
C LEU I 331 -31.78 10.90 31.19
N LEU I 332 -32.72 11.57 31.84
CA LEU I 332 -32.93 13.01 31.65
C LEU I 332 -31.67 13.80 32.04
N TYR I 333 -31.13 13.54 33.22
CA TYR I 333 -29.91 14.19 33.70
C TYR I 333 -28.76 13.98 32.72
N ALA I 334 -28.48 12.72 32.39
CA ALA I 334 -27.42 12.38 31.45
C ALA I 334 -27.61 13.07 30.09
N TYR I 335 -28.85 13.08 29.61
CA TYR I 335 -29.17 13.67 28.31
C TYR I 335 -28.95 15.18 28.31
N ALA I 336 -29.36 15.85 29.38
CA ALA I 336 -29.16 17.29 29.53
C ALA I 336 -27.68 17.65 29.47
N VAL I 337 -26.87 16.91 30.24
CA VAL I 337 -25.43 17.08 30.31
C VAL I 337 -24.74 16.82 28.96
N GLY I 338 -25.05 15.67 28.37
CA GLY I 338 -24.37 15.19 27.15
C GLY I 338 -24.79 15.84 25.85
N SER I 339 -25.88 16.60 25.87
CA SER I 339 -26.32 17.32 24.68
C SER I 339 -26.01 18.82 24.81
N SER I 340 -25.56 19.23 26.00
CA SER I 340 -25.23 20.62 26.27
C SER I 340 -23.81 20.76 26.80
N ALA I 341 -22.83 20.65 25.92
CA ALA I 341 -21.44 20.91 26.28
C ALA I 341 -21.23 22.42 26.28
N ASP I 342 -21.08 23.00 27.47
CA ASP I 342 -20.95 24.46 27.58
C ASP I 342 -19.54 24.91 27.18
N LEU I 343 -19.21 24.67 25.91
CA LEU I 343 -17.92 25.02 25.33
C LEU I 343 -17.77 26.53 25.23
N ALA I 344 -16.67 27.02 25.80
CA ALA I 344 -16.38 28.46 25.83
C ALA I 344 -14.89 28.70 25.72
N GLN I 345 -14.55 29.80 25.05
CA GLN I 345 -13.16 30.22 24.91
C GLN I 345 -12.55 30.51 26.27
N GLN I 346 -11.32 30.05 26.46
CA GLN I 346 -10.63 30.21 27.74
C GLN I 346 -9.41 31.13 27.60
N PHE I 347 -8.84 31.16 26.40
CA PHE I 347 -7.64 31.95 26.11
C PHE I 347 -7.81 32.70 24.79
N CYS I 348 -7.12 33.83 24.65
CA CYS I 348 -7.18 34.63 23.42
C CYS I 348 -5.87 35.36 23.14
N VAL I 349 -5.73 35.83 21.89
CA VAL I 349 -4.57 36.62 21.48
C VAL I 349 -4.99 38.01 20.93
N GLY I 350 -6.13 38.50 21.39
CA GLY I 350 -6.68 39.79 20.94
C GLY I 350 -8.19 39.76 20.80
N ASP I 351 -8.70 38.79 20.04
CA ASP I 351 -10.13 38.64 19.80
C ASP I 351 -10.72 37.41 20.47
N ASN I 352 -12.01 37.48 20.80
CA ASN I 352 -12.73 36.39 21.43
C ASN I 352 -14.21 36.38 21.07
N LYS I 353 -14.90 35.28 21.38
CA LYS I 353 -16.34 35.17 21.11
C LYS I 353 -17.15 35.58 22.33
N TYR I 354 -18.24 36.30 22.06
CA TYR I 354 -19.14 36.82 23.09
C TYR I 354 -20.57 36.72 22.58
N THR I 355 -21.45 36.12 23.38
CA THR I 355 -22.87 36.02 23.03
C THR I 355 -23.78 36.00 24.28
N PRO I 356 -23.66 37.02 25.16
CA PRO I 356 -24.47 37.04 26.38
C PRO I 356 -25.96 36.99 26.08
N ASP I 357 -26.40 37.83 25.13
CA ASP I 357 -27.77 37.83 24.66
C ASP I 357 -27.87 38.17 23.17
N ASP I 358 -28.29 37.18 22.40
CA ASP I 358 -28.60 37.33 20.97
C ASP I 358 -29.60 36.25 20.52
N SER I 359 -30.09 35.48 21.50
CA SER I 359 -31.05 34.40 21.25
C SER I 359 -32.45 34.96 21.03
N THR I 360 -33.00 34.74 19.84
CA THR I 360 -34.35 35.20 19.51
C THR I 360 -35.37 34.07 19.59
N GLY I 361 -36.56 34.38 20.11
CA GLY I 361 -37.64 33.41 20.23
C GLY I 361 -38.66 33.53 19.12
N GLY I 362 -39.89 33.09 19.42
CA GLY I 362 -40.99 33.12 18.45
C GLY I 362 -40.99 31.91 17.55
N LEU I 363 -41.30 30.74 18.13
CA LEU I 363 -41.24 29.43 17.46
C LEU I 363 -39.84 29.07 16.94
N THR I 364 -38.88 29.98 17.17
CA THR I 364 -37.48 29.74 16.85
C THR I 364 -36.87 28.78 17.88
N THR I 365 -37.74 28.01 18.55
CA THR I 365 -37.34 27.15 19.66
C THR I 365 -38.14 25.84 19.75
N ASN I 366 -37.77 24.87 18.92
CA ASN I 366 -38.29 23.51 19.04
C ASN I 366 -37.35 22.66 19.89
N ALA I 367 -36.05 22.80 19.62
CA ALA I 367 -34.99 22.06 20.28
C ALA I 367 -35.03 22.14 21.81
N PRO I 368 -34.50 21.10 22.49
CA PRO I 368 -34.26 21.10 23.94
C PRO I 368 -33.49 22.33 24.44
N PRO I 369 -33.57 22.64 25.74
CA PRO I 369 -32.96 23.85 26.28
C PRO I 369 -31.44 23.82 26.19
N GLN I 370 -30.82 24.99 26.09
CA GLN I 370 -29.38 25.10 26.11
C GLN I 370 -28.90 25.38 27.52
N GLY I 371 -28.11 24.47 28.06
CA GLY I 371 -27.63 24.59 29.44
C GLY I 371 -28.03 23.42 30.31
N ARG I 372 -27.91 23.58 31.61
CA ARG I 372 -28.17 22.51 32.57
C ARG I 372 -29.00 22.98 33.78
N ASP I 373 -29.93 23.89 33.53
CA ASP I 373 -30.85 24.37 34.56
C ASP I 373 -32.01 23.38 34.68
N VAL I 374 -32.09 22.71 35.83
CA VAL I 374 -33.09 21.66 36.05
C VAL I 374 -34.52 22.18 35.87
N VAL I 375 -34.76 23.41 36.33
CA VAL I 375 -36.07 24.06 36.19
C VAL I 375 -36.49 24.15 34.72
N GLU I 376 -35.57 24.53 33.85
CA GLU I 376 -35.83 24.60 32.42
C GLU I 376 -36.09 23.22 31.80
N TRP I 377 -35.25 22.24 32.16
CA TRP I 377 -35.40 20.87 31.65
C TRP I 377 -36.67 20.19 32.16
N LEU I 378 -37.04 20.45 33.40
CA LEU I 378 -38.32 20.00 33.94
C LEU I 378 -39.48 20.65 33.20
N GLY I 379 -39.24 21.85 32.67
CA GLY I 379 -40.21 22.52 31.81
C GLY I 379 -40.33 21.82 30.48
N TRP I 380 -39.18 21.53 29.87
CA TRP I 380 -39.12 20.87 28.57
C TRP I 380 -39.72 19.46 28.61
N PHE I 381 -39.40 18.71 29.66
CA PHE I 381 -39.92 17.35 29.84
C PHE I 381 -41.42 17.33 30.07
N GLU I 382 -41.93 18.34 30.79
CA GLU I 382 -43.37 18.54 30.95
C GLU I 382 -44.06 18.68 29.60
N ASP I 383 -43.41 19.40 28.68
CA ASP I 383 -43.92 19.60 27.33
C ASP I 383 -43.78 18.35 26.47
N GLN I 384 -42.90 17.44 26.88
CA GLN I 384 -42.72 16.16 26.21
C GLN I 384 -43.64 15.07 26.77
N ASN I 385 -44.72 15.51 27.45
CA ASN I 385 -45.68 14.62 28.12
C ASN I 385 -45.04 13.69 29.15
N ARG I 386 -44.00 14.22 29.83
CA ARG I 386 -43.23 13.47 30.83
C ARG I 386 -42.69 12.12 30.30
N LYS I 387 -42.56 12.03 28.98
CA LYS I 387 -42.16 10.79 28.31
C LYS I 387 -40.90 11.02 27.49
N PRO I 388 -39.88 10.18 27.71
CA PRO I 388 -38.59 10.27 27.01
C PRO I 388 -38.70 10.24 25.49
N THR I 389 -37.95 11.13 24.83
CA THR I 389 -38.00 11.35 23.39
C THR I 389 -37.18 10.30 22.62
N PRO I 390 -37.62 9.93 21.40
CA PRO I 390 -36.81 9.15 20.46
C PRO I 390 -35.32 9.51 20.49
N ASP I 391 -35.02 10.81 20.60
CA ASP I 391 -33.64 11.29 20.70
C ASP I 391 -32.97 10.93 22.03
N MET I 392 -33.73 11.00 23.12
CA MET I 392 -33.22 10.60 24.44
C MET I 392 -32.88 9.11 24.43
N MET I 393 -33.74 8.31 23.79
CA MET I 393 -33.57 6.87 23.73
C MET I 393 -32.41 6.51 22.80
N GLN I 394 -32.27 7.26 21.72
CA GLN I 394 -31.14 7.09 20.79
C GLN I 394 -29.81 7.41 21.47
N TYR I 395 -29.76 8.49 22.24
CA TYR I 395 -28.58 8.85 23.00
C TYR I 395 -28.14 7.69 23.88
N ALA I 396 -29.10 7.11 24.59
CA ALA I 396 -28.88 5.97 25.47
C ALA I 396 -28.49 4.70 24.72
N LYS I 397 -29.13 4.46 23.57
CA LYS I 397 -28.78 3.31 22.74
C LYS I 397 -27.32 3.42 22.31
N ARG I 398 -26.94 4.61 21.85
CA ARG I 398 -25.56 4.90 21.46
C ARG I 398 -24.58 4.74 22.62
N ALA I 399 -24.98 5.18 23.81
CA ALA I 399 -24.14 5.10 25.00
C ALA I 399 -23.75 3.68 25.41
N VAL I 400 -24.74 2.76 25.44
CA VAL I 400 -24.50 1.39 25.92
C VAL I 400 -24.24 0.34 24.81
N MET I 401 -24.50 0.72 23.57
CA MET I 401 -24.43 -0.16 22.39
C MET I 401 -23.18 -1.04 22.27
N SER I 402 -22.03 -0.48 22.65
CA SER I 402 -20.74 -1.13 22.44
C SER I 402 -20.16 -1.79 23.69
N LEU I 403 -20.93 -1.83 24.78
CA LEU I 403 -20.49 -2.49 26.00
C LEU I 403 -20.42 -4.00 25.78
N GLN I 404 -19.30 -4.60 26.18
CA GLN I 404 -19.04 -6.02 25.96
C GLN I 404 -18.60 -6.73 27.23
N GLY I 405 -18.95 -8.01 27.34
CA GLY I 405 -18.59 -8.83 28.49
C GLY I 405 -19.04 -8.24 29.81
N LEU I 406 -20.33 -7.96 29.94
CA LEU I 406 -20.89 -7.44 31.18
C LEU I 406 -21.25 -8.58 32.14
N ARG I 407 -21.35 -8.25 33.42
CA ARG I 407 -21.65 -9.23 34.46
C ARG I 407 -23.09 -9.11 34.94
N GLU I 408 -23.62 -10.19 35.51
CA GLU I 408 -24.98 -10.19 36.05
C GLU I 408 -25.13 -9.21 37.22
N LYS I 409 -26.34 -8.67 37.39
CA LYS I 409 -26.70 -7.81 38.53
C LYS I 409 -25.79 -6.57 38.66
N THR I 410 -25.33 -6.07 37.51
CA THR I 410 -24.55 -4.85 37.47
C THR I 410 -25.38 -3.72 36.86
N ILE I 411 -24.90 -2.49 37.04
CA ILE I 411 -25.56 -1.33 36.45
C ILE I 411 -25.27 -1.26 34.95
N GLY I 412 -24.13 -1.81 34.53
CA GLY I 412 -23.79 -1.93 33.12
C GLY I 412 -24.70 -2.87 32.36
N LYS I 413 -25.05 -3.99 32.99
CA LYS I 413 -25.93 -5.00 32.39
C LYS I 413 -27.37 -4.51 32.32
N TYR I 414 -27.83 -3.85 33.37
CA TYR I 414 -29.16 -3.26 33.38
C TYR I 414 -29.30 -2.32 32.18
N ALA I 415 -28.44 -1.30 32.13
CA ALA I 415 -28.47 -0.27 31.10
C ALA I 415 -28.41 -0.82 29.68
N LYS I 416 -27.58 -1.83 29.45
CA LYS I 416 -27.46 -2.45 28.12
C LYS I 416 -28.76 -3.10 27.65
N SER I 417 -29.38 -3.91 28.50
CA SER I 417 -30.61 -4.59 28.13
C SER I 417 -31.83 -3.68 28.19
N GLU I 418 -31.65 -2.50 28.79
CA GLU I 418 -32.70 -1.48 28.86
C GLU I 418 -32.72 -0.64 27.58
N PHE I 419 -31.55 -0.26 27.07
CA PHE I 419 -31.45 0.74 26.01
C PHE I 419 -31.01 0.24 24.62
N ASP I 420 -30.50 -1.00 24.54
CA ASP I 420 -30.11 -1.58 23.27
C ASP I 420 -31.06 -2.71 22.85
N LYS I 421 -32.15 -2.34 22.19
CA LYS I 421 -33.16 -3.31 21.79
C LYS I 421 -33.13 -3.54 20.27
N SER J 1 11.22 2.43 -49.99
CA SER J 1 10.73 2.16 -48.60
C SER J 1 10.14 3.40 -47.94
N VAL J 2 9.49 3.19 -46.79
CA VAL J 2 8.84 4.27 -46.05
C VAL J 2 9.82 5.02 -45.15
N THR J 3 9.78 6.35 -45.21
CA THR J 3 10.63 7.20 -44.39
C THR J 3 9.91 7.64 -43.11
N VAL J 4 10.57 7.46 -41.97
CA VAL J 4 10.05 7.88 -40.67
C VAL J 4 10.94 8.96 -40.09
N LYS J 5 10.33 10.06 -39.64
CA LYS J 5 11.07 11.11 -38.97
C LYS J 5 10.50 11.39 -37.58
N ARG J 6 11.36 11.87 -36.69
CA ARG J 6 10.91 12.30 -35.37
C ARG J 6 10.42 13.73 -35.46
N ILE J 7 9.29 14.01 -34.81
CA ILE J 7 8.63 15.32 -34.92
C ILE J 7 9.36 16.43 -34.16
N ILE J 8 9.74 16.16 -32.91
CA ILE J 8 10.31 17.18 -32.02
C ILE J 8 11.58 17.87 -32.54
N ASP J 9 12.38 17.18 -33.35
CA ASP J 9 13.61 17.79 -33.89
C ASP J 9 13.94 17.41 -35.33
N ASN J 10 12.96 16.86 -36.05
CA ASN J 10 13.10 16.59 -37.48
C ASN J 10 14.32 15.73 -37.85
N THR J 11 14.54 14.67 -37.08
CA THR J 11 15.61 13.72 -37.35
C THR J 11 15.00 12.44 -37.92
N VAL J 12 15.76 11.71 -38.73
CA VAL J 12 15.25 10.49 -39.35
C VAL J 12 15.55 9.26 -38.49
N ILE J 13 14.52 8.44 -38.27
CA ILE J 13 14.68 7.14 -37.61
C ILE J 13 14.30 6.02 -38.59
N VAL J 14 15.10 4.95 -38.59
CA VAL J 14 14.85 3.79 -39.44
C VAL J 14 14.55 2.58 -38.55
N PRO J 15 13.25 2.25 -38.38
CA PRO J 15 12.85 1.10 -37.56
C PRO J 15 13.37 -0.22 -38.13
N LYS J 16 14.15 -0.94 -37.33
CA LYS J 16 14.80 -2.17 -37.76
C LYS J 16 14.47 -3.33 -36.82
N LEU J 17 14.28 -4.49 -37.41
CA LEU J 17 14.10 -5.74 -36.67
C LEU J 17 15.03 -6.82 -37.21
N PRO J 18 15.54 -7.71 -36.33
CA PRO J 18 16.40 -8.83 -36.70
C PRO J 18 15.82 -9.69 -37.82
N ALA J 19 16.65 -9.98 -38.82
CA ALA J 19 16.24 -10.79 -39.96
C ALA J 19 15.70 -12.15 -39.54
N ASN J 20 14.60 -12.55 -40.18
CA ASN J 20 14.04 -13.88 -39.98
C ASN J 20 13.70 -14.56 -41.31
N GLU J 21 14.72 -15.20 -41.90
CA GLU J 21 14.59 -15.92 -43.16
C GLU J 21 13.82 -17.22 -42.94
N ASP J 22 14.55 -18.34 -42.91
CA ASP J 22 14.01 -19.67 -42.63
C ASP J 22 12.79 -20.04 -43.51
N PRO J 23 13.03 -20.25 -44.83
CA PRO J 23 11.95 -20.52 -45.78
C PRO J 23 11.59 -22.00 -45.88
N VAL J 24 10.36 -22.29 -46.33
CA VAL J 24 9.88 -23.67 -46.48
C VAL J 24 10.46 -24.35 -47.72
N GLU J 25 10.53 -25.68 -47.69
CA GLU J 25 11.17 -26.47 -48.73
C GLU J 25 10.19 -27.47 -49.36
N TYR J 26 9.86 -27.25 -50.63
CA TYR J 26 8.85 -28.05 -51.35
C TYR J 26 9.41 -29.37 -51.87
N PRO J 27 8.56 -30.42 -51.94
CA PRO J 27 8.98 -31.77 -52.35
C PRO J 27 9.53 -31.84 -53.78
N ALA J 28 9.06 -30.96 -54.66
CA ALA J 28 9.47 -30.95 -56.06
C ALA J 28 10.90 -30.41 -56.29
N ASP J 29 11.41 -29.64 -55.32
CA ASP J 29 12.74 -29.04 -55.42
C ASP J 29 13.84 -30.07 -55.19
N TYR J 30 13.52 -31.14 -54.47
CA TYR J 30 14.45 -32.23 -54.19
C TYR J 30 14.86 -32.96 -55.46
N PHE J 31 13.95 -33.02 -56.43
CA PHE J 31 14.17 -33.76 -57.66
C PHE J 31 14.79 -32.95 -58.79
N ARG J 32 15.33 -31.77 -58.47
CA ARG J 32 16.08 -30.97 -59.44
C ARG J 32 17.58 -30.98 -59.19
N LYS J 33 18.01 -31.75 -58.19
CA LYS J 33 19.43 -31.92 -57.86
C LYS J 33 19.74 -33.37 -57.46
N SER J 34 18.71 -34.21 -57.53
CA SER J 34 18.79 -35.62 -57.16
C SER J 34 17.70 -36.38 -57.93
N LYS J 35 17.95 -37.65 -58.23
CA LYS J 35 16.97 -38.46 -58.95
C LYS J 35 16.69 -39.78 -58.23
N GLU J 36 17.21 -39.92 -57.02
CA GLU J 36 17.07 -41.16 -56.23
C GLU J 36 16.85 -40.86 -54.75
N ILE J 37 16.34 -41.85 -54.02
CA ILE J 37 16.18 -41.73 -52.57
C ILE J 37 17.17 -42.69 -51.89
N PRO J 38 18.28 -42.14 -51.36
CA PRO J 38 19.34 -42.95 -50.76
C PRO J 38 18.88 -43.61 -49.46
N LEU J 39 19.00 -44.93 -49.41
CA LEU J 39 18.70 -45.69 -48.21
C LEU J 39 19.95 -46.48 -47.78
N TYR J 40 20.70 -45.90 -46.86
CA TYR J 40 21.96 -46.48 -46.39
C TYR J 40 21.71 -47.61 -45.40
N ILE J 41 21.45 -48.81 -45.92
CA ILE J 41 21.35 -50.01 -45.10
C ILE J 41 22.61 -50.85 -45.22
N ASN J 42 23.26 -51.11 -44.10
CA ASN J 42 24.44 -51.97 -44.05
C ASN J 42 24.16 -53.35 -44.63
N THR J 43 25.07 -53.84 -45.47
CA THR J 43 24.97 -55.16 -46.09
C THR J 43 24.55 -56.20 -45.05
N THR J 44 23.54 -57.00 -45.40
CA THR J 44 22.96 -57.98 -44.47
C THR J 44 23.98 -59.03 -44.03
N LYS J 45 24.65 -58.74 -42.91
CA LYS J 45 25.63 -59.63 -42.31
C LYS J 45 24.91 -60.75 -41.57
N SER J 46 24.68 -61.86 -42.27
CA SER J 46 24.00 -63.05 -41.74
C SER J 46 22.55 -62.77 -41.31
N LEU J 47 21.61 -63.35 -42.05
CA LEU J 47 20.18 -63.03 -41.91
C LEU J 47 19.60 -63.45 -40.56
N SER J 48 19.75 -64.73 -40.21
CA SER J 48 19.20 -65.29 -38.97
C SER J 48 19.92 -64.79 -37.72
N ASP J 49 21.17 -64.36 -37.90
CA ASP J 49 22.02 -63.89 -36.81
C ASP J 49 21.57 -62.54 -36.26
N LEU J 50 20.83 -61.78 -37.06
CA LEU J 50 20.31 -60.47 -36.66
C LEU J 50 19.10 -60.58 -35.74
N ARG J 51 18.33 -61.66 -35.91
CA ARG J 51 17.10 -61.89 -35.14
C ARG J 51 17.37 -62.05 -33.64
N GLY J 52 18.60 -62.45 -33.30
CA GLY J 52 19.02 -62.56 -31.91
C GLY J 52 19.52 -61.25 -31.32
N TYR J 53 20.08 -60.40 -32.18
CA TYR J 53 20.63 -59.11 -31.76
C TYR J 53 19.59 -58.17 -31.14
N VAL J 54 18.47 -57.99 -31.85
CA VAL J 54 17.44 -57.04 -31.44
C VAL J 54 16.42 -57.64 -30.46
N TYR J 55 16.32 -58.96 -30.44
CA TYR J 55 15.39 -59.69 -29.57
C TYR J 55 15.70 -59.45 -28.09
N GLN J 56 16.98 -59.28 -27.78
CA GLN J 56 17.44 -59.01 -26.42
C GLN J 56 17.63 -57.51 -26.19
N GLY J 57 18.01 -56.80 -27.25
CA GLY J 57 18.21 -55.36 -27.18
C GLY J 57 16.94 -54.59 -26.87
N LEU J 58 15.80 -55.15 -27.26
CA LEU J 58 14.49 -54.55 -26.98
C LEU J 58 13.94 -55.12 -25.66
N LYS J 59 14.45 -56.29 -25.28
CA LYS J 59 14.00 -57.00 -24.09
C LYS J 59 14.44 -56.28 -22.81
N SER J 60 15.71 -55.86 -22.77
CA SER J 60 16.29 -55.22 -21.60
C SER J 60 16.90 -53.84 -21.89
N GLY J 61 16.29 -53.12 -22.84
CA GLY J 61 16.69 -51.76 -23.17
C GLY J 61 17.98 -51.63 -23.97
N ASN J 62 18.29 -50.39 -24.35
CA ASN J 62 19.46 -50.05 -25.18
C ASN J 62 19.79 -50.99 -26.34
N VAL J 63 19.06 -50.82 -27.44
CA VAL J 63 19.24 -51.62 -28.65
C VAL J 63 20.10 -50.86 -29.66
N SER J 64 20.74 -51.60 -30.56
CA SER J 64 21.53 -51.02 -31.65
C SER J 64 20.60 -50.44 -32.72
N ILE J 65 20.95 -49.24 -33.20
CA ILE J 65 20.12 -48.53 -34.19
C ILE J 65 20.26 -49.11 -35.61
N ILE J 66 21.49 -49.39 -36.02
CA ILE J 66 21.77 -49.87 -37.37
C ILE J 66 21.35 -51.33 -37.54
N HIS J 67 21.35 -52.09 -36.44
CA HIS J 67 20.91 -53.48 -36.45
C HIS J 67 19.41 -53.66 -36.68
N VAL J 68 18.63 -52.65 -36.29
CA VAL J 68 17.18 -52.68 -36.51
C VAL J 68 16.87 -52.51 -38.00
N ASN J 69 17.63 -51.63 -38.66
CA ASN J 69 17.48 -51.37 -40.09
C ASN J 69 17.69 -52.62 -40.96
N SER J 70 18.76 -53.36 -40.65
CA SER J 70 19.14 -54.54 -41.44
C SER J 70 18.18 -55.71 -41.25
N TYR J 71 17.66 -55.86 -40.02
CA TYR J 71 16.71 -56.93 -39.70
C TYR J 71 15.39 -56.75 -40.44
N LEU J 72 14.89 -55.52 -40.48
CA LEU J 72 13.69 -55.19 -41.22
C LEU J 72 13.91 -55.34 -42.72
N TYR J 73 15.12 -54.99 -43.17
CA TYR J 73 15.49 -55.08 -44.58
C TYR J 73 15.52 -56.54 -45.06
N GLY J 74 16.29 -57.37 -44.37
CA GLY J 74 16.49 -58.76 -44.76
C GLY J 74 15.28 -59.66 -44.58
N ALA J 75 14.15 -59.07 -44.19
CA ALA J 75 12.91 -59.81 -44.01
C ALA J 75 11.81 -59.32 -44.95
N LEU J 76 11.81 -58.02 -45.22
CA LEU J 76 10.76 -57.40 -46.04
C LEU J 76 11.11 -57.34 -47.52
N LYS J 77 12.38 -57.51 -47.86
CA LYS J 77 12.84 -57.37 -49.25
C LYS J 77 12.40 -58.52 -50.17
N ASP J 78 11.72 -59.51 -49.59
CA ASP J 78 11.21 -60.66 -50.34
C ASP J 78 9.71 -60.57 -50.63
N ILE J 79 9.07 -59.52 -50.13
CA ILE J 79 7.67 -59.24 -50.44
C ILE J 79 7.59 -58.57 -51.81
N ARG J 80 6.91 -59.22 -52.74
CA ARG J 80 6.78 -58.73 -54.11
C ARG J 80 5.33 -58.47 -54.48
N GLY J 81 5.10 -57.37 -55.21
CA GLY J 81 3.76 -56.98 -55.63
C GLY J 81 3.65 -56.72 -57.13
N LYS J 82 2.60 -57.27 -57.74
CA LYS J 82 2.39 -57.16 -59.18
C LYS J 82 1.85 -55.79 -59.57
N LEU J 83 2.69 -54.98 -60.22
CA LEU J 83 2.30 -53.64 -60.68
C LEU J 83 1.21 -53.70 -61.73
N ASP J 84 -0.01 -53.38 -61.31
CA ASP J 84 -1.18 -53.41 -62.17
C ASP J 84 -1.10 -52.30 -63.23
N LYS J 85 -0.90 -51.07 -62.76
CA LYS J 85 -0.81 -49.90 -63.63
C LYS J 85 0.59 -49.29 -63.56
N ASP J 86 0.90 -48.38 -64.48
CA ASP J 86 2.20 -47.69 -64.50
C ASP J 86 2.35 -46.76 -63.29
N TRP J 87 3.60 -46.55 -62.86
CA TRP J 87 3.87 -45.75 -61.67
C TRP J 87 4.96 -44.72 -61.92
N SER J 88 4.69 -43.47 -61.56
CA SER J 88 5.64 -42.36 -61.67
C SER J 88 5.41 -41.36 -60.55
N SER J 89 6.47 -40.68 -60.13
CA SER J 89 6.38 -39.64 -59.10
C SER J 89 7.50 -38.63 -59.20
N PHE J 90 7.12 -37.36 -59.39
CA PHE J 90 8.04 -36.21 -59.43
C PHE J 90 9.15 -36.28 -60.48
N GLY J 91 9.03 -37.22 -61.43
CA GLY J 91 10.02 -37.36 -62.49
C GLY J 91 10.50 -38.77 -62.69
N ILE J 92 10.78 -39.48 -61.59
CA ILE J 92 11.28 -40.86 -61.68
C ILE J 92 10.16 -41.91 -61.66
N ASN J 93 10.10 -42.70 -62.73
CA ASN J 93 9.15 -43.80 -62.83
C ASN J 93 9.73 -45.10 -62.26
N ILE J 94 9.02 -45.66 -61.29
CA ILE J 94 9.50 -46.85 -60.58
C ILE J 94 8.95 -48.16 -61.13
N GLY J 95 8.28 -48.10 -62.27
CA GLY J 95 7.78 -49.30 -62.93
C GLY J 95 6.73 -49.09 -64.01
N LYS J 96 6.22 -50.19 -64.54
CA LYS J 96 5.13 -50.19 -65.53
C LYS J 96 4.25 -51.44 -65.40
N ALA J 97 3.15 -51.47 -66.15
CA ALA J 97 2.14 -52.51 -66.05
C ALA J 97 2.67 -53.93 -66.29
N GLY J 98 2.27 -54.85 -65.43
CA GLY J 98 2.66 -56.26 -65.54
C GLY J 98 3.88 -56.65 -64.72
N ASP J 99 4.75 -55.68 -64.46
CA ASP J 99 6.02 -55.91 -63.76
C ASP J 99 5.82 -56.27 -62.29
N THR J 100 6.78 -57.02 -61.75
CA THR J 100 6.82 -57.31 -60.31
C THR J 100 7.74 -56.33 -59.60
N ILE J 101 7.37 -55.97 -58.37
CA ILE J 101 8.09 -54.95 -57.62
C ILE J 101 8.16 -55.29 -56.13
N GLY J 102 9.24 -54.88 -55.47
CA GLY J 102 9.42 -55.11 -54.04
C GLY J 102 9.26 -53.84 -53.23
N ILE J 103 9.28 -53.98 -51.91
CA ILE J 103 9.13 -52.85 -50.99
C ILE J 103 10.28 -51.86 -51.14
N PHE J 104 11.51 -52.38 -51.19
CA PHE J 104 12.70 -51.53 -51.18
C PHE J 104 13.11 -51.04 -52.58
N ASP J 105 12.12 -50.62 -53.36
CA ASP J 105 12.39 -49.99 -54.65
C ASP J 105 12.35 -48.47 -54.50
N LEU J 106 13.48 -47.93 -54.08
CA LEU J 106 13.67 -46.50 -53.85
C LEU J 106 15.15 -46.15 -54.01
N VAL J 107 15.98 -47.26 -54.19
CA VAL J 107 17.45 -47.21 -54.35
C VAL J 107 18.19 -47.50 -53.03
N SER J 108 18.73 -48.62 -52.82
CA SER J 108 19.40 -49.07 -51.60
C SER J 108 20.92 -48.93 -51.68
N LEU J 109 21.50 -48.33 -50.64
CA LEU J 109 22.94 -48.14 -50.53
C LEU J 109 23.48 -48.85 -49.28
N LYS J 110 24.79 -49.07 -49.23
CA LYS J 110 25.41 -49.88 -48.17
C LYS J 110 26.21 -49.05 -47.17
N ALA J 111 25.89 -49.21 -45.89
CA ALA J 111 26.59 -48.50 -44.81
C ALA J 111 27.99 -49.08 -44.56
N LEU J 112 28.85 -48.30 -43.90
CA LEU J 112 30.26 -48.66 -43.73
C LEU J 112 30.72 -48.93 -42.28
N ASP J 113 29.78 -49.24 -41.40
CA ASP J 113 30.12 -49.57 -40.01
C ASP J 113 30.14 -51.09 -39.78
N GLY J 114 29.31 -51.81 -40.52
CA GLY J 114 29.22 -53.26 -40.41
C GLY J 114 28.40 -53.68 -39.20
N VAL J 115 29.08 -53.90 -38.09
CA VAL J 115 28.43 -54.30 -36.84
C VAL J 115 28.86 -53.37 -35.71
N LEU J 116 27.89 -52.72 -35.08
CA LEU J 116 28.13 -51.89 -33.89
C LEU J 116 28.52 -52.77 -32.71
N PRO J 117 29.42 -52.28 -31.83
CA PRO J 117 29.91 -53.01 -30.65
C PRO J 117 28.92 -54.04 -30.11
N ASP J 118 29.35 -55.31 -30.12
CA ASP J 118 28.51 -56.47 -29.80
C ASP J 118 27.29 -56.20 -28.92
N GLY J 119 26.13 -56.11 -29.55
CA GLY J 119 24.86 -56.07 -28.85
C GLY J 119 24.53 -57.47 -28.37
N VAL J 120 23.97 -57.57 -27.17
CA VAL J 120 23.67 -58.87 -26.54
C VAL J 120 22.78 -59.72 -27.45
N SER J 121 23.35 -60.83 -27.92
CA SER J 121 22.65 -61.74 -28.82
C SER J 121 21.89 -62.83 -28.06
N ASP J 122 21.03 -63.56 -28.77
CA ASP J 122 20.26 -64.65 -28.19
C ASP J 122 20.26 -65.85 -29.13
N ALA J 123 20.40 -67.05 -28.55
CA ALA J 123 20.46 -68.28 -29.32
C ALA J 123 19.09 -68.85 -29.67
N SER J 124 18.19 -68.86 -28.68
CA SER J 124 16.86 -69.46 -28.83
C SER J 124 15.89 -68.58 -29.62
N ARG J 125 15.99 -68.64 -30.95
CA ARG J 125 15.07 -67.93 -31.84
C ARG J 125 14.71 -68.75 -33.08
N THR J 126 13.43 -69.09 -33.16
CA THR J 126 12.89 -69.83 -34.30
C THR J 126 12.30 -68.86 -35.34
N SER J 127 11.55 -69.39 -36.31
CA SER J 127 10.91 -68.58 -37.33
C SER J 127 9.80 -67.68 -36.74
N ALA J 128 10.22 -66.54 -36.20
CA ALA J 128 9.30 -65.54 -35.67
C ALA J 128 9.30 -64.29 -36.57
N ASP J 129 10.29 -64.21 -37.45
CA ASP J 129 10.39 -63.15 -38.45
C ASP J 129 9.34 -63.32 -39.54
N ASP J 130 9.00 -62.22 -40.21
CA ASP J 130 7.94 -62.16 -41.23
C ASP J 130 6.53 -62.36 -40.67
N LYS J 131 6.44 -63.09 -39.56
CA LYS J 131 5.16 -63.30 -38.88
C LYS J 131 4.74 -62.07 -38.08
N TRP J 132 5.37 -61.85 -36.92
CA TRP J 132 4.95 -60.82 -35.98
C TRP J 132 6.07 -59.90 -35.53
N LEU J 133 7.30 -60.40 -35.56
CA LEU J 133 8.45 -59.68 -34.99
C LEU J 133 8.85 -58.40 -35.75
N PRO J 134 8.88 -58.43 -37.10
CA PRO J 134 9.21 -57.20 -37.83
C PRO J 134 8.07 -56.16 -37.80
N LEU J 135 6.85 -56.64 -37.66
CA LEU J 135 5.67 -55.77 -37.57
C LEU J 135 5.69 -54.94 -36.29
N TYR J 136 6.28 -55.52 -35.24
CA TYR J 136 6.38 -54.85 -33.94
C TYR J 136 7.36 -53.69 -33.96
N LEU J 137 8.43 -53.81 -34.74
CA LEU J 137 9.48 -52.79 -34.83
C LEU J 137 9.02 -51.54 -35.57
N LEU J 138 8.18 -51.73 -36.59
CA LEU J 138 7.65 -50.62 -37.39
C LEU J 138 6.66 -49.79 -36.59
N GLY J 139 5.90 -50.46 -35.72
CA GLY J 139 4.89 -49.81 -34.90
C GLY J 139 5.43 -49.08 -33.68
N LEU J 140 6.75 -49.01 -33.57
CA LEU J 140 7.41 -48.32 -32.47
C LEU J 140 7.84 -46.90 -32.87
N TYR J 141 7.52 -46.53 -34.12
CA TYR J 141 7.63 -45.16 -34.59
C TYR J 141 6.40 -44.37 -34.14
N ARG J 142 5.27 -45.07 -34.07
CA ARG J 142 4.00 -44.49 -33.62
C ARG J 142 4.05 -44.07 -32.16
N VAL J 143 4.59 -44.95 -31.32
CA VAL J 143 4.69 -44.72 -29.87
C VAL J 143 5.84 -43.75 -29.55
N GLY J 144 6.78 -43.62 -30.48
CA GLY J 144 7.94 -42.73 -30.31
C GLY J 144 7.67 -41.25 -30.56
N ARG J 145 6.40 -40.91 -30.76
CA ARG J 145 6.00 -39.51 -30.99
C ARG J 145 4.95 -39.02 -29.99
N THR J 146 4.37 -39.96 -29.23
CA THR J 146 3.37 -39.63 -28.22
C THR J 146 3.94 -39.78 -26.80
N GLN J 147 3.89 -38.68 -26.03
CA GLN J 147 4.40 -38.65 -24.67
C GLN J 147 3.26 -38.50 -23.65
N MET J 148 2.07 -38.18 -24.15
CA MET J 148 0.87 -38.02 -23.33
C MET J 148 0.33 -39.38 -22.83
N PRO J 149 -0.69 -39.37 -21.95
CA PRO J 149 -1.32 -40.62 -21.47
C PRO J 149 -2.04 -41.44 -22.55
N GLU J 150 -1.51 -41.39 -23.78
CA GLU J 150 -2.05 -42.16 -24.91
C GLU J 150 -1.02 -43.18 -25.45
N TYR J 151 0.15 -43.24 -24.81
CA TYR J 151 1.17 -44.22 -25.18
C TYR J 151 0.82 -45.60 -24.64
N ARG J 152 0.03 -45.63 -23.57
CA ARG J 152 -0.55 -46.86 -23.04
C ARG J 152 -1.98 -47.04 -23.57
N LYS J 153 -2.18 -46.61 -24.81
CA LYS J 153 -3.47 -46.69 -25.49
C LYS J 153 -3.28 -47.14 -26.94
N LYS J 154 -2.10 -46.86 -27.49
CA LYS J 154 -1.73 -47.28 -28.83
C LYS J 154 -0.81 -48.51 -28.82
N LEU J 155 -0.05 -48.67 -27.73
CA LEU J 155 0.77 -49.86 -27.51
C LEU J 155 -0.09 -51.01 -26.96
N MET J 156 -1.34 -50.68 -26.63
CA MET J 156 -2.35 -51.65 -26.21
C MET J 156 -2.64 -52.69 -27.30
N ASP J 157 -2.95 -52.19 -28.50
CA ASP J 157 -3.27 -53.04 -29.65
C ASP J 157 -2.00 -53.56 -30.35
N GLY J 158 -0.86 -52.98 -30.02
CA GLY J 158 0.43 -53.41 -30.55
C GLY J 158 0.83 -54.77 -30.06
N LEU J 159 0.35 -55.12 -28.86
CA LEU J 159 0.54 -56.45 -28.29
C LEU J 159 -0.74 -57.27 -28.45
N THR J 160 -1.39 -57.10 -29.61
CA THR J 160 -2.60 -57.85 -29.97
C THR J 160 -2.51 -58.28 -31.44
N ASN J 161 -1.86 -57.45 -32.25
CA ASN J 161 -1.62 -57.75 -33.66
C ASN J 161 -0.49 -58.76 -33.86
N GLN J 162 0.46 -58.76 -32.92
CA GLN J 162 1.57 -59.71 -32.92
C GLN J 162 1.16 -61.09 -32.40
N CYS J 163 0.02 -61.13 -31.70
CA CYS J 163 -0.53 -62.35 -31.15
C CYS J 163 -1.38 -63.10 -32.18
N LYS J 164 -1.71 -62.40 -33.27
CA LYS J 164 -2.49 -62.97 -34.38
C LYS J 164 -1.77 -64.11 -35.07
N MET J 165 -0.44 -64.06 -35.05
CA MET J 165 0.40 -65.02 -35.76
C MET J 165 0.65 -66.30 -34.97
N ILE J 166 1.44 -66.23 -33.90
CA ILE J 166 1.79 -67.41 -33.10
C ILE J 166 1.66 -67.24 -31.58
N ASN J 167 2.43 -66.29 -31.02
CA ASN J 167 2.53 -66.14 -29.55
C ASN J 167 2.31 -64.72 -29.03
N GLU J 168 2.06 -64.62 -27.73
CA GLU J 168 1.90 -63.33 -27.05
C GLU J 168 3.17 -62.96 -26.30
N GLN J 169 3.93 -62.01 -26.84
CA GLN J 169 5.20 -61.61 -26.24
C GLN J 169 5.36 -60.09 -26.14
N PHE J 170 5.84 -59.63 -24.99
CA PHE J 170 6.01 -58.20 -24.70
C PHE J 170 7.46 -57.90 -24.38
N GLU J 171 8.00 -56.83 -24.98
CA GLU J 171 9.43 -56.53 -24.88
C GLU J 171 9.82 -55.36 -23.94
N PRO J 172 9.29 -54.14 -24.19
CA PRO J 172 9.77 -52.98 -23.41
C PRO J 172 9.21 -52.93 -21.99
N LEU J 173 9.93 -52.24 -21.11
CA LEU J 173 9.54 -52.13 -19.69
C LEU J 173 8.66 -50.92 -19.39
N VAL J 174 8.47 -50.64 -18.10
CA VAL J 174 7.56 -49.59 -17.64
C VAL J 174 8.20 -48.19 -17.52
N PRO J 175 9.31 -48.07 -16.76
CA PRO J 175 9.90 -46.73 -16.56
C PRO J 175 10.59 -46.16 -17.80
N GLU J 176 11.57 -46.89 -18.33
CA GLU J 176 12.30 -46.46 -19.53
C GLU J 176 11.79 -47.12 -20.81
N GLY J 177 10.47 -47.31 -20.88
CA GLY J 177 9.83 -47.92 -22.03
C GLY J 177 9.76 -47.02 -23.25
N ARG J 178 9.61 -45.72 -23.01
CA ARG J 178 9.48 -44.73 -24.09
C ARG J 178 10.80 -44.01 -24.41
N ASP J 179 11.81 -44.23 -23.57
CA ASP J 179 13.10 -43.54 -23.72
C ASP J 179 14.03 -44.18 -24.76
N ILE J 180 13.52 -45.17 -25.49
CA ILE J 180 14.31 -45.87 -26.51
C ILE J 180 13.74 -45.79 -27.94
N PHE J 181 12.50 -45.30 -28.06
CA PHE J 181 11.83 -45.20 -29.36
C PHE J 181 12.00 -43.84 -30.04
N ASP J 182 12.15 -42.79 -29.23
CA ASP J 182 12.31 -41.42 -29.72
C ASP J 182 13.65 -41.18 -30.40
N VAL J 183 14.60 -42.10 -30.16
CA VAL J 183 15.90 -42.11 -30.81
C VAL J 183 15.74 -42.49 -32.29
N TRP J 184 14.83 -43.43 -32.54
CA TRP J 184 14.60 -44.01 -33.87
C TRP J 184 14.15 -42.99 -34.91
N GLY J 185 13.32 -42.03 -34.48
CA GLY J 185 12.82 -40.97 -35.34
C GLY J 185 13.90 -40.02 -35.85
N ASN J 186 15.05 -40.02 -35.16
CA ASN J 186 16.20 -39.21 -35.56
C ASN J 186 17.06 -39.88 -36.63
N ASP J 187 16.99 -41.21 -36.70
CA ASP J 187 17.70 -41.97 -37.74
C ASP J 187 16.92 -41.90 -39.05
N SER J 188 17.49 -41.21 -40.03
CA SER J 188 16.81 -40.95 -41.30
C SER J 188 16.53 -42.21 -42.11
N ASN J 189 17.37 -43.23 -41.96
CA ASN J 189 17.17 -44.50 -42.64
C ASN J 189 15.94 -45.27 -42.12
N TYR J 190 15.69 -45.17 -40.81
CA TYR J 190 14.53 -45.80 -40.19
C TYR J 190 13.22 -45.16 -40.64
N THR J 191 13.22 -43.83 -40.75
CA THR J 191 12.06 -43.08 -41.23
C THR J 191 11.79 -43.41 -42.70
N LYS J 192 12.88 -43.67 -43.44
CA LYS J 192 12.78 -44.08 -44.84
C LYS J 192 12.25 -45.50 -45.00
N ILE J 193 12.49 -46.35 -44.00
CA ILE J 193 11.98 -47.73 -44.03
C ILE J 193 10.47 -47.77 -43.81
N VAL J 194 10.00 -47.15 -42.73
CA VAL J 194 8.57 -47.17 -42.37
C VAL J 194 7.69 -46.43 -43.39
N ALA J 195 8.28 -45.45 -44.08
CA ALA J 195 7.57 -44.68 -45.09
C ALA J 195 7.43 -45.47 -46.38
N ALA J 196 8.52 -46.15 -46.77
CA ALA J 196 8.54 -46.97 -47.98
C ALA J 196 7.60 -48.16 -47.86
N VAL J 197 7.51 -48.73 -46.66
CA VAL J 197 6.60 -49.84 -46.37
C VAL J 197 5.14 -49.38 -46.52
N ASP J 198 4.83 -48.26 -45.87
CA ASP J 198 3.48 -47.69 -45.89
C ASP J 198 3.06 -47.28 -47.31
N MET J 199 4.01 -46.74 -48.07
CA MET J 199 3.76 -46.34 -49.45
C MET J 199 3.51 -47.55 -50.36
N PHE J 200 4.23 -48.64 -50.10
CA PHE J 200 4.10 -49.87 -50.88
C PHE J 200 2.72 -50.50 -50.75
N PHE J 201 2.26 -50.67 -49.52
CA PHE J 201 0.97 -51.31 -49.27
C PHE J 201 -0.23 -50.39 -49.51
N HIS J 202 0.05 -49.11 -49.72
CA HIS J 202 -0.97 -48.15 -50.14
C HIS J 202 -1.31 -48.38 -51.61
N MET J 203 -0.34 -48.90 -52.37
CA MET J 203 -0.56 -49.31 -53.75
C MET J 203 -1.22 -50.68 -53.79
N PHE J 204 -0.64 -51.64 -53.07
CA PHE J 204 -1.13 -53.01 -53.06
C PHE J 204 -1.86 -53.31 -51.74
N LYS J 205 -3.10 -52.84 -51.66
CA LYS J 205 -3.93 -53.00 -50.47
C LYS J 205 -4.51 -54.41 -50.34
N LYS J 206 -4.74 -55.06 -51.48
CA LYS J 206 -5.35 -56.38 -51.52
C LYS J 206 -4.39 -57.51 -51.16
N HIS J 207 -3.10 -57.18 -51.02
CA HIS J 207 -2.08 -58.12 -50.58
C HIS J 207 -2.24 -58.38 -49.08
N GLU J 208 -1.94 -59.62 -48.66
CA GLU J 208 -2.18 -60.03 -47.26
C GLU J 208 -1.19 -59.40 -46.27
N CYS J 209 -0.06 -58.91 -46.77
CA CYS J 209 0.94 -58.26 -45.94
C CYS J 209 0.63 -56.77 -45.73
N ALA J 210 -0.55 -56.33 -46.16
CA ALA J 210 -1.01 -54.96 -45.94
C ALA J 210 -1.18 -54.66 -44.45
N SER J 211 -1.48 -55.70 -43.68
CA SER J 211 -1.65 -55.62 -42.23
C SER J 211 -0.47 -54.94 -41.52
N PHE J 212 0.68 -54.92 -42.19
CA PHE J 212 1.88 -54.23 -41.70
C PHE J 212 1.66 -52.74 -41.45
N ARG J 213 0.64 -52.19 -42.12
CA ARG J 213 0.32 -50.77 -42.03
C ARG J 213 -0.22 -50.32 -40.66
N TYR J 214 -0.32 -51.24 -39.70
CA TYR J 214 -0.79 -50.92 -38.35
C TYR J 214 0.10 -49.88 -37.66
N GLY J 215 1.42 -50.03 -37.82
CA GLY J 215 2.37 -49.11 -37.21
C GLY J 215 3.10 -48.22 -38.20
N THR J 216 2.66 -48.25 -39.46
CA THR J 216 3.28 -47.46 -40.51
C THR J 216 2.35 -46.37 -41.06
N ILE J 217 1.06 -46.50 -40.77
CA ILE J 217 0.04 -45.59 -41.30
C ILE J 217 0.11 -44.18 -40.72
N VAL J 218 0.59 -44.04 -39.49
CA VAL J 218 0.75 -42.72 -38.85
C VAL J 218 1.76 -41.84 -39.58
N SER J 219 2.63 -42.47 -40.37
CA SER J 219 3.57 -41.72 -41.20
C SER J 219 2.87 -40.95 -42.31
N ARG J 220 1.86 -41.56 -42.93
CA ARG J 220 1.20 -40.92 -44.06
C ARG J 220 0.63 -39.56 -43.68
N PHE J 221 1.22 -38.52 -44.26
CA PHE J 221 0.89 -37.10 -43.98
C PHE J 221 1.28 -36.60 -42.58
N LYS J 222 2.31 -37.19 -41.98
CA LYS J 222 2.76 -36.78 -40.64
C LYS J 222 3.02 -35.29 -40.48
N ASP J 223 3.68 -34.69 -41.47
CA ASP J 223 4.03 -33.27 -41.41
C ASP J 223 3.13 -32.39 -42.30
N CYS J 224 1.83 -32.69 -42.30
CA CYS J 224 0.89 -32.00 -43.18
C CYS J 224 -0.41 -31.60 -42.48
N ALA J 225 -0.29 -31.19 -41.21
CA ALA J 225 -1.44 -30.86 -40.37
C ALA J 225 -2.20 -29.62 -40.85
N ALA J 226 -1.52 -28.75 -41.60
CA ALA J 226 -2.17 -27.60 -42.20
C ALA J 226 -3.16 -28.03 -43.26
N LEU J 227 -2.79 -29.05 -44.04
CA LEU J 227 -3.70 -29.63 -45.02
C LEU J 227 -4.84 -30.38 -44.35
N ALA J 228 -4.56 -30.96 -43.18
CA ALA J 228 -5.59 -31.60 -42.37
C ALA J 228 -6.61 -30.57 -41.88
N THR J 229 -6.12 -29.41 -41.47
CA THR J 229 -6.97 -28.32 -40.97
C THR J 229 -7.90 -27.82 -42.08
N PHE J 230 -7.34 -27.67 -43.28
CA PHE J 230 -8.10 -27.30 -44.46
C PHE J 230 -9.18 -28.34 -44.76
N GLY J 231 -8.79 -29.61 -44.81
CA GLY J 231 -9.74 -30.71 -45.01
C GLY J 231 -10.86 -30.71 -43.97
N HIS J 232 -10.47 -30.57 -42.70
CA HIS J 232 -11.39 -30.57 -41.58
C HIS J 232 -12.38 -29.41 -41.68
N LEU J 233 -11.90 -28.24 -42.07
CA LEU J 233 -12.75 -27.06 -42.18
C LEU J 233 -13.78 -27.22 -43.30
N CYS J 234 -13.39 -27.88 -44.40
CA CYS J 234 -14.30 -28.14 -45.51
C CYS J 234 -15.42 -29.12 -45.14
N LYS J 235 -15.09 -30.15 -44.36
CA LYS J 235 -16.07 -31.14 -43.90
C LYS J 235 -17.08 -30.56 -42.92
N ILE J 236 -16.61 -29.70 -42.00
CA ILE J 236 -17.43 -29.18 -40.92
C ILE J 236 -18.40 -28.08 -41.39
N THR J 237 -18.00 -27.35 -42.43
CA THR J 237 -18.81 -26.30 -43.02
C THR J 237 -19.69 -26.88 -44.14
N GLY J 238 -19.26 -28.01 -44.68
CA GLY J 238 -19.96 -28.65 -45.78
C GLY J 238 -19.72 -28.00 -47.14
N MET J 239 -18.85 -26.99 -47.19
CA MET J 239 -18.58 -26.31 -48.45
C MET J 239 -17.25 -26.72 -49.08
N SER J 240 -17.11 -26.44 -50.37
CA SER J 240 -15.99 -26.91 -51.19
C SER J 240 -14.70 -26.16 -50.89
N THR J 241 -13.58 -26.72 -51.35
CA THR J 241 -12.27 -26.12 -51.17
C THR J 241 -12.22 -24.71 -51.74
N GLU J 242 -12.89 -24.48 -52.86
CA GLU J 242 -12.88 -23.17 -53.48
C GLU J 242 -13.68 -22.17 -52.66
N ASP J 243 -14.90 -22.56 -52.27
CA ASP J 243 -15.79 -21.69 -51.50
C ASP J 243 -15.22 -21.33 -50.13
N VAL J 244 -14.52 -22.27 -49.49
CA VAL J 244 -13.87 -22.04 -48.20
C VAL J 244 -12.78 -20.98 -48.35
N THR J 245 -11.95 -21.11 -49.38
CA THR J 245 -10.87 -20.15 -49.60
C THR J 245 -11.40 -18.73 -49.85
N THR J 246 -12.53 -18.60 -50.55
CA THR J 246 -13.14 -17.27 -50.75
C THR J 246 -13.65 -16.64 -49.45
N TRP J 247 -13.63 -17.42 -48.37
CA TRP J 247 -13.98 -16.89 -47.05
C TRP J 247 -12.79 -16.39 -46.22
N ILE J 248 -11.57 -16.53 -46.76
CA ILE J 248 -10.37 -16.00 -46.11
C ILE J 248 -10.42 -14.47 -46.15
N LEU J 249 -10.46 -13.84 -44.97
CA LEU J 249 -10.63 -12.39 -44.88
C LEU J 249 -9.41 -11.65 -44.33
N ASN J 250 -8.38 -12.41 -43.97
CA ASN J 250 -7.14 -11.86 -43.45
C ASN J 250 -5.98 -12.09 -44.41
N ARG J 251 -5.13 -11.07 -44.53
CA ARG J 251 -4.00 -11.08 -45.45
C ARG J 251 -2.98 -12.18 -45.13
N GLU J 252 -2.65 -12.35 -43.85
CA GLU J 252 -1.68 -13.37 -43.45
C GLU J 252 -2.14 -14.79 -43.78
N VAL J 253 -3.44 -15.04 -43.62
CA VAL J 253 -4.01 -16.34 -43.97
C VAL J 253 -3.93 -16.54 -45.48
N ALA J 254 -4.25 -15.49 -46.24
CA ALA J 254 -4.13 -15.50 -47.69
C ALA J 254 -2.71 -15.88 -48.14
N ASP J 255 -1.70 -15.21 -47.57
CA ASP J 255 -0.30 -15.55 -47.81
C ASP J 255 -0.02 -17.04 -47.62
N GLU J 256 -0.51 -17.58 -46.50
CA GLU J 256 -0.27 -18.96 -46.13
C GLU J 256 -0.96 -19.98 -47.05
N MET J 257 -2.18 -19.66 -47.49
CA MET J 257 -2.91 -20.52 -48.41
C MET J 257 -2.23 -20.60 -49.78
N VAL J 258 -1.79 -19.44 -50.28
CA VAL J 258 -1.02 -19.36 -51.53
C VAL J 258 0.25 -20.21 -51.40
N GLN J 259 0.90 -20.13 -50.24
CA GLN J 259 2.08 -20.92 -49.93
C GLN J 259 1.73 -22.41 -49.90
N MET J 260 0.59 -22.75 -49.30
CA MET J 260 0.15 -24.15 -49.16
C MET J 260 -0.24 -24.79 -50.48
N MET J 261 -0.79 -24.00 -51.39
CA MET J 261 -1.36 -24.52 -52.63
C MET J 261 -0.45 -24.43 -53.86
N LEU J 262 0.81 -24.03 -53.64
CA LEU J 262 1.77 -23.93 -54.74
C LEU J 262 1.65 -25.13 -55.69
N PRO J 263 1.52 -24.86 -57.00
CA PRO J 263 1.30 -25.91 -57.99
C PRO J 263 2.46 -26.91 -58.08
N GLY J 264 2.15 -28.10 -58.60
CA GLY J 264 3.16 -29.12 -58.87
C GLY J 264 3.80 -29.75 -57.66
N GLN J 265 3.00 -30.09 -56.65
CA GLN J 265 3.52 -30.79 -55.46
C GLN J 265 2.90 -32.17 -55.30
N GLU J 266 2.07 -32.56 -56.28
CA GLU J 266 1.33 -33.84 -56.24
C GLU J 266 0.46 -33.99 -54.99
N ILE J 267 -0.13 -32.86 -54.57
CA ILE J 267 -0.93 -32.80 -53.34
C ILE J 267 -2.11 -33.78 -53.37
N ASP J 268 -2.75 -33.92 -54.53
CA ASP J 268 -3.97 -34.71 -54.68
C ASP J 268 -3.73 -35.99 -55.49
N LYS J 269 -2.46 -36.24 -55.80
CA LYS J 269 -2.06 -37.41 -56.58
C LYS J 269 -2.25 -38.66 -55.73
N ALA J 270 -2.61 -39.76 -56.39
CA ALA J 270 -2.73 -41.06 -55.73
C ALA J 270 -1.40 -41.78 -55.86
N ASP J 271 -0.87 -42.26 -54.73
CA ASP J 271 0.41 -42.96 -54.67
C ASP J 271 1.57 -42.05 -55.07
N SER J 272 2.06 -41.29 -54.09
CA SER J 272 3.11 -40.29 -54.29
C SER J 272 4.08 -40.27 -53.11
N TYR J 273 5.23 -39.63 -53.30
CA TYR J 273 6.21 -39.47 -52.24
C TYR J 273 5.80 -38.37 -51.26
N MET J 274 5.09 -37.37 -51.80
CA MET J 274 4.67 -36.17 -51.05
C MET J 274 4.20 -36.37 -49.60
N PRO J 275 3.29 -37.34 -49.33
CA PRO J 275 2.82 -37.53 -47.95
C PRO J 275 3.93 -37.76 -46.93
N TYR J 276 5.04 -38.34 -47.39
CA TYR J 276 6.17 -38.68 -46.53
C TYR J 276 7.39 -37.80 -46.81
N LEU J 277 7.17 -36.50 -46.97
CA LEU J 277 8.21 -35.57 -47.43
C LEU J 277 9.35 -35.33 -46.44
N ILE J 278 9.11 -35.56 -45.15
CA ILE J 278 10.18 -35.47 -44.16
C ILE J 278 10.87 -36.83 -43.97
N ASP J 279 10.07 -37.89 -43.85
CA ASP J 279 10.57 -39.26 -43.68
C ASP J 279 11.47 -39.76 -44.82
N PHE J 280 11.20 -39.30 -46.04
CA PHE J 280 12.06 -39.62 -47.19
C PHE J 280 13.18 -38.60 -47.36
N GLY J 281 13.26 -37.64 -46.45
CA GLY J 281 14.29 -36.61 -46.50
C GLY J 281 14.17 -35.67 -47.69
N LEU J 282 12.98 -35.58 -48.26
CA LEU J 282 12.71 -34.68 -49.40
C LEU J 282 12.66 -33.22 -48.97
N SER J 283 12.44 -33.01 -47.67
CA SER J 283 12.32 -31.68 -47.10
C SER J 283 12.73 -31.70 -45.64
N SER J 284 13.33 -30.61 -45.17
CA SER J 284 13.64 -30.45 -43.76
C SER J 284 12.74 -29.38 -43.13
N LYS J 285 11.96 -28.71 -43.98
CA LYS J 285 11.04 -27.66 -43.58
C LYS J 285 9.72 -27.80 -44.37
N SER J 286 8.72 -28.39 -43.71
CA SER J 286 7.46 -28.70 -44.37
C SER J 286 6.63 -27.44 -44.62
N PRO J 287 6.23 -27.21 -45.88
CA PRO J 287 5.35 -26.08 -46.21
C PRO J 287 3.93 -26.32 -45.71
N TYR J 288 3.68 -27.51 -45.18
CA TYR J 288 2.35 -27.93 -44.75
C TYR J 288 2.27 -28.11 -43.24
N TRP J 289 3.29 -27.63 -42.53
CA TRP J 289 3.30 -27.59 -41.08
C TRP J 289 2.31 -26.55 -40.55
N SER J 290 1.69 -26.85 -39.41
CA SER J 290 0.87 -25.88 -38.69
C SER J 290 1.71 -24.69 -38.25
N VAL J 291 2.93 -24.96 -37.75
CA VAL J 291 3.83 -23.92 -37.26
C VAL J 291 4.23 -22.89 -38.32
N LYS J 292 4.20 -23.32 -39.58
CA LYS J 292 4.52 -22.43 -40.72
C LYS J 292 3.26 -21.78 -41.27
N ASN J 293 2.11 -22.18 -40.74
CA ASN J 293 0.84 -21.61 -41.13
C ASN J 293 0.01 -21.22 -39.90
N PRO J 294 0.58 -20.36 -39.02
CA PRO J 294 -0.01 -20.13 -37.69
C PRO J 294 -1.34 -19.39 -37.74
N ALA J 295 -1.45 -18.40 -38.64
CA ALA J 295 -2.69 -17.64 -38.82
C ALA J 295 -3.83 -18.53 -39.35
N PHE J 296 -3.53 -19.28 -40.41
CA PHE J 296 -4.49 -20.24 -40.97
C PHE J 296 -4.83 -21.33 -39.96
N HIS J 297 -3.85 -21.75 -39.15
CA HIS J 297 -4.10 -22.71 -38.10
C HIS J 297 -5.09 -22.16 -37.09
N PHE J 298 -4.84 -20.93 -36.64
CA PHE J 298 -5.67 -20.31 -35.63
C PHE J 298 -7.07 -20.05 -36.18
N TRP J 299 -7.14 -19.29 -37.27
CA TRP J 299 -8.39 -18.94 -37.94
C TRP J 299 -9.23 -20.18 -38.29
N GLY J 300 -8.61 -21.16 -38.94
CA GLY J 300 -9.30 -22.36 -39.42
C GLY J 300 -9.84 -23.18 -38.28
N GLN J 301 -9.03 -23.33 -37.24
CA GLN J 301 -9.36 -24.12 -36.07
C GLN J 301 -10.38 -23.43 -35.16
N LEU J 302 -10.30 -22.10 -35.03
CA LEU J 302 -11.26 -21.37 -34.19
C LEU J 302 -12.66 -21.44 -34.81
N THR J 303 -12.71 -21.27 -36.12
CA THR J 303 -13.98 -21.38 -36.86
C THR J 303 -14.57 -22.77 -36.69
N ALA J 304 -13.74 -23.79 -36.87
CA ALA J 304 -14.18 -25.17 -36.66
C ALA J 304 -14.74 -25.36 -35.25
N LEU J 305 -14.01 -24.87 -34.25
CA LEU J 305 -14.44 -24.94 -32.86
C LEU J 305 -15.83 -24.33 -32.68
N LEU J 306 -16.02 -23.13 -33.21
CA LEU J 306 -17.30 -22.43 -33.07
C LEU J 306 -18.43 -23.13 -33.83
N LEU J 307 -18.06 -24.04 -34.72
CA LEU J 307 -19.03 -24.87 -35.42
C LEU J 307 -19.06 -26.30 -34.85
N ARG J 308 -18.82 -26.40 -33.54
CA ARG J 308 -18.96 -27.61 -32.74
C ARG J 308 -17.92 -28.69 -33.04
N SER J 309 -16.67 -28.29 -33.28
CA SER J 309 -15.60 -29.24 -33.56
C SER J 309 -15.18 -30.00 -32.31
N THR J 310 -14.98 -31.30 -32.47
CA THR J 310 -14.51 -32.14 -31.38
C THR J 310 -12.99 -32.07 -31.26
N ARG J 311 -12.34 -31.75 -32.38
CA ARG J 311 -10.87 -31.78 -32.44
C ARG J 311 -10.22 -30.45 -32.05
N ALA J 312 -10.77 -29.35 -32.55
CA ALA J 312 -10.20 -28.00 -32.36
C ALA J 312 -10.04 -27.55 -30.91
N ARG J 313 -10.73 -28.19 -29.98
CA ARG J 313 -10.71 -27.81 -28.57
C ARG J 313 -9.29 -27.71 -28.03
N ASN J 314 -8.52 -28.78 -28.25
CA ASN J 314 -7.20 -28.93 -27.67
C ASN J 314 -6.06 -28.61 -28.64
N ALA J 315 -6.40 -27.97 -29.75
CA ALA J 315 -5.41 -27.52 -30.72
C ALA J 315 -4.58 -26.38 -30.15
N ARG J 316 -3.28 -26.39 -30.44
CA ARG J 316 -2.35 -25.38 -29.95
C ARG J 316 -2.75 -23.97 -30.38
N GLN J 317 -2.63 -23.03 -29.46
CA GLN J 317 -2.72 -21.61 -29.78
C GLN J 317 -1.34 -21.11 -30.20
N PRO J 318 -1.19 -20.69 -31.48
CA PRO J 318 0.10 -20.21 -31.97
C PRO J 318 0.50 -18.89 -31.34
N ASP J 319 1.79 -18.60 -31.31
CA ASP J 319 2.28 -17.30 -30.88
C ASP J 319 2.41 -16.33 -32.06
N ASP J 320 2.61 -15.05 -31.76
CA ASP J 320 2.98 -14.04 -32.74
C ASP J 320 2.08 -13.97 -33.98
N ILE J 321 0.78 -13.88 -33.73
CA ILE J 321 -0.23 -13.69 -34.78
C ILE J 321 -1.24 -12.66 -34.30
N GLU J 322 -1.93 -12.04 -35.23
CA GLU J 322 -2.90 -11.00 -34.89
C GLU J 322 -4.24 -11.61 -34.45
N TYR J 323 -4.31 -11.96 -33.16
CA TYR J 323 -5.46 -12.65 -32.59
C TYR J 323 -6.80 -11.94 -32.80
N THR J 324 -6.82 -10.63 -32.57
CA THR J 324 -8.10 -9.90 -32.58
C THR J 324 -8.78 -9.89 -33.96
N SER J 325 -8.00 -9.72 -35.02
CA SER J 325 -8.53 -9.72 -36.39
C SER J 325 -8.97 -11.10 -36.88
N LEU J 326 -8.22 -12.13 -36.51
CA LEU J 326 -8.52 -13.49 -36.93
C LEU J 326 -9.77 -13.98 -36.21
N THR J 327 -9.98 -13.48 -35.00
CA THR J 327 -11.16 -13.81 -34.22
C THR J 327 -12.43 -13.25 -34.87
N THR J 328 -12.41 -11.97 -35.24
CA THR J 328 -13.54 -11.33 -35.93
C THR J 328 -13.90 -12.05 -37.23
N ALA J 329 -12.89 -12.33 -38.05
CA ALA J 329 -13.08 -13.08 -39.30
C ALA J 329 -13.65 -14.48 -39.03
N GLY J 330 -13.14 -15.15 -38.00
CA GLY J 330 -13.60 -16.48 -37.62
C GLY J 330 -15.02 -16.46 -37.08
N LEU J 331 -15.32 -15.46 -36.25
CA LEU J 331 -16.67 -15.28 -35.71
C LEU J 331 -17.69 -15.02 -36.82
N LEU J 332 -17.35 -14.15 -37.77
CA LEU J 332 -18.24 -13.82 -38.87
C LEU J 332 -18.51 -15.03 -39.77
N TYR J 333 -17.48 -15.82 -40.05
CA TYR J 333 -17.61 -16.99 -40.92
C TYR J 333 -18.46 -18.06 -40.24
N ALA J 334 -18.16 -18.34 -38.98
CA ALA J 334 -18.92 -19.32 -38.22
C ALA J 334 -20.38 -18.89 -38.06
N TYR J 335 -20.58 -17.60 -37.76
CA TYR J 335 -21.92 -17.04 -37.62
C TYR J 335 -22.71 -17.16 -38.93
N ALA J 336 -22.01 -16.99 -40.05
CA ALA J 336 -22.62 -17.11 -41.37
C ALA J 336 -23.01 -18.55 -41.65
N VAL J 337 -22.11 -19.48 -41.36
CA VAL J 337 -22.38 -20.90 -41.55
C VAL J 337 -23.48 -21.36 -40.60
N GLY J 338 -23.41 -20.95 -39.34
CA GLY J 338 -24.36 -21.34 -38.31
C GLY J 338 -25.78 -20.84 -38.49
N SER J 339 -25.92 -19.64 -39.04
CA SER J 339 -27.25 -19.04 -39.27
C SER J 339 -27.97 -19.66 -40.46
N SER J 340 -27.21 -20.01 -41.49
CA SER J 340 -27.79 -20.52 -42.73
C SER J 340 -27.47 -22.01 -42.94
N ALA J 341 -28.41 -22.85 -42.53
CA ALA J 341 -28.28 -24.30 -42.72
C ALA J 341 -28.52 -24.69 -44.18
N ASP J 342 -28.07 -25.89 -44.56
CA ASP J 342 -28.33 -26.46 -45.90
C ASP J 342 -29.84 -26.43 -46.19
N LEU J 343 -30.54 -27.40 -45.62
CA LEU J 343 -32.01 -27.45 -45.58
C LEU J 343 -32.73 -27.31 -46.92
N ALA J 344 -32.92 -28.44 -47.58
CA ALA J 344 -33.60 -28.53 -48.86
C ALA J 344 -34.09 -29.96 -48.98
N GLN J 345 -35.25 -30.14 -49.60
CA GLN J 345 -35.80 -31.48 -49.81
C GLN J 345 -34.90 -32.31 -50.73
N GLN J 346 -34.68 -33.57 -50.36
CA GLN J 346 -33.80 -34.46 -51.12
C GLN J 346 -34.58 -35.56 -51.86
N PHE J 347 -35.66 -36.04 -51.25
CA PHE J 347 -36.48 -37.09 -51.85
C PHE J 347 -37.96 -36.72 -51.76
N CYS J 348 -38.75 -37.22 -52.69
CA CYS J 348 -40.20 -36.98 -52.69
C CYS J 348 -40.99 -38.22 -53.10
N VAL J 349 -42.24 -38.29 -52.65
CA VAL J 349 -43.14 -39.37 -53.01
C VAL J 349 -44.17 -38.92 -54.06
N GLY J 350 -44.86 -37.81 -53.78
CA GLY J 350 -45.80 -37.23 -54.74
C GLY J 350 -45.52 -35.76 -55.02
N ASP J 351 -45.42 -34.99 -53.94
CA ASP J 351 -45.18 -33.55 -54.02
C ASP J 351 -43.84 -33.16 -53.40
N ASN J 352 -43.25 -32.07 -53.89
CA ASN J 352 -42.03 -31.52 -53.33
C ASN J 352 -42.03 -30.00 -53.27
N LYS J 353 -41.28 -29.44 -52.33
CA LYS J 353 -41.22 -28.00 -52.13
C LYS J 353 -40.11 -27.36 -52.95
N TYR J 354 -40.38 -26.13 -53.41
CA TYR J 354 -39.37 -25.28 -54.04
C TYR J 354 -39.61 -23.82 -53.65
N THR J 355 -38.56 -23.01 -53.80
CA THR J 355 -38.62 -21.58 -53.48
C THR J 355 -37.55 -20.72 -54.19
N PRO J 356 -37.24 -21.05 -55.48
CA PRO J 356 -36.11 -20.41 -56.17
C PRO J 356 -36.34 -18.95 -56.58
N ASP J 357 -37.59 -18.48 -56.43
CA ASP J 357 -37.93 -17.09 -56.73
C ASP J 357 -38.17 -16.32 -55.44
N ASP J 358 -38.91 -16.94 -54.51
CA ASP J 358 -39.21 -16.34 -53.22
C ASP J 358 -37.98 -16.33 -52.30
N SER J 359 -37.37 -15.16 -52.17
CA SER J 359 -36.20 -14.97 -51.31
C SER J 359 -36.59 -14.28 -50.01
N THR J 360 -37.11 -13.06 -50.12
CA THR J 360 -37.58 -12.28 -48.97
C THR J 360 -38.94 -11.65 -49.21
N GLY J 361 -38.96 -10.43 -49.74
CA GLY J 361 -40.20 -9.69 -50.00
C GLY J 361 -39.95 -8.24 -50.35
N GLY J 362 -40.20 -7.33 -49.40
CA GLY J 362 -40.67 -7.68 -48.06
C GLY J 362 -40.24 -6.70 -46.99
N LEU J 363 -39.01 -6.18 -47.12
CA LEU J 363 -38.41 -5.21 -46.19
C LEU J 363 -38.21 -5.68 -44.74
N THR J 364 -38.59 -6.94 -44.46
CA THR J 364 -38.27 -7.59 -43.19
C THR J 364 -36.78 -7.98 -43.22
N THR J 365 -36.00 -7.16 -43.93
CA THR J 365 -34.59 -7.42 -44.15
C THR J 365 -33.69 -6.86 -43.03
N ASN J 366 -34.28 -6.67 -41.84
CA ASN J 366 -33.51 -6.39 -40.64
C ASN J 366 -32.78 -7.65 -40.13
N ALA J 367 -32.43 -8.52 -41.07
CA ALA J 367 -31.83 -9.81 -40.79
C ALA J 367 -30.60 -10.04 -41.67
N PRO J 368 -29.67 -10.90 -41.22
CA PRO J 368 -28.47 -11.28 -41.97
C PRO J 368 -28.77 -11.96 -43.32
N PRO J 369 -27.77 -12.00 -44.23
CA PRO J 369 -27.92 -12.59 -45.56
C PRO J 369 -28.45 -14.03 -45.58
N GLN J 370 -28.94 -14.45 -46.74
CA GLN J 370 -29.64 -15.71 -46.89
C GLN J 370 -28.69 -16.90 -46.92
N GLY J 371 -27.83 -16.95 -47.94
CA GLY J 371 -26.94 -18.08 -48.14
C GLY J 371 -25.61 -17.93 -47.42
N ARG J 372 -24.55 -18.34 -48.10
CA ARG J 372 -23.20 -18.28 -47.54
C ARG J 372 -22.24 -17.54 -48.49
N ASP J 373 -22.78 -16.59 -49.23
CA ASP J 373 -22.02 -15.75 -50.14
C ASP J 373 -21.24 -14.70 -49.35
N VAL J 374 -19.91 -14.79 -49.42
CA VAL J 374 -19.03 -13.89 -48.67
C VAL J 374 -19.28 -12.39 -48.97
N VAL J 375 -19.65 -12.10 -50.21
CA VAL J 375 -19.92 -10.74 -50.66
C VAL J 375 -21.10 -10.10 -49.92
N GLU J 376 -22.20 -10.86 -49.81
CA GLU J 376 -23.39 -10.39 -49.10
C GLU J 376 -23.12 -10.17 -47.61
N TRP J 377 -22.30 -11.05 -47.04
CA TRP J 377 -21.96 -10.98 -45.61
C TRP J 377 -21.00 -9.84 -45.27
N LEU J 378 -20.08 -9.53 -46.18
CA LEU J 378 -19.19 -8.39 -46.01
C LEU J 378 -19.96 -7.08 -46.12
N GLY J 379 -20.97 -7.07 -46.99
CA GLY J 379 -21.85 -5.91 -47.13
C GLY J 379 -22.71 -5.71 -45.90
N TRP J 380 -23.21 -6.82 -45.36
CA TRP J 380 -24.02 -6.81 -44.16
C TRP J 380 -23.19 -6.42 -42.94
N PHE J 381 -21.96 -6.89 -42.87
CA PHE J 381 -21.05 -6.56 -41.78
C PHE J 381 -20.71 -5.06 -41.80
N GLU J 382 -20.54 -4.53 -43.01
CA GLU J 382 -20.28 -3.11 -43.22
C GLU J 382 -21.41 -2.23 -42.70
N ASP J 383 -22.62 -2.79 -42.69
CA ASP J 383 -23.80 -2.09 -42.17
C ASP J 383 -23.83 -2.04 -40.66
N GLN J 384 -23.03 -2.89 -40.01
CA GLN J 384 -22.97 -2.97 -38.55
C GLN J 384 -21.77 -2.21 -37.97
N ASN J 385 -21.27 -1.22 -38.71
CA ASN J 385 -20.03 -0.50 -38.37
C ASN J 385 -18.83 -1.45 -38.16
N ARG J 386 -18.74 -2.47 -39.03
CA ARG J 386 -17.77 -3.57 -38.91
C ARG J 386 -17.59 -4.12 -37.47
N LYS J 387 -18.67 -4.11 -36.70
CA LYS J 387 -18.64 -4.55 -35.30
C LYS J 387 -19.54 -5.77 -35.13
N PRO J 388 -19.03 -6.83 -34.46
CA PRO J 388 -19.86 -8.00 -34.18
C PRO J 388 -21.10 -7.62 -33.35
N THR J 389 -22.26 -8.13 -33.76
CA THR J 389 -23.54 -7.80 -33.11
C THR J 389 -23.79 -8.63 -31.87
N PRO J 390 -24.64 -8.13 -30.94
CA PRO J 390 -25.06 -8.91 -29.77
C PRO J 390 -25.40 -10.36 -30.10
N ASP J 391 -26.04 -10.56 -31.25
CA ASP J 391 -26.43 -11.87 -31.77
C ASP J 391 -25.23 -12.79 -32.02
N MET J 392 -24.21 -12.27 -32.69
CA MET J 392 -22.98 -13.02 -32.96
C MET J 392 -22.24 -13.36 -31.66
N MET J 393 -22.15 -12.36 -30.78
CA MET J 393 -21.53 -12.51 -29.47
C MET J 393 -22.19 -13.62 -28.68
N GLN J 394 -23.52 -13.58 -28.64
CA GLN J 394 -24.31 -14.60 -27.97
C GLN J 394 -24.09 -15.97 -28.63
N TYR J 395 -24.12 -16.00 -29.96
CA TYR J 395 -23.93 -17.24 -30.70
C TYR J 395 -22.62 -17.93 -30.29
N ALA J 396 -21.54 -17.15 -30.27
CA ALA J 396 -20.22 -17.63 -29.91
C ALA J 396 -20.13 -18.01 -28.43
N LYS J 397 -20.86 -17.27 -27.59
CA LYS J 397 -20.94 -17.58 -26.16
C LYS J 397 -21.55 -18.96 -25.95
N ARG J 398 -22.65 -19.24 -26.67
CA ARG J 398 -23.31 -20.54 -26.57
C ARG J 398 -22.36 -21.65 -27.02
N ALA J 399 -21.57 -21.36 -28.05
CA ALA J 399 -20.68 -22.34 -28.65
C ALA J 399 -19.57 -22.80 -27.72
N VAL J 400 -19.16 -21.93 -26.79
CA VAL J 400 -18.01 -22.22 -25.92
C VAL J 400 -18.36 -22.50 -24.45
N MET J 401 -19.46 -21.96 -23.96
CA MET J 401 -19.77 -21.95 -22.53
C MET J 401 -19.83 -23.32 -21.85
N SER J 402 -20.12 -24.37 -22.64
CA SER J 402 -20.20 -25.72 -22.12
C SER J 402 -18.85 -26.42 -21.94
N LEU J 403 -17.84 -25.96 -22.69
CA LEU J 403 -16.51 -26.57 -22.69
C LEU J 403 -15.90 -26.67 -21.29
N GLN J 404 -15.22 -27.78 -21.04
CA GLN J 404 -14.72 -28.11 -19.71
C GLN J 404 -13.40 -28.89 -19.81
N GLY J 405 -12.52 -28.70 -18.83
CA GLY J 405 -11.21 -29.34 -18.82
C GLY J 405 -10.28 -28.83 -19.92
N LEU J 406 -10.32 -27.53 -20.17
CA LEU J 406 -9.49 -26.90 -21.21
C LEU J 406 -8.05 -26.69 -20.74
N ARG J 407 -7.10 -26.98 -21.62
CA ARG J 407 -5.68 -26.88 -21.30
C ARG J 407 -5.12 -25.50 -21.63
N GLU J 408 -4.04 -25.12 -20.96
CA GLU J 408 -3.32 -23.86 -21.23
C GLU J 408 -2.91 -23.77 -22.70
N LYS J 409 -2.97 -22.56 -23.26
CA LYS J 409 -2.45 -22.27 -24.59
C LYS J 409 -3.10 -23.12 -25.72
N THR J 410 -4.39 -23.39 -25.57
CA THR J 410 -5.15 -24.05 -26.64
C THR J 410 -6.19 -23.10 -27.20
N ILE J 411 -6.67 -23.40 -28.40
CA ILE J 411 -7.74 -22.64 -29.05
C ILE J 411 -9.03 -22.70 -28.24
N GLY J 412 -9.29 -23.85 -27.61
CA GLY J 412 -10.40 -24.02 -26.69
C GLY J 412 -10.31 -23.05 -25.52
N LYS J 413 -9.14 -23.05 -24.87
CA LYS J 413 -8.89 -22.14 -23.74
C LYS J 413 -9.03 -20.68 -24.16
N TYR J 414 -8.64 -20.39 -25.40
CA TYR J 414 -8.72 -19.03 -25.95
C TYR J 414 -10.17 -18.62 -26.14
N ALA J 415 -10.91 -19.44 -26.88
CA ALA J 415 -12.29 -19.12 -27.28
C ALA J 415 -13.18 -18.86 -26.08
N LYS J 416 -13.06 -19.72 -25.07
CA LYS J 416 -13.87 -19.59 -23.85
C LYS J 416 -13.56 -18.30 -23.13
N SER J 417 -12.27 -17.98 -23.05
CA SER J 417 -11.81 -16.77 -22.37
C SER J 417 -12.32 -15.52 -23.07
N GLU J 418 -12.57 -15.66 -24.37
CA GLU J 418 -12.93 -14.54 -25.24
C GLU J 418 -14.44 -14.27 -25.24
N PHE J 419 -15.23 -15.33 -25.37
CA PHE J 419 -16.66 -15.17 -25.61
C PHE J 419 -17.55 -15.43 -24.39
N ASP J 420 -17.02 -16.14 -23.39
CA ASP J 420 -17.82 -16.48 -22.22
C ASP J 420 -17.38 -15.75 -20.96
N LYS J 421 -17.86 -14.53 -20.80
CA LYS J 421 -17.58 -13.71 -19.61
C LYS J 421 -18.64 -12.63 -19.38
#